data_6Q0R
#
_entry.id   6Q0R
#
_cell.length_a   81.108
_cell.length_b   93.6
_cell.length_c   258.439
_cell.angle_alpha   90
_cell.angle_beta   90
_cell.angle_gamma   90
#
_symmetry.space_group_name_H-M   'P 21 21 21'
#
loop_
_entity.id
_entity.type
_entity.pdbx_description
1 polymer 'DNA damage-binding protein 1'
2 polymer 'DDB1- and CUL4-associated factor 15'
3 polymer 'DDB1- and CUL4-associated factor 15'
4 polymer 'RNA-binding protein 39'
5 polymer 'DET1- and DDB1-associated protein 1'
6 non-polymer 'OXAMIC ACID'
7 non-polymer 3-cyano-N-(3-cyano-4-methyl-1H-indol-7-yl)benzene-1-sulfonamide
8 non-polymer 'ZINC ION'
9 water water
#
loop_
_entity_poly.entity_id
_entity_poly.type
_entity_poly.pdbx_seq_one_letter_code
_entity_poly.pdbx_strand_id
1 'polypeptide(L)'
;MGSSHHHHHHSAAHIVMVDAYKPTKGGRMSYNYVVTAQKPTAVNGCVTGHFTSAEDLNLLIAKNTRLEIYVVTAEGLRPV
KEVGMYGKIAVMELFRPKGESKDLLFILTAKYNACILEYKQSGESIDIITRAHGNVQDRIGRPSETGIIGIIDPECRMIG
LRLYDGLFKVIPLDRDNKELKAFNIRLEELHVIDVKFLYGCQAPTICFVYQDPQGRHVKTYEVSLREKEFNKGPWKQENV
EAEASMVIAVPEPFGGAIIIGQESITYHNGDKYLAIAPPIIKQSTIVCHNRVDPNGSRYLLGDMEGRLFMLLLEKEEQMD
GTVTLKDLRVELLGETSIAECLTYLDNGVVFVGSRLGDSQLVKLNVDSNEQGSYVVAMETFTNLGPIVDMCVVDLERQGQ
GQLVTCSGAFKEGSLRIIRNGIGGNGNSGEIQKLHIRTVPLYESPRKICYQEVSQCFGVLSSRIEVQDTSGGTTALRPSA
STQALSSSVSSSKLFSSSTAPHETSFGEEVEVHNLLIIDQHTFEVLHAHQFLQNEYALSLVSCKLGKDPNTYFIVGTAMV
YPEEAEPKQGRIVVFQYSDGKLQTVAEKEVKGAVYSMVEFNGKLLASINSTVRLYEWTTEKELRTECNHYNNIMALYLKT
KGDFILVGDLMRSVLLLAYKPMEGNFEEIARDFNPNWMSAVEILDDDNFLGAENAFNLFVCQKDSAATTDEERQHLQEVG
LFHLGEFVNVFCHGSLVMQNLGETSTPTQGSVLFGTVNGMIGLVTSLSESWYNLLLDMQNRLNKVIKSVGKIEHSFWRSF
HTERKTEPATGFIDGDLIESFLDISRPKMQEVVANLQYDDGSGMKREATADDLIKVVEELTRIH
;
A
2 'polypeptide(L)'
;MDWSHPQFEKSAVGLNDIFEAQKIEWHEGGGGSGENLYFQGGGRMGRRREHVLKQLERVKISGQLSPRLFRKLPPRVCVS
LKNIVDEDFLYAGHIFLGFSKCGRYVLSYTSSSGDDDFSFYIYHLYWWEFNVHSKLKLVRQVRLFQDEEIYSDLYLTVCE
WPSDASKVIVFGFNTRSANGMLMNMMMMSDENHRDIYVSTVAVPPPGRCAACQDASRAHPGDPNAQCLRHGFMLHTKYQV
VYPFPTFQPAFQLKKDQVVLLNTSYSLVACAVSVHS
;
B
3 'polypeptide(L)'
;MDWSHPQFEKSAVGLNDIFEAQKIEWHEGGGGSGENLYFQGGGRMEPGYVNYTKLYYVLESGEGTEPEDELEDDKISLPF
VVTDLRGRNLRPMRERTAVQGQYLTVEQLTLDFEYVINEVIRHDATWGHQFCSFSDYDIVILEVCPETNQVLINIGLLLL
AFPSPTEEGQLRPKTYHTSLKVAWDLNTGIFETVSVGDLTEVKGQTSGSVWSSYRKSCVDMVMKWLVPESSGRYVNRMTN
EALHKGCSLKVLADSERYTWIVL
;
C
4 'polypeptide(L)'
;MGSSHHHHHHSAVDENLYFQGGGRMRLYVGSLHFNITEDMLRGIFEPFGRIESIQLMMDSETGRSKGYGFITFSDSECAK
KALEQLNGFELAGRPMKVGHVTERTDA
;
D
5 'polypeptide(L)'
;MGSSHHHHHHSAVDENLYFQGGGRMADFLKGLPVYNKSNFSRFHADSVCKASNRRPSVYLPTREYPSEQIIVTEKTNILL
RYLHQQWDKKNAAKKRDQEQVELEGESSAPPRKVARTDSPDMHEDT
;
E
#
loop_
_chem_comp.id
_chem_comp.type
_chem_comp.name
_chem_comp.formula
O6M non-polymer 3-cyano-N-(3-cyano-4-methyl-1H-indol-7-yl)benzene-1-sulfonamide 'C17 H12 N4 O2 S'
OXM non-polymer 'OXAMIC ACID' 'C2 H3 N O3'
ZN non-polymer 'ZINC ION' 'Zn 2'
#
# COMPACT_ATOMS: atom_id res chain seq x y z
N MET A 29 3.53 7.71 30.23
CA MET A 29 2.61 7.02 29.32
C MET A 29 1.42 7.93 28.91
N SER A 30 0.95 7.78 27.64
CA SER A 30 -0.14 8.59 27.08
C SER A 30 -1.40 7.78 26.88
N TYR A 31 -2.51 8.33 27.38
CA TYR A 31 -3.82 7.71 27.25
C TYR A 31 -4.76 8.65 26.52
N ASN A 32 -5.33 8.19 25.42
CA ASN A 32 -6.21 9.03 24.61
C ASN A 32 -7.59 8.42 24.34
N TYR A 33 -8.55 9.29 24.06
CA TYR A 33 -9.93 8.96 23.79
C TYR A 33 -10.29 9.64 22.48
N VAL A 34 -10.79 8.84 21.53
CA VAL A 34 -11.21 9.32 20.21
C VAL A 34 -12.71 9.06 20.05
N VAL A 35 -13.45 10.08 19.64
CA VAL A 35 -14.89 10.00 19.44
C VAL A 35 -15.31 10.78 18.20
N THR A 36 -16.42 10.37 17.60
CA THR A 36 -16.94 10.97 16.38
C THR A 36 -17.89 12.06 16.73
N ALA A 37 -17.64 13.25 16.17
CA ALA A 37 -18.51 14.43 16.33
C ALA A 37 -19.51 14.41 15.17
N GLN A 38 -18.96 14.18 13.95
CA GLN A 38 -19.72 14.11 12.73
C GLN A 38 -19.27 12.86 11.99
N LYS A 39 -20.20 11.93 11.71
CA LYS A 39 -19.96 10.68 10.97
C LYS A 39 -19.60 11.01 9.51
N PRO A 40 -18.90 10.12 8.76
CA PRO A 40 -18.56 10.46 7.36
C PRO A 40 -19.81 10.79 6.52
N THR A 41 -19.68 11.79 5.65
CA THR A 41 -20.78 12.28 4.82
C THR A 41 -20.57 11.98 3.33
N ALA A 42 -19.30 11.73 2.89
CA ALA A 42 -19.04 11.39 1.48
C ALA A 42 -19.64 10.01 1.15
N VAL A 43 -20.21 9.85 -0.06
CA VAL A 43 -20.78 8.58 -0.50
C VAL A 43 -19.70 7.90 -1.33
N ASN A 44 -19.30 6.70 -0.90
CA ASN A 44 -18.28 5.94 -1.60
C ASN A 44 -18.90 4.92 -2.59
N GLY A 45 -20.13 4.46 -2.29
CA GLY A 45 -20.87 3.51 -3.10
C GLY A 45 -22.35 3.47 -2.80
N CYS A 46 -23.12 3.00 -3.80
CA CYS A 46 -24.57 2.81 -3.73
C CYS A 46 -25.04 1.72 -4.70
N VAL A 47 -25.91 0.84 -4.19
CA VAL A 47 -26.51 -0.24 -4.96
C VAL A 47 -28.01 -0.27 -4.74
N THR A 48 -28.74 -0.77 -5.75
CA THR A 48 -30.19 -0.98 -5.70
C THR A 48 -30.44 -2.50 -5.77
N GLY A 49 -31.60 -2.95 -5.29
CA GLY A 49 -31.99 -4.36 -5.26
C GLY A 49 -33.07 -4.67 -4.24
N HIS A 50 -33.27 -5.98 -3.95
CA HIS A 50 -34.34 -6.43 -3.05
C HIS A 50 -33.78 -7.19 -1.85
N PHE A 51 -33.23 -6.42 -0.92
CA PHE A 51 -32.55 -6.93 0.28
C PHE A 51 -33.42 -7.13 1.51
N THR A 52 -34.31 -6.18 1.80
CA THR A 52 -35.19 -6.23 2.97
C THR A 52 -36.29 -7.28 2.75
N SER A 53 -37.08 -7.14 1.65
CA SER A 53 -38.12 -8.05 1.17
C SER A 53 -37.96 -8.22 -0.36
N ALA A 54 -38.56 -9.30 -0.94
CA ALA A 54 -38.49 -9.55 -2.37
C ALA A 54 -39.21 -8.46 -3.16
N GLU A 55 -40.21 -7.80 -2.51
CA GLU A 55 -41.07 -6.72 -3.03
C GLU A 55 -40.43 -5.34 -2.92
N ASP A 56 -39.70 -5.07 -1.81
CA ASP A 56 -39.06 -3.77 -1.58
C ASP A 56 -37.93 -3.49 -2.51
N LEU A 57 -37.91 -2.27 -3.07
CA LEU A 57 -36.82 -1.81 -3.91
C LEU A 57 -36.03 -1.04 -2.92
N ASN A 58 -34.79 -1.48 -2.69
CA ASN A 58 -33.93 -0.86 -1.71
C ASN A 58 -32.87 -0.03 -2.33
N LEU A 59 -32.39 0.92 -1.55
CA LEU A 59 -31.22 1.73 -1.82
C LEU A 59 -30.27 1.45 -0.66
N LEU A 60 -29.04 1.02 -0.99
CA LEU A 60 -28.00 0.78 -0.01
C LEU A 60 -26.90 1.81 -0.27
N ILE A 61 -26.55 2.59 0.78
CA ILE A 61 -25.49 3.59 0.67
C ILE A 61 -24.29 3.29 1.59
N ALA A 62 -23.08 3.38 1.03
CA ALA A 62 -21.86 3.17 1.79
C ALA A 62 -21.18 4.49 1.98
N LYS A 63 -21.02 4.88 3.25
CA LYS A 63 -20.37 6.11 3.69
C LYS A 63 -19.21 5.68 4.59
N ASN A 64 -18.12 5.23 3.96
CA ASN A 64 -16.93 4.67 4.59
C ASN A 64 -17.26 3.36 5.31
N THR A 65 -17.39 3.44 6.63
CA THR A 65 -17.69 2.30 7.49
C THR A 65 -19.20 2.08 7.63
N ARG A 66 -19.98 3.15 7.34
CA ARG A 66 -21.44 3.19 7.49
C ARG A 66 -22.24 2.64 6.28
N LEU A 67 -23.22 1.76 6.55
CA LEU A 67 -24.12 1.19 5.55
C LEU A 67 -25.53 1.64 5.87
N GLU A 68 -26.11 2.44 4.98
CA GLU A 68 -27.47 2.97 5.12
C GLU A 68 -28.42 2.17 4.24
N ILE A 69 -29.50 1.62 4.85
CA ILE A 69 -30.51 0.81 4.16
C ILE A 69 -31.80 1.63 4.05
N TYR A 70 -32.33 1.77 2.82
CA TYR A 70 -33.59 2.50 2.55
C TYR A 70 -34.60 1.64 1.76
N VAL A 71 -35.89 1.99 1.85
CA VAL A 71 -36.96 1.37 1.06
C VAL A 71 -37.50 2.47 0.16
N VAL A 72 -37.52 2.23 -1.15
CA VAL A 72 -38.03 3.22 -2.09
C VAL A 72 -39.56 3.18 -1.97
N THR A 73 -40.14 4.18 -1.27
CA THR A 73 -41.58 4.30 -1.02
C THR A 73 -42.13 5.52 -1.77
N ALA A 74 -43.48 5.68 -1.81
CA ALA A 74 -44.22 6.79 -2.42
C ALA A 74 -43.67 8.20 -2.06
N GLU A 75 -43.20 8.34 -0.81
CA GLU A 75 -42.63 9.56 -0.24
C GLU A 75 -41.16 9.78 -0.57
N GLY A 76 -40.50 8.74 -1.06
CA GLY A 76 -39.09 8.81 -1.44
C GLY A 76 -38.26 7.67 -0.92
N LEU A 77 -37.33 7.97 -0.03
CA LEU A 77 -36.48 6.96 0.59
C LEU A 77 -36.91 6.90 2.04
N ARG A 78 -37.48 5.77 2.45
CA ARG A 78 -37.86 5.52 3.82
C ARG A 78 -36.64 4.83 4.50
N PRO A 79 -35.94 5.47 5.47
CA PRO A 79 -34.81 4.78 6.13
C PRO A 79 -35.28 3.55 6.90
N VAL A 80 -34.49 2.48 6.83
CA VAL A 80 -34.79 1.20 7.49
C VAL A 80 -33.88 1.02 8.70
N LYS A 81 -32.58 1.10 8.45
CA LYS A 81 -31.52 0.96 9.46
C LYS A 81 -30.17 1.36 8.92
N GLU A 82 -29.39 2.01 9.76
CA GLU A 82 -28.01 2.36 9.47
C GLU A 82 -27.10 1.51 10.34
N VAL A 83 -26.24 0.72 9.71
CA VAL A 83 -25.33 -0.15 10.45
C VAL A 83 -23.88 0.27 10.23
N GLY A 84 -23.16 0.37 11.34
CA GLY A 84 -21.75 0.68 11.33
C GLY A 84 -20.98 -0.62 11.27
N MET A 85 -20.20 -0.81 10.21
CA MET A 85 -19.38 -2.01 10.06
C MET A 85 -18.05 -1.72 10.71
N TYR A 86 -17.44 -2.75 11.32
CA TYR A 86 -16.11 -2.59 11.89
C TYR A 86 -15.08 -2.74 10.76
N GLY A 87 -15.19 -1.87 9.75
CA GLY A 87 -14.30 -1.86 8.59
C GLY A 87 -14.73 -0.85 7.54
N LYS A 88 -13.78 -0.40 6.68
CA LYS A 88 -14.08 0.55 5.60
C LYS A 88 -14.72 -0.29 4.47
N ILE A 89 -15.99 -0.03 4.11
CA ILE A 89 -16.68 -0.82 3.07
C ILE A 89 -16.01 -0.63 1.64
N ALA A 90 -15.32 -1.70 1.13
CA ALA A 90 -14.61 -1.69 -0.15
C ALA A 90 -15.40 -2.30 -1.29
N VAL A 91 -16.22 -3.30 -0.98
CA VAL A 91 -17.07 -3.99 -1.95
C VAL A 91 -18.43 -4.08 -1.30
N MET A 92 -19.46 -3.70 -2.05
CA MET A 92 -20.84 -3.75 -1.58
C MET A 92 -21.67 -4.15 -2.79
N GLU A 93 -22.05 -5.46 -2.86
CA GLU A 93 -22.81 -6.03 -3.97
C GLU A 93 -23.96 -6.92 -3.55
N LEU A 94 -25.14 -6.67 -4.16
CA LEU A 94 -26.31 -7.49 -3.89
C LEU A 94 -26.35 -8.65 -4.88
N PHE A 95 -26.66 -9.85 -4.41
CA PHE A 95 -26.71 -11.01 -5.29
C PHE A 95 -27.79 -12.00 -4.85
N ARG A 96 -28.38 -12.75 -5.78
CA ARG A 96 -29.38 -13.71 -5.36
C ARG A 96 -29.07 -15.12 -5.87
N PRO A 97 -28.45 -15.96 -5.00
CA PRO A 97 -28.21 -17.36 -5.41
C PRO A 97 -29.54 -18.09 -5.45
N LYS A 98 -29.72 -19.15 -6.29
CA LYS A 98 -31.01 -19.86 -6.40
C LYS A 98 -31.44 -20.46 -5.05
N GLY A 99 -32.74 -20.40 -4.78
CA GLY A 99 -33.30 -20.85 -3.51
C GLY A 99 -33.58 -19.70 -2.55
N GLU A 100 -32.93 -18.53 -2.77
CA GLU A 100 -33.15 -17.33 -1.96
C GLU A 100 -34.39 -16.60 -2.44
N SER A 101 -35.24 -16.21 -1.48
CA SER A 101 -36.48 -15.47 -1.70
C SER A 101 -36.17 -13.96 -1.82
N LYS A 102 -35.00 -13.50 -1.29
CA LYS A 102 -34.50 -12.11 -1.29
C LYS A 102 -33.02 -12.09 -1.64
N ASP A 103 -32.49 -10.90 -2.05
CA ASP A 103 -31.09 -10.69 -2.37
C ASP A 103 -30.30 -10.75 -1.08
N LEU A 104 -29.09 -11.32 -1.16
CA LEU A 104 -28.13 -11.37 -0.07
C LEU A 104 -27.12 -10.27 -0.35
N LEU A 105 -26.42 -9.81 0.67
CA LEU A 105 -25.41 -8.76 0.50
C LEU A 105 -23.98 -9.26 0.70
N PHE A 106 -23.11 -8.97 -0.26
CA PHE A 106 -21.70 -9.29 -0.09
C PHE A 106 -20.95 -8.01 0.28
N ILE A 107 -20.16 -8.08 1.36
CA ILE A 107 -19.34 -6.96 1.78
C ILE A 107 -17.89 -7.42 2.00
N LEU A 108 -16.95 -6.62 1.48
CA LEU A 108 -15.53 -6.78 1.69
C LEU A 108 -15.01 -5.45 2.25
N THR A 109 -14.28 -5.52 3.35
CA THR A 109 -13.72 -4.32 3.97
C THR A 109 -12.33 -4.07 3.43
N ALA A 110 -11.77 -2.88 3.68
CA ALA A 110 -10.41 -2.50 3.32
C ALA A 110 -9.36 -3.41 3.97
N LYS A 111 -9.70 -4.03 5.14
CA LYS A 111 -8.87 -4.97 5.90
C LYS A 111 -9.12 -6.44 5.45
N TYR A 112 -9.85 -6.61 4.32
CA TYR A 112 -10.13 -7.88 3.67
C TYR A 112 -11.05 -8.82 4.47
N ASN A 113 -12.00 -8.24 5.21
CA ASN A 113 -13.00 -9.04 5.90
C ASN A 113 -14.14 -9.25 4.91
N ALA A 114 -14.44 -10.51 4.58
CA ALA A 114 -15.51 -10.85 3.63
C ALA A 114 -16.69 -11.41 4.35
N CYS A 115 -17.91 -11.00 3.96
CA CYS A 115 -19.13 -11.50 4.57
C CYS A 115 -20.32 -11.52 3.61
N ILE A 116 -21.23 -12.49 3.80
CA ILE A 116 -22.50 -12.60 3.06
C ILE A 116 -23.57 -12.38 4.13
N LEU A 117 -24.35 -11.29 3.97
CA LEU A 117 -25.35 -10.88 4.96
C LEU A 117 -26.77 -11.05 4.47
N GLU A 118 -27.66 -11.48 5.39
CA GLU A 118 -29.10 -11.69 5.13
C GLU A 118 -29.95 -10.83 6.08
N TYR A 119 -30.91 -10.09 5.51
CA TYR A 119 -31.81 -9.24 6.29
C TYR A 119 -32.98 -10.10 6.78
N LYS A 120 -33.25 -10.06 8.10
CA LYS A 120 -34.34 -10.81 8.69
C LYS A 120 -35.24 -9.94 9.55
N GLN A 121 -36.52 -9.95 9.26
CA GLN A 121 -37.50 -9.19 10.00
C GLN A 121 -38.60 -10.11 10.50
N SER A 122 -38.85 -10.07 11.81
CA SER A 122 -39.89 -10.86 12.48
C SER A 122 -40.77 -9.85 13.25
N GLY A 123 -41.85 -9.39 12.57
CA GLY A 123 -42.76 -8.38 13.08
C GLY A 123 -42.07 -7.02 13.16
N GLU A 124 -41.76 -6.61 14.40
CA GLU A 124 -41.10 -5.33 14.68
C GLU A 124 -39.59 -5.55 14.90
N SER A 125 -39.15 -6.83 15.00
CA SER A 125 -37.73 -7.17 15.23
C SER A 125 -36.94 -7.27 13.91
N ILE A 126 -35.80 -6.56 13.83
CA ILE A 126 -34.91 -6.51 12.66
C ILE A 126 -33.53 -7.02 13.02
N ASP A 127 -33.02 -8.00 12.25
CA ASP A 127 -31.70 -8.61 12.42
C ASP A 127 -30.95 -8.81 11.10
N ILE A 128 -29.65 -8.48 11.08
CA ILE A 128 -28.76 -8.70 9.93
C ILE A 128 -27.91 -9.94 10.25
N ILE A 129 -28.25 -11.07 9.63
CA ILE A 129 -27.62 -12.38 9.81
C ILE A 129 -26.33 -12.50 8.97
N THR A 130 -25.26 -13.02 9.60
CA THR A 130 -24.01 -13.32 8.90
C THR A 130 -24.10 -14.77 8.42
N ARG A 131 -24.36 -14.94 7.11
CA ARG A 131 -24.50 -16.25 6.47
C ARG A 131 -23.14 -16.94 6.36
N ALA A 132 -22.09 -16.18 5.99
CA ALA A 132 -20.70 -16.64 5.86
C ALA A 132 -19.76 -15.45 6.00
N HIS A 133 -18.58 -15.68 6.60
CA HIS A 133 -17.59 -14.66 6.86
C HIS A 133 -16.19 -15.25 7.00
N GLY A 134 -15.21 -14.39 6.75
CA GLY A 134 -13.80 -14.75 6.89
C GLY A 134 -12.90 -13.72 6.27
N ASN A 135 -11.61 -13.75 6.63
CA ASN A 135 -10.62 -12.83 6.07
C ASN A 135 -10.01 -13.43 4.81
N VAL A 136 -10.00 -12.65 3.72
CA VAL A 136 -9.52 -13.18 2.43
C VAL A 136 -8.21 -12.52 2.01
N GLN A 137 -7.45 -12.00 3.00
CA GLN A 137 -6.16 -11.37 2.80
C GLN A 137 -5.15 -12.43 2.45
N ASP A 138 -4.12 -12.05 1.69
CA ASP A 138 -2.97 -12.87 1.35
C ASP A 138 -1.68 -12.20 1.92
N ARG A 139 -0.78 -12.99 2.52
CA ARG A 139 0.43 -12.39 3.07
C ARG A 139 1.31 -11.89 1.90
N ILE A 140 1.36 -12.69 0.82
CA ILE A 140 2.01 -12.35 -0.45
C ILE A 140 1.05 -11.43 -1.20
N GLY A 141 1.49 -10.89 -2.31
CA GLY A 141 0.62 -10.02 -3.10
C GLY A 141 0.59 -8.58 -2.59
N ARG A 142 0.77 -7.67 -3.57
CA ARG A 142 0.83 -6.25 -3.31
C ARG A 142 -0.45 -5.61 -3.80
N PRO A 143 -1.08 -4.78 -2.95
CA PRO A 143 -2.34 -4.12 -3.34
C PRO A 143 -2.25 -3.45 -4.71
N SER A 144 -3.28 -3.64 -5.54
CA SER A 144 -3.31 -3.11 -6.90
C SER A 144 -3.53 -1.61 -6.95
N GLU A 145 -2.96 -0.98 -8.00
CA GLU A 145 -3.04 0.45 -8.27
C GLU A 145 -4.51 0.93 -8.33
N THR A 146 -5.38 0.27 -9.12
CA THR A 146 -6.79 0.68 -9.23
C THR A 146 -7.69 0.08 -8.11
N GLY A 147 -7.03 -0.42 -7.05
CA GLY A 147 -7.67 -0.91 -5.83
C GLY A 147 -8.44 -2.20 -5.87
N ILE A 148 -9.10 -2.52 -4.72
CA ILE A 148 -9.92 -3.70 -4.54
C ILE A 148 -11.10 -3.61 -5.49
N ILE A 149 -11.33 -4.68 -6.27
CA ILE A 149 -12.44 -4.87 -7.19
C ILE A 149 -13.12 -6.18 -6.78
N GLY A 150 -14.44 -6.12 -6.62
CA GLY A 150 -15.25 -7.26 -6.22
C GLY A 150 -16.46 -7.42 -7.12
N ILE A 151 -16.51 -8.55 -7.82
CA ILE A 151 -17.52 -8.88 -8.81
C ILE A 151 -18.22 -10.23 -8.52
N ILE A 152 -19.52 -10.29 -8.83
CA ILE A 152 -20.26 -11.53 -8.60
C ILE A 152 -20.80 -12.05 -9.94
N ASP A 153 -20.65 -13.35 -10.20
CA ASP A 153 -21.08 -13.98 -11.43
C ASP A 153 -22.61 -13.87 -11.60
N PRO A 154 -23.17 -13.52 -12.81
CA PRO A 154 -24.63 -13.39 -12.95
C PRO A 154 -25.45 -14.61 -12.49
N GLU A 155 -24.90 -15.82 -12.68
CA GLU A 155 -25.50 -17.10 -12.29
C GLU A 155 -25.11 -17.53 -10.87
N CYS A 156 -24.58 -16.57 -10.06
CA CYS A 156 -24.12 -16.70 -8.66
C CYS A 156 -23.32 -17.98 -8.41
N ARG A 157 -22.45 -18.32 -9.39
CA ARG A 157 -21.64 -19.51 -9.35
C ARG A 157 -20.44 -19.27 -8.46
N MET A 158 -20.01 -18.00 -8.34
CA MET A 158 -18.83 -17.58 -7.58
C MET A 158 -18.73 -16.06 -7.33
N ILE A 159 -17.77 -15.66 -6.50
CA ILE A 159 -17.41 -14.26 -6.25
C ILE A 159 -16.00 -14.15 -6.77
N GLY A 160 -15.74 -13.10 -7.55
CA GLY A 160 -14.42 -12.78 -8.06
C GLY A 160 -13.84 -11.57 -7.34
N LEU A 161 -12.57 -11.65 -6.92
CA LEU A 161 -11.93 -10.55 -6.25
C LEU A 161 -10.58 -10.26 -6.85
N ARG A 162 -10.34 -8.98 -7.19
CA ARG A 162 -9.05 -8.54 -7.66
C ARG A 162 -8.52 -7.70 -6.50
N LEU A 163 -7.62 -8.31 -5.71
CA LEU A 163 -7.08 -7.63 -4.54
C LEU A 163 -5.64 -7.22 -4.76
N TYR A 164 -4.87 -8.09 -5.44
CA TYR A 164 -3.43 -7.92 -5.64
C TYR A 164 -3.03 -8.14 -7.10
N ASP A 165 -1.91 -7.59 -7.48
CA ASP A 165 -1.40 -7.73 -8.83
C ASP A 165 -0.90 -9.19 -9.03
N GLY A 166 -1.23 -9.80 -10.16
CA GLY A 166 -0.80 -11.16 -10.49
C GLY A 166 -1.76 -12.23 -10.04
N LEU A 167 -2.66 -11.93 -9.07
CA LEU A 167 -3.64 -12.89 -8.55
C LEU A 167 -5.11 -12.49 -8.67
N PHE A 168 -5.98 -13.48 -9.03
CA PHE A 168 -7.43 -13.38 -9.07
C PHE A 168 -8.02 -14.37 -8.01
N LYS A 169 -8.72 -13.86 -6.99
CA LYS A 169 -9.29 -14.71 -5.94
C LYS A 169 -10.69 -15.10 -6.29
N VAL A 170 -11.02 -16.39 -6.13
CA VAL A 170 -12.37 -16.86 -6.41
C VAL A 170 -12.95 -17.55 -5.18
N ILE A 171 -14.11 -17.06 -4.70
CA ILE A 171 -14.85 -17.64 -3.58
C ILE A 171 -15.98 -18.44 -4.22
N PRO A 172 -15.92 -19.79 -4.22
CA PRO A 172 -17.01 -20.57 -4.83
C PRO A 172 -18.31 -20.40 -4.06
N LEU A 173 -19.44 -20.16 -4.75
CA LEU A 173 -20.70 -19.99 -4.05
C LEU A 173 -21.47 -21.30 -3.98
N ASP A 174 -21.10 -22.16 -3.02
CA ASP A 174 -21.74 -23.45 -2.78
C ASP A 174 -22.49 -23.33 -1.44
N ARG A 175 -23.77 -23.75 -1.40
CA ARG A 175 -24.54 -23.60 -0.16
C ARG A 175 -24.51 -24.87 0.71
N ASP A 176 -24.24 -26.03 0.09
CA ASP A 176 -24.19 -27.30 0.79
C ASP A 176 -22.79 -27.72 1.25
N ASN A 177 -22.04 -26.78 1.88
CA ASN A 177 -20.72 -27.07 2.46
C ASN A 177 -20.37 -26.14 3.62
N LYS A 178 -19.80 -26.72 4.71
CA LYS A 178 -19.36 -26.06 5.96
C LYS A 178 -18.52 -24.80 5.73
N GLU A 179 -17.64 -24.83 4.71
CA GLU A 179 -16.74 -23.73 4.39
C GLU A 179 -16.64 -23.41 2.90
N LEU A 180 -16.57 -22.12 2.59
CA LEU A 180 -16.39 -21.62 1.25
C LEU A 180 -14.87 -21.50 1.03
N LYS A 181 -14.23 -22.60 0.52
CA LYS A 181 -12.78 -22.64 0.30
C LYS A 181 -12.39 -21.80 -0.95
N ALA A 182 -11.95 -20.57 -0.70
CA ALA A 182 -11.52 -19.60 -1.70
C ALA A 182 -10.13 -19.94 -2.20
N PHE A 183 -9.86 -19.70 -3.48
CA PHE A 183 -8.54 -19.99 -4.06
C PHE A 183 -8.07 -18.87 -4.99
N ASN A 184 -6.74 -18.81 -5.25
CA ASN A 184 -6.16 -17.82 -6.15
C ASN A 184 -5.82 -18.47 -7.48
N ILE A 185 -6.03 -17.75 -8.59
CA ILE A 185 -5.64 -18.12 -9.95
C ILE A 185 -4.61 -17.08 -10.41
N ARG A 186 -3.50 -17.53 -11.01
CA ARG A 186 -2.45 -16.60 -11.48
C ARG A 186 -2.99 -15.86 -12.69
N LEU A 187 -2.71 -14.57 -12.74
CA LEU A 187 -3.10 -13.69 -13.83
C LEU A 187 -1.79 -13.20 -14.43
N GLU A 188 -1.52 -13.49 -15.73
CA GLU A 188 -0.26 -13.01 -16.38
C GLU A 188 -0.27 -11.48 -16.47
N GLU A 189 -1.47 -10.91 -16.58
CA GLU A 189 -1.67 -9.49 -16.72
C GLU A 189 -1.59 -8.89 -15.33
N LEU A 190 -0.41 -8.37 -14.96
CA LEU A 190 -0.18 -7.86 -13.60
C LEU A 190 -0.81 -6.51 -13.37
N HIS A 191 -1.13 -5.78 -14.42
CA HIS A 191 -1.76 -4.48 -14.26
C HIS A 191 -3.18 -4.47 -14.81
N VAL A 192 -4.18 -4.85 -14.01
CA VAL A 192 -5.54 -4.80 -14.56
C VAL A 192 -6.20 -3.51 -14.07
N ILE A 193 -6.86 -2.82 -14.99
CA ILE A 193 -7.51 -1.53 -14.79
C ILE A 193 -8.92 -1.74 -14.20
N ASP A 194 -9.76 -2.61 -14.84
CA ASP A 194 -11.09 -2.97 -14.36
C ASP A 194 -11.41 -4.35 -14.92
N VAL A 195 -12.28 -5.10 -14.21
CA VAL A 195 -12.75 -6.45 -14.57
C VAL A 195 -14.24 -6.59 -14.14
N LYS A 196 -15.00 -7.44 -14.85
CA LYS A 196 -16.40 -7.76 -14.60
C LYS A 196 -16.71 -9.16 -15.13
N PHE A 197 -17.77 -9.80 -14.60
CA PHE A 197 -18.17 -11.12 -15.09
C PHE A 197 -19.19 -10.85 -16.21
N LEU A 198 -19.07 -11.59 -17.32
CA LEU A 198 -19.95 -11.44 -18.46
C LEU A 198 -21.21 -12.22 -18.26
N TYR A 199 -22.26 -11.74 -18.92
CA TYR A 199 -23.60 -12.29 -18.98
C TYR A 199 -23.72 -13.28 -20.18
N GLY A 200 -24.69 -14.17 -20.07
CA GLY A 200 -24.99 -15.15 -21.11
C GLY A 200 -23.86 -16.10 -21.45
N CYS A 201 -23.09 -16.51 -20.45
CA CYS A 201 -21.96 -17.42 -20.60
C CYS A 201 -22.23 -18.77 -19.97
N GLN A 202 -22.00 -19.89 -20.73
CA GLN A 202 -22.12 -21.25 -20.20
C GLN A 202 -21.08 -21.51 -19.10
N ALA A 203 -19.90 -20.89 -19.26
CA ALA A 203 -18.83 -20.95 -18.29
C ALA A 203 -18.66 -19.53 -17.68
N PRO A 204 -18.47 -19.41 -16.33
CA PRO A 204 -18.23 -18.08 -15.74
C PRO A 204 -17.05 -17.44 -16.47
N THR A 205 -17.23 -16.20 -16.94
CA THR A 205 -16.20 -15.56 -17.74
C THR A 205 -15.98 -14.18 -17.29
N ILE A 206 -14.69 -13.80 -17.06
CA ILE A 206 -14.27 -12.45 -16.67
C ILE A 206 -13.80 -11.70 -17.88
N CYS A 207 -14.07 -10.40 -17.91
CA CYS A 207 -13.69 -9.53 -19.01
C CYS A 207 -13.00 -8.38 -18.40
N PHE A 208 -11.74 -8.15 -18.80
CA PHE A 208 -10.93 -7.11 -18.17
C PHE A 208 -10.04 -6.30 -19.11
N VAL A 209 -9.73 -5.06 -18.67
CA VAL A 209 -8.83 -4.13 -19.37
C VAL A 209 -7.56 -4.19 -18.57
N TYR A 210 -6.44 -4.39 -19.26
CA TYR A 210 -5.13 -4.44 -18.63
C TYR A 210 -4.13 -3.59 -19.40
N GLN A 211 -3.06 -3.19 -18.70
CA GLN A 211 -1.99 -2.39 -19.28
C GLN A 211 -0.68 -3.12 -19.26
N ASP A 212 0.07 -2.99 -20.37
CA ASP A 212 1.39 -3.53 -20.56
C ASP A 212 2.22 -2.54 -21.39
N PRO A 213 3.56 -2.71 -21.62
CA PRO A 213 4.31 -1.74 -22.43
C PRO A 213 3.82 -1.53 -23.87
N GLN A 214 2.91 -2.35 -24.35
CA GLN A 214 2.36 -2.17 -25.70
C GLN A 214 1.00 -1.39 -25.66
N GLY A 215 0.59 -0.99 -24.45
CA GLY A 215 -0.65 -0.23 -24.26
C GLY A 215 -1.73 -0.92 -23.46
N ARG A 216 -3.01 -0.53 -23.71
CA ARG A 216 -4.17 -1.13 -23.04
C ARG A 216 -4.88 -2.09 -23.96
N HIS A 217 -5.38 -3.19 -23.37
CA HIS A 217 -6.03 -4.29 -24.08
C HIS A 217 -7.19 -4.82 -23.26
N VAL A 218 -8.19 -5.38 -23.95
CA VAL A 218 -9.35 -6.02 -23.32
C VAL A 218 -9.20 -7.53 -23.59
N LYS A 219 -9.31 -8.36 -22.54
CA LYS A 219 -9.10 -9.81 -22.62
C LYS A 219 -10.18 -10.51 -21.82
N THR A 220 -10.48 -11.76 -22.16
CA THR A 220 -11.45 -12.59 -21.45
C THR A 220 -10.80 -13.92 -21.05
N TYR A 221 -11.28 -14.50 -19.95
CA TYR A 221 -10.88 -15.80 -19.43
C TYR A 221 -12.09 -16.48 -18.86
N GLU A 222 -12.20 -17.79 -19.11
CA GLU A 222 -13.26 -18.60 -18.53
C GLU A 222 -12.70 -19.06 -17.18
N VAL A 223 -13.56 -19.15 -16.16
CA VAL A 223 -13.10 -19.58 -14.84
C VAL A 223 -13.62 -21.01 -14.55
N SER A 224 -12.68 -21.94 -14.37
CA SER A 224 -12.93 -23.33 -14.07
C SER A 224 -12.82 -23.57 -12.55
N LEU A 225 -13.97 -23.78 -11.88
CA LEU A 225 -13.99 -24.08 -10.45
C LEU A 225 -13.38 -25.48 -10.20
N ARG A 226 -13.66 -26.46 -11.11
CA ARG A 226 -13.16 -27.84 -11.04
C ARG A 226 -11.66 -27.93 -11.14
N GLU A 227 -11.06 -27.20 -12.08
CA GLU A 227 -9.62 -27.24 -12.29
C GLU A 227 -8.83 -26.17 -11.52
N LYS A 228 -9.54 -25.17 -10.93
CA LYS A 228 -8.95 -24.05 -10.19
C LYS A 228 -7.96 -23.30 -11.09
N GLU A 229 -8.41 -22.99 -12.31
CA GLU A 229 -7.63 -22.32 -13.35
C GLU A 229 -8.49 -21.54 -14.35
N PHE A 230 -7.83 -20.76 -15.22
CA PHE A 230 -8.48 -20.03 -16.29
C PHE A 230 -8.37 -20.87 -17.53
N ASN A 231 -9.34 -20.71 -18.42
CA ASN A 231 -9.39 -21.36 -19.71
C ASN A 231 -9.55 -20.21 -20.70
N LYS A 232 -9.17 -20.42 -21.99
CA LYS A 232 -9.28 -19.44 -23.08
C LYS A 232 -10.69 -18.75 -23.10
N GLY A 233 -10.70 -17.42 -23.03
CA GLY A 233 -11.95 -16.65 -23.06
C GLY A 233 -12.76 -16.82 -24.34
N PRO A 234 -14.10 -16.52 -24.29
CA PRO A 234 -14.98 -16.69 -25.45
C PRO A 234 -14.58 -15.92 -26.69
N TRP A 235 -14.04 -14.71 -26.49
CA TRP A 235 -13.57 -13.87 -27.58
C TRP A 235 -12.16 -13.37 -27.37
N LYS A 236 -11.44 -13.34 -28.50
CA LYS A 236 -10.09 -12.87 -28.68
C LYS A 236 -9.86 -11.55 -27.96
N GLN A 237 -8.63 -11.37 -27.52
CA GLN A 237 -8.15 -10.15 -26.92
C GLN A 237 -8.22 -9.05 -28.01
N GLU A 238 -8.64 -7.83 -27.64
CA GLU A 238 -8.67 -6.70 -28.55
C GLU A 238 -7.88 -5.57 -27.95
N ASN A 239 -7.18 -4.78 -28.80
CA ASN A 239 -6.40 -3.63 -28.32
C ASN A 239 -7.36 -2.44 -28.16
N VAL A 240 -7.16 -1.66 -27.10
CA VAL A 240 -8.07 -0.55 -26.79
C VAL A 240 -7.34 0.76 -26.56
N GLU A 241 -8.13 1.85 -26.38
CA GLU A 241 -7.69 3.21 -26.12
C GLU A 241 -6.75 3.23 -24.94
N ALA A 242 -5.71 4.07 -25.03
CA ALA A 242 -4.66 4.26 -24.03
C ALA A 242 -5.18 4.61 -22.64
N GLU A 243 -6.37 5.24 -22.56
CA GLU A 243 -6.95 5.62 -21.27
C GLU A 243 -8.29 4.89 -20.96
N ALA A 244 -8.49 3.68 -21.61
CA ALA A 244 -9.66 2.80 -21.39
C ALA A 244 -9.65 2.45 -19.90
N SER A 245 -10.62 2.98 -19.12
CA SER A 245 -10.65 2.88 -17.68
C SER A 245 -11.76 2.06 -17.02
N MET A 246 -12.84 1.71 -17.76
CA MET A 246 -13.89 0.91 -17.12
C MET A 246 -14.59 -0.08 -18.05
N VAL A 247 -14.96 -1.23 -17.48
CA VAL A 247 -15.70 -2.28 -18.18
C VAL A 247 -17.13 -2.32 -17.66
N ILE A 248 -18.09 -2.43 -18.60
CA ILE A 248 -19.48 -2.58 -18.31
C ILE A 248 -19.90 -3.91 -18.91
N ALA A 249 -20.44 -4.85 -18.08
CA ALA A 249 -20.97 -6.13 -18.59
C ALA A 249 -22.43 -5.90 -18.98
N VAL A 250 -22.71 -5.96 -20.28
CA VAL A 250 -24.04 -5.72 -20.81
C VAL A 250 -24.91 -7.00 -20.60
N PRO A 251 -26.13 -6.90 -20.01
CA PRO A 251 -26.93 -8.11 -19.81
C PRO A 251 -27.48 -8.63 -21.09
N GLU A 252 -28.13 -9.81 -21.01
CA GLU A 252 -28.79 -10.43 -22.14
C GLU A 252 -29.97 -9.56 -22.50
N PRO A 253 -30.37 -9.44 -23.79
CA PRO A 253 -29.89 -10.21 -24.96
C PRO A 253 -28.59 -9.74 -25.60
N PHE A 254 -28.15 -8.50 -25.34
CA PHE A 254 -26.93 -8.00 -25.96
C PHE A 254 -25.72 -8.83 -25.61
N GLY A 255 -25.48 -9.00 -24.32
CA GLY A 255 -24.30 -9.68 -23.84
C GLY A 255 -23.11 -8.80 -24.17
N GLY A 256 -21.91 -9.37 -24.09
CA GLY A 256 -20.71 -8.62 -24.42
C GLY A 256 -20.34 -7.60 -23.38
N ALA A 257 -19.42 -6.70 -23.74
CA ALA A 257 -18.90 -5.65 -22.82
C ALA A 257 -18.69 -4.29 -23.47
N ILE A 258 -18.88 -3.25 -22.65
CA ILE A 258 -18.67 -1.85 -23.04
C ILE A 258 -17.41 -1.38 -22.37
N ILE A 259 -16.47 -0.80 -23.13
CA ILE A 259 -15.28 -0.26 -22.49
C ILE A 259 -15.27 1.30 -22.69
N ILE A 260 -15.20 2.04 -21.59
CA ILE A 260 -15.21 3.49 -21.58
C ILE A 260 -13.79 4.01 -21.45
N GLY A 261 -13.42 4.91 -22.36
CA GLY A 261 -12.12 5.57 -22.37
C GLY A 261 -12.20 7.08 -22.16
N GLN A 262 -11.17 7.82 -22.53
CA GLN A 262 -11.15 9.27 -22.39
C GLN A 262 -11.78 9.95 -23.62
N GLU A 263 -11.54 9.36 -24.82
CA GLU A 263 -12.02 9.91 -26.09
C GLU A 263 -13.00 8.99 -26.84
N SER A 264 -13.12 7.73 -26.38
CA SER A 264 -13.96 6.74 -27.06
C SER A 264 -14.78 5.86 -26.14
N ILE A 265 -15.82 5.23 -26.73
CA ILE A 265 -16.69 4.23 -26.10
C ILE A 265 -16.75 3.10 -27.10
N THR A 266 -16.38 1.87 -26.69
CA THR A 266 -16.46 0.71 -27.60
C THR A 266 -17.32 -0.42 -27.02
N TYR A 267 -17.79 -1.26 -27.90
CA TYR A 267 -18.58 -2.44 -27.60
C TYR A 267 -17.87 -3.64 -28.19
N HIS A 268 -17.77 -4.71 -27.42
CA HIS A 268 -17.10 -5.92 -27.88
C HIS A 268 -17.95 -7.09 -27.51
N ASN A 269 -18.09 -8.02 -28.46
CA ASN A 269 -18.82 -9.26 -28.25
C ASN A 269 -18.48 -10.20 -29.33
N GLY A 270 -17.48 -11.02 -29.09
CA GLY A 270 -17.05 -12.05 -30.02
C GLY A 270 -16.76 -11.51 -31.40
N ASP A 271 -17.73 -11.71 -32.30
CA ASP A 271 -17.64 -11.20 -33.66
C ASP A 271 -17.72 -9.65 -33.66
N LYS A 272 -18.80 -9.09 -33.06
CA LYS A 272 -19.09 -7.65 -32.97
C LYS A 272 -18.01 -6.78 -32.29
N TYR A 273 -17.81 -5.57 -32.84
CA TYR A 273 -16.91 -4.52 -32.38
C TYR A 273 -17.43 -3.16 -32.84
N LEU A 274 -18.03 -2.39 -31.93
CA LEU A 274 -18.56 -1.08 -32.26
C LEU A 274 -17.74 -0.04 -31.61
N ALA A 275 -17.53 1.10 -32.27
CA ALA A 275 -16.74 2.18 -31.71
C ALA A 275 -17.31 3.54 -32.05
N ILE A 276 -17.48 4.36 -31.02
CA ILE A 276 -17.91 5.75 -31.11
C ILE A 276 -16.86 6.63 -30.41
N ALA A 277 -16.51 7.73 -31.06
CA ALA A 277 -15.57 8.71 -30.56
C ALA A 277 -16.32 10.07 -30.51
N PRO A 278 -17.22 10.23 -29.53
CA PRO A 278 -17.97 11.48 -29.45
C PRO A 278 -17.14 12.63 -28.85
N PRO A 279 -17.07 13.78 -29.55
CA PRO A 279 -16.30 14.92 -29.01
C PRO A 279 -16.83 15.44 -27.67
N ILE A 280 -18.13 15.22 -27.38
CA ILE A 280 -18.77 15.62 -26.13
C ILE A 280 -18.02 15.18 -24.89
N ILE A 281 -17.51 13.91 -24.89
CA ILE A 281 -16.85 13.26 -23.75
C ILE A 281 -15.36 13.61 -23.58
N LYS A 282 -14.72 14.15 -24.65
CA LYS A 282 -13.28 14.44 -24.69
C LYS A 282 -12.74 15.34 -23.56
N GLN A 283 -13.50 16.39 -23.14
CA GLN A 283 -13.08 17.37 -22.12
C GLN A 283 -12.86 16.81 -20.71
N SER A 284 -13.63 15.80 -20.29
CA SER A 284 -13.61 15.20 -18.95
C SER A 284 -13.68 13.66 -18.94
N THR A 285 -13.02 13.02 -17.99
CA THR A 285 -12.98 11.58 -17.86
C THR A 285 -14.27 11.05 -17.20
N ILE A 286 -14.92 10.04 -17.85
CA ILE A 286 -16.11 9.41 -17.28
C ILE A 286 -15.63 8.50 -16.14
N VAL A 287 -16.23 8.65 -14.96
CA VAL A 287 -15.75 7.97 -13.76
C VAL A 287 -16.79 7.06 -13.09
N CYS A 288 -18.06 7.12 -13.52
CA CYS A 288 -19.08 6.21 -12.99
C CYS A 288 -20.14 5.90 -14.05
N HIS A 289 -20.89 4.82 -13.82
CA HIS A 289 -21.96 4.36 -14.72
C HIS A 289 -23.00 3.65 -13.91
N ASN A 290 -24.21 3.58 -14.44
CA ASN A 290 -25.30 2.86 -13.82
C ASN A 290 -26.23 2.46 -14.90
N ARG A 291 -26.64 1.17 -14.87
CA ARG A 291 -27.62 0.61 -15.79
C ARG A 291 -28.99 1.16 -15.43
N VAL A 292 -29.69 1.74 -16.43
CA VAL A 292 -31.03 2.29 -16.25
C VAL A 292 -32.03 1.13 -16.41
N ASP A 293 -32.09 0.55 -17.64
CA ASP A 293 -32.96 -0.55 -18.06
C ASP A 293 -32.38 -1.90 -17.74
N PRO A 294 -33.19 -2.84 -17.22
CA PRO A 294 -32.67 -4.19 -16.91
C PRO A 294 -31.97 -4.94 -18.05
N ASN A 295 -32.32 -4.61 -19.32
CA ASN A 295 -31.75 -5.26 -20.51
C ASN A 295 -30.49 -4.53 -21.03
N GLY A 296 -30.09 -3.46 -20.36
CA GLY A 296 -28.92 -2.68 -20.73
C GLY A 296 -29.07 -1.82 -21.97
N SER A 297 -30.31 -1.35 -22.24
CA SER A 297 -30.58 -0.47 -23.40
C SER A 297 -30.04 0.93 -23.12
N ARG A 298 -30.09 1.36 -21.84
CA ARG A 298 -29.63 2.69 -21.44
C ARG A 298 -28.78 2.63 -20.20
N TYR A 299 -27.70 3.43 -20.20
CA TYR A 299 -26.76 3.58 -19.09
C TYR A 299 -26.56 5.03 -18.79
N LEU A 300 -26.34 5.36 -17.53
CA LEU A 300 -26.04 6.72 -17.12
C LEU A 300 -24.53 6.79 -16.90
N LEU A 301 -23.91 7.83 -17.43
CA LEU A 301 -22.48 8.05 -17.31
C LEU A 301 -22.24 9.39 -16.62
N GLY A 302 -21.41 9.37 -15.60
CA GLY A 302 -21.01 10.57 -14.87
C GLY A 302 -19.54 10.86 -15.06
N ASP A 303 -19.19 12.13 -15.32
CA ASP A 303 -17.79 12.53 -15.49
C ASP A 303 -17.33 13.39 -14.33
N MET A 304 -15.99 13.67 -14.29
CA MET A 304 -15.26 14.47 -13.31
C MET A 304 -15.82 15.91 -13.17
N GLU A 305 -16.36 16.50 -14.27
CA GLU A 305 -16.96 17.84 -14.26
C GLU A 305 -18.42 17.87 -13.72
N GLY A 306 -18.98 16.71 -13.39
CA GLY A 306 -20.36 16.63 -12.90
C GLY A 306 -21.39 16.49 -14.01
N ARG A 307 -20.93 16.33 -15.26
CA ARG A 307 -21.82 16.16 -16.40
C ARG A 307 -22.46 14.78 -16.32
N LEU A 308 -23.72 14.67 -16.79
CA LEU A 308 -24.48 13.44 -16.79
C LEU A 308 -24.83 13.12 -18.20
N PHE A 309 -24.48 11.93 -18.66
CA PHE A 309 -24.80 11.48 -20.02
C PHE A 309 -25.66 10.24 -20.00
N MET A 310 -26.27 9.95 -21.15
CA MET A 310 -27.05 8.74 -21.39
C MET A 310 -26.44 8.02 -22.55
N LEU A 311 -25.95 6.80 -22.25
CA LEU A 311 -25.38 5.88 -23.23
C LEU A 311 -26.54 5.01 -23.72
N LEU A 312 -26.79 5.05 -25.02
CA LEU A 312 -27.88 4.32 -25.65
C LEU A 312 -27.40 3.21 -26.56
N LEU A 313 -27.91 2.01 -26.28
CA LEU A 313 -27.58 0.82 -27.03
C LEU A 313 -28.74 0.51 -27.92
N GLU A 314 -28.62 0.86 -29.21
CA GLU A 314 -29.67 0.63 -30.18
C GLU A 314 -29.66 -0.83 -30.62
N LYS A 315 -30.81 -1.50 -30.50
CA LYS A 315 -30.91 -2.94 -30.82
C LYS A 315 -31.50 -3.27 -32.18
N GLU A 316 -31.27 -4.52 -32.60
CA GLU A 316 -31.79 -5.11 -33.82
C GLU A 316 -32.18 -6.54 -33.50
N GLU A 317 -33.49 -6.86 -33.65
CA GLU A 317 -34.05 -8.18 -33.37
C GLU A 317 -33.70 -9.09 -34.51
N GLN A 318 -33.16 -10.27 -34.21
CA GLN A 318 -32.83 -11.22 -35.26
C GLN A 318 -33.97 -12.20 -35.39
N MET A 319 -34.12 -12.81 -36.56
CA MET A 319 -35.20 -13.76 -36.74
C MET A 319 -35.02 -15.02 -35.91
N ASP A 320 -33.77 -15.31 -35.50
CA ASP A 320 -33.51 -16.47 -34.67
C ASP A 320 -33.79 -16.19 -33.20
N GLY A 321 -34.49 -15.10 -32.94
CA GLY A 321 -34.91 -14.73 -31.59
C GLY A 321 -33.99 -13.84 -30.81
N THR A 322 -32.67 -13.96 -31.10
CA THR A 322 -31.59 -13.19 -30.48
C THR A 322 -31.65 -11.70 -30.82
N VAL A 323 -31.08 -10.86 -30.01
CA VAL A 323 -31.05 -9.44 -30.31
C VAL A 323 -29.59 -9.00 -30.39
N THR A 324 -29.21 -8.33 -31.51
CA THR A 324 -27.86 -7.78 -31.69
C THR A 324 -27.82 -6.24 -31.47
N LEU A 325 -26.69 -5.71 -31.00
CA LEU A 325 -26.48 -4.28 -30.84
C LEU A 325 -26.07 -3.68 -32.20
N LYS A 326 -26.92 -2.76 -32.74
CA LYS A 326 -26.73 -2.10 -34.04
C LYS A 326 -25.90 -0.80 -34.01
N ASP A 327 -25.95 0.00 -32.90
CA ASP A 327 -25.26 1.29 -32.73
C ASP A 327 -25.31 1.79 -31.27
N LEU A 328 -24.35 2.68 -30.94
CA LEU A 328 -24.18 3.36 -29.65
C LEU A 328 -24.36 4.87 -29.87
N ARG A 329 -24.99 5.54 -28.91
CA ARG A 329 -25.21 6.97 -28.95
C ARG A 329 -25.09 7.52 -27.55
N VAL A 330 -24.42 8.68 -27.42
CA VAL A 330 -24.32 9.36 -26.14
C VAL A 330 -25.00 10.69 -26.27
N GLU A 331 -25.74 11.07 -25.25
CA GLU A 331 -26.35 12.38 -25.20
C GLU A 331 -26.20 13.01 -23.82
N LEU A 332 -25.84 14.31 -23.77
CA LEU A 332 -25.67 15.07 -22.53
C LEU A 332 -27.04 15.40 -21.96
N LEU A 333 -27.29 14.97 -20.73
CA LEU A 333 -28.57 15.16 -20.04
C LEU A 333 -28.57 16.46 -19.22
N GLY A 334 -27.42 16.81 -18.66
CA GLY A 334 -27.28 18.00 -17.84
C GLY A 334 -26.14 17.88 -16.85
N GLU A 335 -26.26 18.62 -15.74
CA GLU A 335 -25.25 18.64 -14.70
C GLU A 335 -25.82 18.16 -13.37
N THR A 336 -25.00 17.44 -12.62
CA THR A 336 -25.26 16.98 -11.26
C THR A 336 -23.97 17.30 -10.46
N SER A 337 -23.97 17.00 -9.15
CA SER A 337 -22.80 17.08 -8.30
C SER A 337 -21.77 16.13 -8.91
N ILE A 338 -20.45 16.40 -8.70
CA ILE A 338 -19.38 15.51 -9.19
C ILE A 338 -19.65 14.17 -8.53
N ALA A 339 -20.17 13.21 -9.36
CA ALA A 339 -20.60 11.87 -8.95
C ALA A 339 -19.49 10.84 -8.84
N GLU A 340 -19.51 10.13 -7.71
CA GLU A 340 -18.60 9.04 -7.39
C GLU A 340 -19.37 7.78 -7.86
N CYS A 341 -20.69 7.81 -7.71
CA CYS A 341 -21.59 6.75 -8.14
C CYS A 341 -22.99 7.32 -8.42
N LEU A 342 -23.73 6.66 -9.32
CA LEU A 342 -25.09 7.01 -9.73
C LEU A 342 -25.93 5.77 -9.59
N THR A 343 -27.18 5.91 -9.18
CA THR A 343 -28.10 4.79 -9.12
C THR A 343 -29.45 5.26 -9.52
N TYR A 344 -30.00 4.66 -10.58
CA TYR A 344 -31.33 4.96 -11.02
C TYR A 344 -32.23 4.27 -10.00
N LEU A 345 -33.28 4.96 -9.54
CA LEU A 345 -34.20 4.43 -8.52
C LEU A 345 -35.51 3.94 -9.15
N ASP A 346 -36.46 4.86 -9.38
CA ASP A 346 -37.76 4.59 -10.01
C ASP A 346 -38.39 5.90 -10.45
N ASN A 347 -39.15 5.88 -11.54
CA ASN A 347 -39.89 7.00 -12.15
C ASN A 347 -39.00 8.22 -12.50
N GLY A 348 -37.86 7.96 -13.13
CA GLY A 348 -36.96 9.01 -13.58
C GLY A 348 -36.15 9.64 -12.46
N VAL A 349 -36.20 9.05 -11.26
CA VAL A 349 -35.42 9.51 -10.12
C VAL A 349 -34.08 8.78 -10.03
N VAL A 350 -32.99 9.54 -9.96
CA VAL A 350 -31.61 9.07 -9.88
C VAL A 350 -30.94 9.63 -8.62
N PHE A 351 -30.24 8.75 -7.89
CA PHE A 351 -29.47 9.16 -6.71
C PHE A 351 -28.04 9.43 -7.18
N VAL A 352 -27.53 10.62 -6.87
CA VAL A 352 -26.18 11.03 -7.22
C VAL A 352 -25.36 10.94 -5.94
N GLY A 353 -24.51 9.92 -5.87
CA GLY A 353 -23.61 9.69 -4.73
C GLY A 353 -22.34 10.47 -4.94
N SER A 354 -22.19 11.57 -4.18
CA SER A 354 -21.03 12.44 -4.34
C SER A 354 -20.02 12.27 -3.23
N ARG A 355 -18.75 12.44 -3.63
CA ARG A 355 -17.59 12.28 -2.79
C ARG A 355 -16.95 13.66 -2.57
N LEU A 356 -16.90 14.47 -3.64
CA LEU A 356 -16.34 15.83 -3.61
C LEU A 356 -17.35 16.97 -3.29
N GLY A 357 -18.64 16.65 -3.29
CA GLY A 357 -19.72 17.59 -3.02
C GLY A 357 -20.96 16.94 -2.43
N ASP A 358 -22.06 17.73 -2.36
CA ASP A 358 -23.33 17.27 -1.82
C ASP A 358 -23.98 16.19 -2.68
N SER A 359 -24.51 15.15 -2.03
CA SER A 359 -25.23 14.08 -2.74
C SER A 359 -26.62 14.61 -3.11
N GLN A 360 -27.25 14.03 -4.14
CA GLN A 360 -28.52 14.51 -4.64
C GLN A 360 -29.48 13.41 -5.03
N LEU A 361 -30.76 13.79 -5.20
CA LEU A 361 -31.81 12.99 -5.80
C LEU A 361 -32.15 13.86 -6.99
N VAL A 362 -31.97 13.37 -8.22
CA VAL A 362 -32.26 14.19 -9.39
C VAL A 362 -33.42 13.59 -10.20
N LYS A 363 -34.22 14.44 -10.87
CA LYS A 363 -35.32 13.98 -11.70
C LYS A 363 -34.96 14.15 -13.15
N LEU A 364 -35.23 13.12 -13.92
CA LEU A 364 -34.99 13.14 -15.34
C LEU A 364 -36.36 13.39 -16.02
N ASN A 365 -36.41 14.37 -16.95
CA ASN A 365 -37.60 14.74 -17.71
C ASN A 365 -37.27 14.96 -19.20
N VAL A 366 -38.19 14.58 -20.09
CA VAL A 366 -38.01 14.64 -21.54
C VAL A 366 -38.00 16.08 -22.10
N ASP A 367 -38.54 17.07 -21.36
CA ASP A 367 -38.51 18.45 -21.83
C ASP A 367 -37.46 19.31 -21.11
N SER A 368 -36.55 19.88 -21.91
CA SER A 368 -35.45 20.74 -21.45
C SER A 368 -35.95 22.07 -20.87
N ASN A 369 -35.23 22.61 -19.89
CA ASN A 369 -35.56 23.86 -19.22
C ASN A 369 -34.95 25.11 -19.90
N GLU A 370 -34.69 26.19 -19.12
CA GLU A 370 -34.15 27.47 -19.58
C GLU A 370 -32.70 27.38 -20.14
N GLN A 371 -31.88 26.48 -19.59
CA GLN A 371 -30.49 26.30 -20.02
C GLN A 371 -30.35 25.12 -21.00
N GLY A 372 -31.47 24.40 -21.20
CA GLY A 372 -31.56 23.26 -22.10
C GLY A 372 -31.31 21.93 -21.42
N SER A 373 -31.21 21.95 -20.07
CA SER A 373 -30.94 20.76 -19.26
C SER A 373 -32.18 19.89 -19.04
N TYR A 374 -31.97 18.56 -19.03
CA TYR A 374 -32.99 17.53 -18.83
C TYR A 374 -32.92 16.96 -17.39
N VAL A 375 -32.03 17.51 -16.54
CA VAL A 375 -31.82 17.10 -15.13
C VAL A 375 -32.24 18.22 -14.18
N VAL A 376 -33.11 17.89 -13.20
CA VAL A 376 -33.64 18.85 -12.21
C VAL A 376 -33.43 18.25 -10.82
N ALA A 377 -32.75 19.00 -9.93
CA ALA A 377 -32.47 18.52 -8.58
C ALA A 377 -33.73 18.50 -7.72
N MET A 378 -33.97 17.38 -7.00
CA MET A 378 -35.12 17.16 -6.12
C MET A 378 -34.76 17.34 -4.63
N GLU A 379 -33.58 16.84 -4.22
CA GLU A 379 -33.08 16.94 -2.84
C GLU A 379 -31.57 17.06 -2.88
N THR A 380 -31.00 17.61 -1.81
CA THR A 380 -29.55 17.82 -1.63
C THR A 380 -29.22 17.34 -0.21
N PHE A 381 -28.15 16.52 -0.11
CA PHE A 381 -27.68 15.96 1.15
C PHE A 381 -26.29 16.54 1.45
N THR A 382 -26.15 17.23 2.61
CA THR A 382 -24.87 17.88 2.95
C THR A 382 -23.72 16.86 3.09
N ASN A 383 -22.60 17.18 2.41
CA ASN A 383 -21.34 16.45 2.42
C ASN A 383 -20.25 17.45 2.72
N LEU A 384 -19.63 17.27 3.90
CA LEU A 384 -18.55 18.12 4.39
C LEU A 384 -17.22 17.77 3.73
N GLY A 385 -17.10 16.58 3.14
CA GLY A 385 -15.86 16.10 2.56
C GLY A 385 -15.50 16.55 1.17
N PRO A 386 -14.19 16.62 0.84
CA PRO A 386 -13.06 16.45 1.76
C PRO A 386 -12.82 17.70 2.61
N ILE A 387 -12.60 17.54 3.91
CA ILE A 387 -12.23 18.68 4.74
C ILE A 387 -10.68 18.81 4.52
N VAL A 388 -10.27 19.74 3.66
CA VAL A 388 -8.90 19.99 3.26
C VAL A 388 -8.15 20.96 4.22
N ASP A 389 -8.93 21.65 5.14
CA ASP A 389 -8.53 22.64 6.19
C ASP A 389 -9.73 23.13 7.02
N MET A 390 -9.49 23.56 8.29
CA MET A 390 -10.53 24.11 9.16
C MET A 390 -9.96 25.12 10.22
N CYS A 391 -10.89 25.92 10.87
CA CYS A 391 -10.78 27.05 11.84
C CYS A 391 -11.73 26.90 13.05
N VAL A 392 -11.40 27.51 14.19
CA VAL A 392 -12.29 27.55 15.38
C VAL A 392 -12.41 29.01 15.93
N GLN A 402 -19.06 27.69 15.88
CA GLN A 402 -17.66 27.50 16.32
C GLN A 402 -16.65 26.88 15.19
N LEU A 403 -16.92 25.74 14.49
CA LEU A 403 -15.98 25.18 13.45
C LEU A 403 -16.23 25.68 11.98
N VAL A 404 -15.18 26.12 11.26
CA VAL A 404 -15.29 26.60 9.87
C VAL A 404 -14.34 25.80 9.02
N THR A 405 -14.86 24.99 8.10
CA THR A 405 -14.06 24.11 7.21
C THR A 405 -13.92 24.62 5.75
N CYS A 406 -12.87 24.16 5.05
CA CYS A 406 -12.65 24.34 3.62
C CYS A 406 -13.10 22.99 3.12
N SER A 407 -14.32 22.93 2.56
CA SER A 407 -14.95 21.68 2.12
C SER A 407 -15.04 21.52 0.62
N GLY A 408 -15.16 20.27 0.17
CA GLY A 408 -15.30 19.94 -1.24
C GLY A 408 -14.13 20.35 -2.12
N ALA A 409 -14.32 20.21 -3.44
CA ALA A 409 -13.32 20.53 -4.45
C ALA A 409 -13.99 20.90 -5.78
N PHE A 410 -13.24 21.70 -6.60
CA PHE A 410 -13.69 22.17 -7.93
C PHE A 410 -15.01 22.97 -7.79
N LYS A 411 -16.00 22.76 -8.68
CA LYS A 411 -17.28 23.48 -8.62
C LYS A 411 -18.04 23.24 -7.29
N GLU A 412 -17.70 22.19 -6.54
CA GLU A 412 -18.36 21.83 -5.26
C GLU A 412 -17.68 22.47 -4.03
N GLY A 413 -16.62 23.23 -4.28
CA GLY A 413 -15.88 23.91 -3.23
C GLY A 413 -16.73 24.86 -2.42
N SER A 414 -16.71 24.67 -1.09
CA SER A 414 -17.50 25.48 -0.17
C SER A 414 -16.83 25.69 1.20
N LEU A 415 -17.44 26.53 2.03
CA LEU A 415 -17.05 26.68 3.42
C LEU A 415 -18.21 26.15 4.21
N ARG A 416 -17.94 25.50 5.34
CA ARG A 416 -19.02 24.96 6.17
C ARG A 416 -18.84 25.44 7.58
N ILE A 417 -19.90 26.05 8.16
CA ILE A 417 -19.86 26.60 9.52
C ILE A 417 -20.70 25.72 10.44
N ILE A 418 -20.00 24.98 11.32
CA ILE A 418 -20.56 23.95 12.20
C ILE A 418 -20.54 24.36 13.66
N ARG A 419 -21.71 24.27 14.34
CA ARG A 419 -21.90 24.59 15.77
C ARG A 419 -23.09 23.82 16.35
N ASN A 420 -23.35 24.01 17.66
CA ASN A 420 -24.49 23.39 18.34
C ASN A 420 -25.75 24.27 18.28
N LEU A 434 -26.00 18.80 15.47
CA LEU A 434 -25.12 19.81 14.88
C LEU A 434 -25.85 20.68 13.87
N HIS A 435 -25.48 21.97 13.82
CA HIS A 435 -26.03 22.98 12.92
C HIS A 435 -24.99 23.25 11.84
N ILE A 436 -25.37 23.06 10.56
CA ILE A 436 -24.42 23.26 9.45
C ILE A 436 -24.93 24.31 8.44
N ARG A 437 -24.07 25.30 8.16
CA ARG A 437 -24.30 26.39 7.21
C ARG A 437 -23.29 26.24 6.08
N THR A 438 -23.76 26.27 4.83
CA THR A 438 -22.80 26.13 3.73
C THR A 438 -22.67 27.40 2.88
N VAL A 439 -21.42 27.78 2.58
CA VAL A 439 -21.09 28.96 1.78
C VAL A 439 -20.51 28.49 0.43
N PRO A 440 -21.31 28.49 -0.64
CA PRO A 440 -20.78 28.04 -1.95
C PRO A 440 -19.68 28.95 -2.50
N LEU A 441 -18.58 28.35 -2.99
CA LEU A 441 -17.46 29.11 -3.58
C LEU A 441 -17.35 28.88 -5.09
N TYR A 442 -17.80 27.68 -5.57
CA TYR A 442 -17.78 27.22 -6.97
C TYR A 442 -16.35 27.08 -7.52
N GLU A 443 -15.38 26.91 -6.61
CA GLU A 443 -13.94 26.71 -6.87
C GLU A 443 -13.34 26.03 -5.65
N SER A 444 -12.08 25.56 -5.74
CA SER A 444 -11.46 24.80 -4.66
C SER A 444 -10.93 25.64 -3.48
N PRO A 445 -11.52 25.55 -2.26
CA PRO A 445 -10.88 26.21 -1.12
C PRO A 445 -9.65 25.37 -0.70
N ARG A 446 -8.51 25.98 -0.37
CA ARG A 446 -7.31 25.25 -0.01
C ARG A 446 -6.93 25.39 1.46
N LYS A 447 -6.83 26.63 1.96
CA LYS A 447 -6.48 26.94 3.34
C LYS A 447 -7.37 28.05 3.90
N ILE A 448 -7.61 28.05 5.23
CA ILE A 448 -8.42 29.03 5.93
C ILE A 448 -7.72 29.52 7.19
N CYS A 449 -7.83 30.83 7.46
CA CYS A 449 -7.30 31.50 8.64
C CYS A 449 -8.21 32.61 9.08
N TYR A 450 -8.39 32.78 10.40
CA TYR A 450 -9.25 33.83 10.93
C TYR A 450 -8.48 35.05 11.46
N GLN A 451 -8.91 36.26 11.07
CA GLN A 451 -8.30 37.54 11.51
C GLN A 451 -9.33 38.35 12.31
N GLU A 452 -9.35 38.12 13.65
CA GLU A 452 -10.30 38.73 14.57
C GLU A 452 -10.43 40.26 14.45
N VAL A 453 -9.27 40.97 14.40
CA VAL A 453 -9.15 42.44 14.29
C VAL A 453 -9.73 43.00 12.97
N SER A 454 -9.80 42.18 11.91
CA SER A 454 -10.37 42.57 10.62
C SER A 454 -11.79 42.04 10.45
N GLN A 455 -12.27 41.23 11.42
CA GLN A 455 -13.60 40.57 11.42
C GLN A 455 -13.85 39.83 10.07
N CYS A 456 -12.85 39.08 9.62
CA CYS A 456 -12.87 38.37 8.34
C CYS A 456 -11.97 37.11 8.36
N PHE A 457 -12.17 36.25 7.34
CA PHE A 457 -11.37 35.04 7.11
C PHE A 457 -10.56 35.23 5.84
N GLY A 458 -9.39 34.62 5.87
CA GLY A 458 -8.46 34.55 4.75
C GLY A 458 -8.58 33.16 4.18
N VAL A 459 -8.93 33.06 2.90
CA VAL A 459 -9.13 31.75 2.27
C VAL A 459 -8.33 31.64 0.97
N LEU A 460 -7.39 30.69 0.92
CA LEU A 460 -6.67 30.46 -0.32
C LEU A 460 -7.58 29.57 -1.17
N SER A 461 -7.65 29.84 -2.49
CA SER A 461 -8.51 29.10 -3.41
C SER A 461 -7.91 29.02 -4.80
N SER A 462 -8.33 28.01 -5.54
CA SER A 462 -7.89 27.82 -6.92
C SER A 462 -9.06 27.53 -7.84
N ARG A 463 -8.99 28.08 -9.08
CA ARG A 463 -9.99 27.91 -10.11
C ARG A 463 -9.33 27.43 -11.41
N ILE A 464 -10.04 26.59 -12.17
CA ILE A 464 -9.54 26.11 -13.45
C ILE A 464 -9.91 27.10 -14.57
N GLU A 465 -8.91 27.42 -15.39
CA GLU A 465 -9.03 28.27 -16.57
C GLU A 465 -8.47 27.48 -17.76
N VAL A 466 -8.98 27.73 -18.98
CA VAL A 466 -8.54 26.98 -20.16
C VAL A 466 -7.76 27.85 -21.14
N GLN A 467 -6.67 27.27 -21.68
CA GLN A 467 -5.79 27.87 -22.69
C GLN A 467 -6.53 27.73 -24.01
N ASP A 468 -6.98 28.88 -24.54
CA ASP A 468 -7.78 29.01 -25.76
C ASP A 468 -6.97 29.45 -26.99
N THR A 469 -7.69 29.69 -28.12
CA THR A 469 -7.17 30.19 -29.41
C THR A 469 -6.51 31.57 -29.23
N SER A 470 -7.04 32.38 -28.29
CA SER A 470 -6.58 33.71 -27.89
C SER A 470 -5.33 33.67 -26.95
N GLY A 471 -4.73 34.85 -26.72
CA GLY A 471 -3.54 35.08 -25.90
C GLY A 471 -3.41 34.29 -24.60
N GLY A 472 -4.19 34.66 -23.59
CA GLY A 472 -4.18 34.02 -22.28
C GLY A 472 -5.22 32.94 -22.09
N THR A 473 -5.60 32.71 -20.83
CA THR A 473 -6.59 31.70 -20.42
C THR A 473 -7.89 32.35 -19.94
N THR A 474 -9.02 31.62 -20.10
CA THR A 474 -10.34 32.10 -19.66
C THR A 474 -11.09 31.09 -18.76
N ALA A 475 -11.82 31.60 -17.73
CA ALA A 475 -12.60 30.82 -16.78
C ALA A 475 -13.78 30.13 -17.46
N LEU A 476 -14.13 28.94 -16.97
CA LEU A 476 -15.21 28.12 -17.50
C LEU A 476 -16.55 28.39 -16.80
N ARG A 477 -16.52 28.81 -15.53
CA ARG A 477 -17.68 29.00 -14.68
C ARG A 477 -17.47 30.19 -13.72
N PRO A 478 -18.50 30.98 -13.32
CA PRO A 478 -18.23 32.07 -12.35
C PRO A 478 -18.05 31.48 -10.95
N SER A 479 -17.11 32.04 -10.17
CA SER A 479 -16.78 31.58 -8.82
C SER A 479 -16.35 32.75 -7.91
N ALA A 480 -16.19 32.46 -6.60
CA ALA A 480 -15.79 33.42 -5.56
C ALA A 480 -14.68 34.38 -5.97
N SER A 481 -13.58 33.86 -6.58
CA SER A 481 -12.44 34.67 -7.02
C SER A 481 -12.74 35.62 -8.18
N THR A 482 -13.81 35.34 -8.96
CA THR A 482 -14.15 36.21 -10.09
C THR A 482 -15.38 37.08 -9.77
N GLN A 483 -16.03 36.84 -8.60
CA GLN A 483 -17.23 37.57 -8.18
C GLN A 483 -17.03 38.36 -6.86
N ALA A 484 -15.80 38.82 -6.58
CA ALA A 484 -15.52 39.61 -5.36
C ALA A 484 -15.94 41.04 -5.57
N LEU A 485 -16.28 41.73 -4.47
CA LEU A 485 -16.68 43.15 -4.42
C LEU A 485 -15.60 44.03 -5.10
N SER A 486 -14.32 43.81 -4.73
CA SER A 486 -13.12 44.43 -5.30
C SER A 486 -12.04 43.34 -5.51
N SER A 487 -11.13 43.56 -6.48
CA SER A 487 -10.09 42.59 -6.77
C SER A 487 -8.78 43.23 -7.16
N SER A 488 -7.68 42.47 -6.95
CA SER A 488 -6.32 42.90 -7.27
C SER A 488 -5.51 41.77 -7.89
N VAL A 489 -4.36 42.13 -8.49
CA VAL A 489 -3.43 41.18 -9.11
C VAL A 489 -1.97 41.42 -8.61
N SER A 490 -1.19 40.33 -8.45
CA SER A 490 0.20 40.39 -7.99
C SER A 490 1.17 41.00 -9.02
N SER A 491 2.35 41.49 -8.54
CA SER A 491 3.47 42.04 -9.31
C SER A 491 4.83 41.44 -8.81
N SER A 492 5.89 41.52 -9.67
CA SER A 492 7.29 41.09 -9.45
C SER A 492 7.50 39.70 -8.81
N GLU A 509 -5.72 23.34 -19.67
CA GLU A 509 -6.30 23.72 -18.39
C GLU A 509 -5.21 24.10 -17.41
N VAL A 510 -5.40 25.22 -16.65
CA VAL A 510 -4.44 25.76 -15.65
C VAL A 510 -5.10 26.26 -14.36
N GLU A 511 -4.38 26.16 -13.24
CA GLU A 511 -4.84 26.61 -11.92
C GLU A 511 -4.50 28.08 -11.70
N VAL A 512 -5.52 28.88 -11.33
CA VAL A 512 -5.36 30.31 -11.03
C VAL A 512 -5.65 30.45 -9.55
N HIS A 513 -4.61 30.78 -8.80
CA HIS A 513 -4.69 30.88 -7.36
C HIS A 513 -5.02 32.29 -6.86
N ASN A 514 -5.85 32.34 -5.80
CA ASN A 514 -6.31 33.58 -5.19
C ASN A 514 -6.33 33.56 -3.67
N LEU A 515 -6.20 34.75 -3.04
CA LEU A 515 -6.38 34.91 -1.60
C LEU A 515 -7.68 35.66 -1.50
N LEU A 516 -8.64 35.04 -0.81
CA LEU A 516 -9.98 35.59 -0.63
C LEU A 516 -10.12 36.13 0.76
N ILE A 517 -10.73 37.31 0.84
CA ILE A 517 -11.06 37.98 2.09
C ILE A 517 -12.57 37.86 2.19
N ILE A 518 -13.03 37.05 3.15
CA ILE A 518 -14.45 36.81 3.30
C ILE A 518 -14.95 37.30 4.66
N ASP A 519 -16.01 38.14 4.63
CA ASP A 519 -16.68 38.73 5.79
C ASP A 519 -17.10 37.65 6.80
N GLN A 520 -16.74 37.79 8.09
CA GLN A 520 -17.06 36.80 9.11
C GLN A 520 -18.57 36.63 9.43
N HIS A 521 -19.39 37.65 9.10
CA HIS A 521 -20.82 37.65 9.42
C HIS A 521 -21.68 37.19 8.25
N THR A 522 -21.47 37.77 7.06
CA THR A 522 -22.24 37.45 5.85
C THR A 522 -21.58 36.38 4.97
N PHE A 523 -20.24 36.26 5.06
CA PHE A 523 -19.38 35.37 4.28
C PHE A 523 -19.29 35.86 2.84
N GLU A 524 -19.56 37.17 2.64
CA GLU A 524 -19.49 37.86 1.36
C GLU A 524 -18.02 37.93 0.94
N VAL A 525 -17.72 37.71 -0.36
CA VAL A 525 -16.36 37.79 -0.88
C VAL A 525 -16.02 39.25 -1.06
N LEU A 526 -15.38 39.83 -0.04
CA LEU A 526 -15.02 41.25 0.02
C LEU A 526 -13.93 41.66 -0.95
N HIS A 527 -12.86 40.83 -1.07
CA HIS A 527 -11.72 41.08 -1.93
C HIS A 527 -11.05 39.76 -2.36
N ALA A 528 -10.55 39.74 -3.61
CA ALA A 528 -9.86 38.60 -4.20
C ALA A 528 -8.54 39.07 -4.82
N HIS A 529 -7.41 38.56 -4.28
CA HIS A 529 -6.08 38.89 -4.79
C HIS A 529 -5.56 37.72 -5.57
N GLN A 530 -5.33 37.93 -6.88
CA GLN A 530 -4.83 36.89 -7.77
C GLN A 530 -3.32 36.86 -7.76
N PHE A 531 -2.73 35.66 -7.52
CA PHE A 531 -1.27 35.46 -7.50
C PHE A 531 -0.70 35.38 -8.92
N LEU A 532 0.65 35.46 -9.06
CA LEU A 532 1.35 35.49 -10.36
C LEU A 532 0.99 34.31 -11.28
N GLN A 533 1.24 34.45 -12.62
CA GLN A 533 0.95 33.37 -13.59
C GLN A 533 1.83 32.16 -13.22
N ASN A 534 1.19 30.98 -12.96
CA ASN A 534 1.82 29.72 -12.54
C ASN A 534 2.20 29.67 -11.04
N GLU A 535 1.71 30.64 -10.27
CA GLU A 535 2.03 30.68 -8.84
C GLU A 535 0.92 30.01 -8.04
N TYR A 536 1.28 29.03 -7.19
CA TYR A 536 0.34 28.26 -6.37
C TYR A 536 0.49 28.69 -4.93
N ALA A 537 -0.61 29.02 -4.26
CA ALA A 537 -0.57 29.43 -2.85
C ALA A 537 -0.74 28.18 -2.02
N LEU A 538 0.26 27.84 -1.17
CA LEU A 538 0.27 26.60 -0.39
C LEU A 538 -0.10 26.73 1.05
N SER A 539 0.47 27.73 1.75
CA SER A 539 0.27 27.96 3.18
C SER A 539 -0.27 29.34 3.51
N LEU A 540 -0.93 29.46 4.68
CA LEU A 540 -1.54 30.72 5.12
C LEU A 540 -1.55 30.94 6.65
N VAL A 541 -1.18 32.15 7.10
CA VAL A 541 -1.22 32.54 8.54
C VAL A 541 -1.79 33.95 8.72
N SER A 542 -2.46 34.17 9.85
CA SER A 542 -2.91 35.49 10.26
C SER A 542 -2.28 35.74 11.65
N CYS A 543 -1.37 36.73 11.74
CA CYS A 543 -0.66 36.98 12.99
C CYS A 543 -0.02 38.36 13.03
N LYS A 544 0.54 38.70 14.19
CA LYS A 544 1.32 39.92 14.42
C LYS A 544 2.75 39.41 14.57
N LEU A 545 3.73 40.13 13.98
CA LEU A 545 5.14 39.74 14.06
C LEU A 545 5.99 40.82 14.68
N GLY A 546 7.05 40.41 15.36
CA GLY A 546 8.01 41.28 16.02
C GLY A 546 7.38 42.28 16.97
N LYS A 547 7.87 43.54 16.91
CA LYS A 547 7.38 44.66 17.73
C LYS A 547 6.38 45.53 16.93
N ASP A 548 5.94 45.00 15.75
CA ASP A 548 4.96 45.60 14.83
C ASP A 548 3.54 45.25 15.33
N PRO A 549 2.73 46.29 15.69
CA PRO A 549 1.39 46.00 16.24
C PRO A 549 0.37 45.43 15.24
N ASN A 550 0.58 45.69 13.94
CA ASN A 550 -0.32 45.25 12.86
C ASN A 550 -0.49 43.74 12.74
N THR A 551 -1.71 43.30 12.32
CA THR A 551 -2.05 41.90 12.03
C THR A 551 -2.08 41.70 10.50
N TYR A 552 -1.30 40.70 10.03
CA TYR A 552 -1.14 40.43 8.60
C TYR A 552 -1.59 39.05 8.14
N PHE A 553 -1.97 38.94 6.85
CA PHE A 553 -2.31 37.70 6.16
C PHE A 553 -1.05 37.34 5.41
N ILE A 554 -0.37 36.27 5.84
CA ILE A 554 0.90 35.86 5.24
C ILE A 554 0.66 34.60 4.41
N VAL A 555 1.11 34.64 3.14
CA VAL A 555 0.91 33.55 2.19
C VAL A 555 2.25 32.98 1.70
N GLY A 556 2.33 31.64 1.69
CA GLY A 556 3.48 30.89 1.23
C GLY A 556 3.15 30.29 -0.11
N THR A 557 4.04 30.49 -1.09
CA THR A 557 3.78 30.04 -2.47
C THR A 557 4.85 29.14 -3.10
N ALA A 558 4.60 28.73 -4.35
CA ALA A 558 5.49 27.94 -5.19
C ALA A 558 5.20 28.21 -6.65
N MET A 559 6.25 28.23 -7.46
CA MET A 559 6.11 28.42 -8.90
C MET A 559 6.00 27.04 -9.55
N VAL A 560 4.81 26.76 -10.12
CA VAL A 560 4.49 25.49 -10.75
C VAL A 560 4.46 25.67 -12.27
N TYR A 561 5.53 25.25 -12.95
CA TYR A 561 5.62 25.40 -14.40
C TYR A 561 5.27 24.14 -15.17
N PRO A 562 4.74 24.29 -16.42
CA PRO A 562 4.35 23.11 -17.18
C PRO A 562 5.52 22.43 -17.90
N GLU A 563 6.72 22.51 -17.32
CA GLU A 563 7.93 21.87 -17.85
C GLU A 563 8.64 21.04 -16.79
N GLU A 564 8.70 21.56 -15.55
CA GLU A 564 9.35 20.90 -14.42
C GLU A 564 8.38 20.12 -13.50
N ALA A 565 8.96 19.26 -12.65
CA ALA A 565 8.24 18.40 -11.71
C ALA A 565 8.30 18.93 -10.27
N GLU A 566 9.48 19.38 -9.81
CA GLU A 566 9.66 19.85 -8.42
C GLU A 566 9.77 21.39 -8.35
N PRO A 567 9.19 22.09 -7.34
CA PRO A 567 9.34 23.55 -7.30
C PRO A 567 10.72 23.97 -6.81
N LYS A 568 11.33 24.90 -7.53
CA LYS A 568 12.66 25.41 -7.23
C LYS A 568 12.62 26.91 -6.91
N GLN A 569 11.40 27.50 -6.94
CA GLN A 569 11.12 28.93 -6.70
C GLN A 569 9.77 29.10 -5.97
N GLY A 570 9.69 30.14 -5.14
CA GLY A 570 8.50 30.48 -4.37
C GLY A 570 8.62 31.81 -3.68
N ARG A 571 7.57 32.23 -2.94
CA ARG A 571 7.57 33.52 -2.23
C ARG A 571 6.83 33.44 -0.91
N ILE A 572 7.20 34.33 0.02
CA ILE A 572 6.45 34.53 1.25
C ILE A 572 5.98 35.95 1.09
N VAL A 573 4.66 36.15 1.06
CA VAL A 573 4.06 37.46 0.83
C VAL A 573 3.26 37.91 2.04
N VAL A 574 3.58 39.12 2.55
CA VAL A 574 2.93 39.74 3.71
C VAL A 574 1.91 40.78 3.23
N PHE A 575 0.63 40.56 3.57
CA PHE A 575 -0.48 41.40 3.16
C PHE A 575 -1.15 42.01 4.36
N GLN A 576 -1.71 43.22 4.19
CA GLN A 576 -2.50 43.88 5.21
C GLN A 576 -3.85 44.24 4.56
N TYR A 577 -4.94 43.79 5.21
CA TYR A 577 -6.29 44.09 4.74
C TYR A 577 -6.84 45.33 5.43
N SER A 578 -7.12 46.39 4.65
CA SER A 578 -7.72 47.64 5.12
C SER A 578 -8.54 48.35 4.04
N ASP A 579 -9.67 48.96 4.45
CA ASP A 579 -10.63 49.70 3.60
C ASP A 579 -11.09 48.89 2.38
N GLY A 580 -11.44 47.63 2.63
CA GLY A 580 -11.93 46.71 1.61
C GLY A 580 -10.92 46.26 0.57
N LYS A 581 -9.61 46.50 0.81
CA LYS A 581 -8.54 46.11 -0.13
C LYS A 581 -7.31 45.50 0.57
N LEU A 582 -6.56 44.69 -0.19
CA LEU A 582 -5.36 44.03 0.28
C LEU A 582 -4.11 44.76 -0.26
N GLN A 583 -3.20 45.16 0.65
CA GLN A 583 -1.95 45.83 0.29
C GLN A 583 -0.78 44.93 0.53
N THR A 584 0.12 44.81 -0.48
CA THR A 584 1.32 43.97 -0.36
C THR A 584 2.38 44.76 0.45
N VAL A 585 2.56 44.37 1.72
CA VAL A 585 3.47 44.98 2.69
C VAL A 585 4.93 44.58 2.37
N ALA A 586 5.17 43.25 2.16
CA ALA A 586 6.51 42.70 1.86
C ALA A 586 6.45 41.37 1.12
N GLU A 587 7.51 41.07 0.35
CA GLU A 587 7.74 39.84 -0.40
C GLU A 587 9.15 39.34 -0.06
N LYS A 588 9.29 38.00 0.07
CA LYS A 588 10.56 37.32 0.35
C LYS A 588 10.69 36.12 -0.58
N GLU A 589 11.76 36.13 -1.38
CA GLU A 589 12.00 35.05 -2.34
C GLU A 589 12.54 33.84 -1.63
N VAL A 590 12.07 32.66 -2.05
CA VAL A 590 12.57 31.37 -1.56
C VAL A 590 12.98 30.51 -2.75
N LYS A 591 13.83 29.54 -2.53
CA LYS A 591 14.27 28.62 -3.59
C LYS A 591 13.55 27.24 -3.45
N GLY A 592 12.23 27.29 -3.33
CA GLY A 592 11.39 26.10 -3.22
C GLY A 592 9.96 26.40 -2.84
N ALA A 593 9.20 25.38 -2.46
CA ALA A 593 7.78 25.50 -2.09
C ALA A 593 7.62 25.82 -0.60
N VAL A 594 6.85 26.87 -0.25
CA VAL A 594 6.62 27.19 1.16
C VAL A 594 5.43 26.37 1.64
N TYR A 595 5.65 25.11 2.05
CA TYR A 595 4.60 24.16 2.44
C TYR A 595 3.80 24.52 3.65
N SER A 596 4.44 25.00 4.71
CA SER A 596 3.75 25.33 5.96
C SER A 596 4.41 26.51 6.61
N MET A 597 3.60 27.33 7.31
CA MET A 597 4.00 28.53 8.07
C MET A 597 3.23 28.57 9.37
N VAL A 598 3.88 28.93 10.46
CA VAL A 598 3.28 29.01 11.79
C VAL A 598 3.88 30.25 12.51
N GLU A 599 3.03 31.04 13.28
CA GLU A 599 3.49 32.16 14.12
C GLU A 599 4.31 31.45 15.18
N PHE A 600 5.50 31.95 15.50
CA PHE A 600 6.33 31.33 16.50
C PHE A 600 7.01 32.42 17.32
N ASN A 601 6.42 32.72 18.48
CA ASN A 601 6.93 33.72 19.44
C ASN A 601 7.27 35.07 18.73
N GLY A 602 6.31 35.57 17.94
CA GLY A 602 6.44 36.80 17.16
C GLY A 602 7.41 36.72 15.99
N LYS A 603 7.82 35.48 15.61
CA LYS A 603 8.68 35.19 14.45
C LYS A 603 7.85 34.32 13.48
N LEU A 604 8.33 34.19 12.24
CA LEU A 604 7.65 33.37 11.25
C LEU A 604 8.44 32.09 10.99
N LEU A 605 7.83 30.95 11.33
CA LEU A 605 8.41 29.64 11.10
C LEU A 605 7.84 29.12 9.79
N ALA A 606 8.69 28.79 8.81
CA ALA A 606 8.25 28.34 7.48
C ALA A 606 9.06 27.16 6.99
N SER A 607 8.41 26.28 6.17
CA SER A 607 9.13 25.12 5.63
C SER A 607 9.18 25.17 4.15
N ILE A 608 10.40 25.29 3.61
CA ILE A 608 10.68 25.39 2.18
C ILE A 608 11.32 24.11 1.66
N ASN A 609 10.53 23.31 0.96
CA ASN A 609 10.93 22.02 0.43
C ASN A 609 11.36 21.10 1.60
N SER A 610 12.69 20.98 1.83
CA SER A 610 13.25 20.12 2.85
C SER A 610 13.94 20.90 3.98
N THR A 611 13.77 22.23 3.99
CA THR A 611 14.39 23.03 5.03
C THR A 611 13.31 23.70 5.86
N VAL A 612 13.47 23.69 7.21
CA VAL A 612 12.58 24.43 8.10
C VAL A 612 13.37 25.62 8.47
N ARG A 613 12.78 26.83 8.30
CA ARG A 613 13.44 28.13 8.48
C ARG A 613 12.68 29.07 9.40
N LEU A 614 13.44 29.81 10.22
CA LEU A 614 12.90 30.83 11.13
C LEU A 614 13.24 32.21 10.59
N TYR A 615 12.19 33.05 10.43
CA TYR A 615 12.30 34.42 9.93
C TYR A 615 11.96 35.45 10.99
N GLU A 616 12.73 36.54 11.00
CA GLU A 616 12.50 37.65 11.91
C GLU A 616 11.88 38.77 11.08
N TRP A 617 10.97 39.54 11.67
CA TRP A 617 10.30 40.65 11.00
C TRP A 617 10.94 41.91 11.52
N THR A 618 11.68 42.61 10.64
CA THR A 618 12.41 43.82 11.02
C THR A 618 11.50 45.07 11.13
N THR A 619 12.03 46.10 11.76
CA THR A 619 11.40 47.41 11.88
C THR A 619 11.30 48.06 10.47
N GLU A 620 12.07 47.52 9.49
CA GLU A 620 12.12 47.94 8.07
C GLU A 620 11.03 47.21 7.26
N LYS A 621 10.15 46.45 7.96
CA LYS A 621 9.06 45.67 7.39
C LYS A 621 9.56 44.64 6.33
N GLU A 622 10.61 43.88 6.71
CA GLU A 622 11.28 42.86 5.88
C GLU A 622 11.46 41.58 6.67
N LEU A 623 11.44 40.43 5.96
CA LEU A 623 11.70 39.13 6.55
C LEU A 623 13.20 38.85 6.41
N ARG A 624 13.86 38.57 7.54
CA ARG A 624 15.28 38.27 7.62
C ARG A 624 15.41 36.87 8.19
N THR A 625 16.08 35.98 7.44
CA THR A 625 16.23 34.60 7.90
C THR A 625 17.22 34.57 9.07
N GLU A 626 16.83 33.84 10.14
CA GLU A 626 17.65 33.71 11.35
C GLU A 626 18.37 32.35 11.40
N CYS A 627 17.62 31.25 11.33
CA CYS A 627 18.23 29.93 11.37
C CYS A 627 17.51 28.91 10.48
N ASN A 628 18.20 27.79 10.19
CA ASN A 628 17.70 26.74 9.33
C ASN A 628 17.98 25.36 9.87
N HIS A 629 17.08 24.44 9.60
CA HIS A 629 17.22 23.03 9.90
C HIS A 629 17.02 22.32 8.52
N TYR A 630 18.03 21.55 8.10
CA TYR A 630 18.07 20.91 6.78
C TYR A 630 17.78 19.42 6.72
N ASN A 631 17.74 18.73 7.88
CA ASN A 631 17.50 17.29 7.95
C ASN A 631 16.03 16.85 7.77
N ASN A 632 15.46 17.11 6.56
CA ASN A 632 14.09 16.71 6.18
C ASN A 632 14.06 16.23 4.73
N ILE A 633 13.00 15.52 4.36
CA ILE A 633 12.81 15.03 3.00
C ILE A 633 11.78 15.98 2.34
N MET A 634 10.58 16.07 2.95
CA MET A 634 9.55 17.02 2.58
C MET A 634 8.88 17.54 3.87
N ALA A 635 9.32 18.71 4.41
CA ALA A 635 8.76 19.22 5.66
C ALA A 635 7.45 19.90 5.35
N LEU A 636 6.37 19.11 5.38
CA LEU A 636 5.04 19.54 4.99
C LEU A 636 4.22 20.11 6.09
N TYR A 637 4.41 19.64 7.33
CA TYR A 637 3.56 20.03 8.47
C TYR A 637 4.32 20.58 9.66
N LEU A 638 3.91 21.76 10.15
CA LEU A 638 4.54 22.40 11.30
C LEU A 638 3.51 22.74 12.37
N LYS A 639 3.86 22.45 13.64
CA LYS A 639 3.06 22.73 14.84
C LYS A 639 4.03 23.11 15.95
N THR A 640 3.71 24.13 16.74
CA THR A 640 4.61 24.60 17.80
C THR A 640 3.89 24.83 19.12
N LYS A 641 4.65 24.67 20.22
CA LYS A 641 4.17 24.91 21.57
C LYS A 641 5.34 25.43 22.35
N GLY A 642 5.35 26.73 22.51
CA GLY A 642 6.45 27.40 23.19
C GLY A 642 7.64 27.43 22.26
N ASP A 643 8.81 26.99 22.76
CA ASP A 643 10.02 26.93 21.94
C ASP A 643 10.18 25.57 21.21
N PHE A 644 9.19 24.67 21.35
CA PHE A 644 9.20 23.37 20.69
C PHE A 644 8.48 23.35 19.37
N ILE A 645 9.08 22.68 18.36
CA ILE A 645 8.53 22.55 17.01
C ILE A 645 8.33 21.08 16.67
N LEU A 646 7.15 20.71 16.16
CA LEU A 646 6.84 19.36 15.73
C LEU A 646 6.79 19.43 14.24
N VAL A 647 7.73 18.73 13.57
CA VAL A 647 7.82 18.71 12.12
C VAL A 647 7.29 17.39 11.58
N GLY A 648 6.37 17.49 10.64
CA GLY A 648 5.75 16.35 9.99
C GLY A 648 6.31 16.24 8.60
N ASP A 649 6.77 15.03 8.21
CA ASP A 649 7.35 14.79 6.90
C ASP A 649 6.43 13.97 6.05
N LEU A 650 6.40 14.21 4.75
CA LEU A 650 5.54 13.39 3.90
C LEU A 650 6.03 11.94 3.88
N MET A 651 7.33 11.70 4.08
CA MET A 651 7.91 10.36 4.00
C MET A 651 8.73 9.90 5.20
N ARG A 652 9.12 10.83 6.05
CA ARG A 652 10.01 10.53 7.14
C ARG A 652 9.43 10.69 8.53
N SER A 653 8.19 10.26 8.77
CA SER A 653 7.60 10.33 10.12
C SER A 653 7.62 11.78 10.71
N VAL A 654 7.83 11.91 12.03
CA VAL A 654 7.88 13.21 12.71
C VAL A 654 9.19 13.46 13.44
N LEU A 655 9.42 14.71 13.83
CA LEU A 655 10.60 15.10 14.60
C LEU A 655 10.31 16.31 15.45
N LEU A 656 11.04 16.40 16.55
CA LEU A 656 10.94 17.47 17.51
C LEU A 656 12.22 18.29 17.50
N LEU A 657 12.03 19.59 17.28
CA LEU A 657 13.09 20.60 17.28
C LEU A 657 12.82 21.52 18.42
N ALA A 658 13.84 22.27 18.81
CA ALA A 658 13.70 23.26 19.85
C ALA A 658 14.45 24.47 19.42
N TYR A 659 13.82 25.64 19.57
CA TYR A 659 14.50 26.87 19.26
C TYR A 659 15.25 27.26 20.53
N LYS A 660 16.53 27.60 20.37
CA LYS A 660 17.41 27.96 21.48
C LYS A 660 17.59 29.49 21.43
N PRO A 661 16.78 30.26 22.23
CA PRO A 661 16.81 31.74 22.16
C PRO A 661 18.15 32.39 22.33
N MET A 662 18.96 31.88 23.26
CA MET A 662 20.30 32.41 23.56
C MET A 662 21.36 31.93 22.60
N GLU A 663 20.96 30.99 21.72
CA GLU A 663 21.83 30.40 20.72
C GLU A 663 21.51 30.85 19.30
N GLY A 664 20.30 31.35 19.04
CA GLY A 664 19.87 31.82 17.73
C GLY A 664 19.89 30.75 16.65
N ASN A 665 19.51 29.50 17.04
CA ASN A 665 19.52 28.34 16.18
C ASN A 665 18.56 27.25 16.68
N PHE A 666 18.26 26.28 15.83
CA PHE A 666 17.41 25.17 16.23
C PHE A 666 18.30 24.07 16.81
N GLU A 667 17.70 23.13 17.55
CA GLU A 667 18.36 21.96 18.14
C GLU A 667 17.45 20.79 17.91
N GLU A 668 17.94 19.76 17.25
CA GLU A 668 17.16 18.56 16.92
C GLU A 668 17.05 17.74 18.22
N ILE A 669 15.89 17.80 18.90
CA ILE A 669 15.66 17.13 20.20
C ILE A 669 15.52 15.64 20.05
N ALA A 670 14.49 15.18 19.31
CA ALA A 670 14.25 13.76 19.11
C ALA A 670 13.51 13.51 17.85
N ARG A 671 13.65 12.31 17.28
CA ARG A 671 12.88 11.95 16.09
C ARG A 671 12.21 10.57 16.20
N ASP A 672 11.09 10.41 15.54
CA ASP A 672 10.38 9.14 15.52
C ASP A 672 11.07 8.33 14.42
N PHE A 673 11.82 7.28 14.80
CA PHE A 673 12.56 6.47 13.81
C PHE A 673 11.73 5.52 12.98
N ASN A 674 10.41 5.54 13.13
CA ASN A 674 9.49 4.66 12.45
C ASN A 674 9.14 5.15 11.07
N PRO A 675 9.08 4.23 10.09
CA PRO A 675 8.62 4.63 8.74
C PRO A 675 7.14 5.06 8.78
N ASN A 676 6.80 6.33 8.45
CA ASN A 676 5.41 6.82 8.44
C ASN A 676 5.26 7.91 7.42
N TRP A 677 4.27 7.76 6.53
CA TRP A 677 3.89 8.72 5.49
C TRP A 677 2.76 9.54 6.07
N MET A 678 3.14 10.70 6.63
CA MET A 678 2.26 11.60 7.36
C MET A 678 1.20 12.37 6.53
N SER A 679 0.03 12.58 7.12
CA SER A 679 -1.01 13.38 6.52
C SER A 679 -1.23 14.64 7.35
N ALA A 680 -1.09 14.53 8.69
CA ALA A 680 -1.27 15.65 9.63
C ALA A 680 -0.62 15.33 10.98
N VAL A 681 -0.22 16.41 11.72
CA VAL A 681 0.44 16.34 13.04
C VAL A 681 -0.17 17.34 14.01
N GLU A 682 -0.08 17.06 15.31
CA GLU A 682 -0.56 17.96 16.37
C GLU A 682 0.22 17.80 17.68
N ILE A 683 0.42 18.89 18.45
CA ILE A 683 1.10 18.80 19.75
C ILE A 683 0.01 18.74 20.80
N LEU A 684 -0.05 17.61 21.52
CA LEU A 684 -1.06 17.41 22.56
C LEU A 684 -0.68 18.20 23.81
N ASP A 685 0.58 18.04 24.22
CA ASP A 685 1.21 18.73 25.34
C ASP A 685 2.72 18.69 25.12
N ASP A 686 3.48 19.37 25.99
CA ASP A 686 4.94 19.46 25.94
C ASP A 686 5.66 18.13 25.65
N ASP A 687 5.04 16.98 26.03
CA ASP A 687 5.69 15.68 25.91
C ASP A 687 4.95 14.69 24.99
N ASN A 688 3.75 15.01 24.51
CA ASN A 688 2.98 14.09 23.65
C ASN A 688 2.56 14.68 22.31
N PHE A 689 2.93 13.98 21.24
CA PHE A 689 2.74 14.42 19.86
C PHE A 689 1.86 13.44 19.11
N LEU A 690 0.86 13.96 18.41
CA LEU A 690 -0.14 13.19 17.68
C LEU A 690 0.17 13.20 16.20
N GLY A 691 0.13 12.00 15.62
CA GLY A 691 0.35 11.78 14.19
C GLY A 691 -0.75 11.00 13.51
N ALA A 692 -1.08 11.37 12.26
CA ALA A 692 -2.06 10.67 11.42
C ALA A 692 -1.33 10.33 10.12
N GLU A 693 -1.40 9.06 9.67
CA GLU A 693 -0.72 8.65 8.44
C GLU A 693 -1.62 8.08 7.35
N ASN A 694 -0.99 7.83 6.20
CA ASN A 694 -1.60 7.38 4.94
C ASN A 694 -2.39 6.06 5.01
N ALA A 695 -2.11 5.22 6.03
CA ALA A 695 -2.73 3.92 6.26
C ALA A 695 -3.98 3.99 7.16
N PHE A 696 -4.45 5.22 7.46
CA PHE A 696 -5.64 5.61 8.25
C PHE A 696 -5.51 5.30 9.71
N ASN A 697 -4.27 5.34 10.24
CA ASN A 697 -3.97 5.13 11.65
C ASN A 697 -3.60 6.44 12.34
N LEU A 698 -3.75 6.46 13.66
CA LEU A 698 -3.36 7.53 14.56
C LEU A 698 -2.29 6.93 15.42
N PHE A 699 -1.33 7.74 15.82
CA PHE A 699 -0.26 7.34 16.73
C PHE A 699 0.17 8.50 17.62
N VAL A 700 0.66 8.18 18.82
CA VAL A 700 1.13 9.19 19.76
C VAL A 700 2.58 8.94 20.12
N CYS A 701 3.40 9.96 19.94
CA CYS A 701 4.82 10.00 20.22
C CYS A 701 5.09 10.66 21.52
N GLN A 702 6.05 10.12 22.24
CA GLN A 702 6.40 10.64 23.53
C GLN A 702 7.91 10.67 23.68
N LYS A 703 8.44 11.69 24.41
CA LYS A 703 9.88 11.79 24.69
C LYS A 703 10.19 10.60 25.60
N ASP A 704 11.23 9.83 25.27
CA ASP A 704 11.61 8.67 26.06
C ASP A 704 12.06 9.05 27.51
N SER A 705 11.19 8.77 28.50
CA SER A 705 11.47 9.07 29.91
C SER A 705 11.99 7.81 30.61
N THR A 708 19.50 9.48 32.06
CA THR A 708 19.24 8.87 30.75
C THR A 708 20.28 9.37 29.71
N THR A 709 20.74 8.46 28.83
CA THR A 709 21.73 8.74 27.77
C THR A 709 21.16 9.68 26.69
N ASP A 710 22.04 10.50 26.04
CA ASP A 710 21.67 11.44 24.97
C ASP A 710 20.98 10.74 23.79
N GLU A 711 21.46 9.55 23.39
CA GLU A 711 20.90 8.75 22.30
C GLU A 711 19.49 8.30 22.63
N GLU A 712 19.25 7.96 23.91
CA GLU A 712 17.93 7.53 24.37
C GLU A 712 16.91 8.67 24.38
N ARG A 713 17.37 9.89 24.71
CA ARG A 713 16.56 11.12 24.74
C ARG A 713 16.20 11.57 23.33
N GLN A 714 17.05 11.23 22.35
CA GLN A 714 16.91 11.57 20.93
C GLN A 714 15.93 10.67 20.16
N HIS A 715 15.25 9.77 20.89
CA HIS A 715 14.35 8.81 20.31
C HIS A 715 12.92 8.97 20.82
N LEU A 716 11.98 9.40 19.92
CA LEU A 716 10.55 9.53 20.22
C LEU A 716 9.91 8.14 20.16
N GLN A 717 9.11 7.81 21.17
CA GLN A 717 8.47 6.50 21.28
C GLN A 717 6.99 6.54 20.95
N GLU A 718 6.56 5.61 20.10
CA GLU A 718 5.15 5.50 19.70
C GLU A 718 4.43 4.67 20.73
N VAL A 719 3.87 5.36 21.72
CA VAL A 719 3.19 4.79 22.88
C VAL A 719 1.70 4.52 22.65
N GLY A 720 1.08 5.25 21.72
CA GLY A 720 -0.32 5.11 21.36
C GLY A 720 -0.47 4.76 19.91
N LEU A 721 -1.29 3.73 19.62
CA LEU A 721 -1.59 3.24 18.26
C LEU A 721 -3.11 2.99 18.12
N PHE A 722 -3.73 3.42 17.00
CA PHE A 722 -5.18 3.24 16.79
C PHE A 722 -5.56 3.32 15.33
N HIS A 723 -6.24 2.31 14.80
CA HIS A 723 -6.71 2.38 13.41
C HIS A 723 -7.99 3.22 13.35
N LEU A 724 -7.88 4.47 12.86
CA LEU A 724 -9.01 5.38 12.77
C LEU A 724 -9.95 4.99 11.66
N GLY A 725 -9.42 4.66 10.49
CA GLY A 725 -10.26 4.34 9.35
C GLY A 725 -10.59 5.56 8.51
N GLU A 726 -9.97 6.70 8.81
CA GLU A 726 -10.19 7.94 8.06
C GLU A 726 -8.84 8.53 7.64
N PHE A 727 -8.81 9.40 6.62
CA PHE A 727 -7.61 10.11 6.20
C PHE A 727 -7.71 11.58 6.75
N VAL A 728 -6.91 11.95 7.79
CA VAL A 728 -6.90 13.26 8.45
C VAL A 728 -6.04 14.32 7.71
N ASN A 729 -6.66 15.43 7.34
CA ASN A 729 -6.00 16.53 6.67
C ASN A 729 -5.76 17.74 7.60
N VAL A 730 -6.37 17.77 8.80
CA VAL A 730 -6.27 18.92 9.69
C VAL A 730 -6.65 18.59 11.14
N PHE A 731 -5.77 19.01 12.05
CA PHE A 731 -5.89 18.89 13.49
C PHE A 731 -5.90 20.31 14.03
N CYS A 732 -6.82 20.61 14.96
CA CYS A 732 -6.82 21.91 15.60
C CYS A 732 -7.46 21.88 17.00
N HIS A 733 -6.86 22.63 17.94
CA HIS A 733 -7.34 22.70 19.32
C HIS A 733 -8.66 23.51 19.43
N PRO A 747 -12.47 14.01 34.16
CA PRO A 747 -12.96 13.26 32.99
C PRO A 747 -11.93 13.19 31.84
N THR A 748 -12.01 14.12 30.87
CA THR A 748 -11.04 14.22 29.77
C THR A 748 -10.33 15.57 29.81
N GLN A 749 -9.08 15.62 29.34
CA GLN A 749 -8.30 16.85 29.30
C GLN A 749 -7.86 17.18 27.86
N GLY A 750 -8.21 18.40 27.44
CA GLY A 750 -7.92 18.91 26.10
C GLY A 750 -8.95 18.53 25.04
N SER A 751 -8.97 19.27 23.93
CA SER A 751 -9.87 18.99 22.81
C SER A 751 -9.18 19.33 21.52
N VAL A 752 -8.75 18.28 20.80
CA VAL A 752 -8.17 18.40 19.47
C VAL A 752 -9.20 17.85 18.50
N LEU A 753 -9.79 18.75 17.67
CA LEU A 753 -10.78 18.43 16.64
C LEU A 753 -10.03 18.14 15.34
N PHE A 754 -10.51 17.16 14.56
CA PHE A 754 -9.87 16.79 13.30
C PHE A 754 -10.87 16.63 12.16
N GLY A 755 -10.46 17.08 10.98
CA GLY A 755 -11.21 17.03 9.73
C GLY A 755 -10.61 15.99 8.83
N THR A 756 -11.46 15.20 8.16
CA THR A 756 -11.05 14.10 7.28
C THR A 756 -11.52 14.23 5.85
N VAL A 757 -11.01 13.36 4.97
CA VAL A 757 -11.33 13.31 3.55
C VAL A 757 -12.78 12.93 3.30
N ASN A 758 -13.36 12.07 4.17
CA ASN A 758 -14.74 11.62 4.06
C ASN A 758 -15.79 12.55 4.71
N GLY A 759 -15.33 13.72 5.18
CA GLY A 759 -16.16 14.70 5.85
C GLY A 759 -16.52 14.34 7.29
N MET A 760 -15.82 13.33 7.86
CA MET A 760 -16.00 12.90 9.25
C MET A 760 -15.24 13.91 10.10
N ILE A 761 -15.79 14.29 11.27
CA ILE A 761 -15.18 15.21 12.22
C ILE A 761 -15.08 14.46 13.54
N GLY A 762 -13.89 14.46 14.14
CA GLY A 762 -13.66 13.73 15.37
C GLY A 762 -12.97 14.55 16.44
N LEU A 763 -12.93 14.02 17.67
CA LEU A 763 -12.30 14.66 18.81
C LEU A 763 -11.32 13.72 19.47
N VAL A 764 -10.11 14.23 19.80
CA VAL A 764 -9.06 13.47 20.48
C VAL A 764 -8.81 14.20 21.74
N THR A 765 -8.84 13.47 22.84
CA THR A 765 -8.66 14.04 24.16
C THR A 765 -7.84 13.09 25.00
N SER A 766 -7.21 13.63 26.03
CA SER A 766 -6.36 12.86 26.94
C SER A 766 -7.10 12.36 28.17
N LEU A 767 -6.69 11.17 28.69
CA LEU A 767 -7.28 10.54 29.88
C LEU A 767 -6.20 10.29 30.92
N SER A 768 -6.60 10.20 32.20
CA SER A 768 -5.68 9.80 33.25
C SER A 768 -5.55 8.27 33.17
N GLU A 769 -4.56 7.67 33.84
CA GLU A 769 -4.29 6.22 33.85
C GLU A 769 -5.48 5.41 34.34
N SER A 770 -6.11 5.87 35.44
CA SER A 770 -7.27 5.27 36.08
C SER A 770 -8.53 5.33 35.19
N TRP A 771 -8.79 6.49 34.52
CA TRP A 771 -9.91 6.69 33.59
C TRP A 771 -9.75 5.74 32.39
N TYR A 772 -8.54 5.66 31.82
CA TYR A 772 -8.22 4.75 30.72
C TYR A 772 -8.49 3.30 31.14
N ASN A 773 -7.95 2.86 32.29
CA ASN A 773 -8.09 1.48 32.77
C ASN A 773 -9.55 1.03 32.87
N LEU A 774 -10.42 1.89 33.47
CA LEU A 774 -11.86 1.64 33.60
C LEU A 774 -12.56 1.55 32.22
N LEU A 775 -12.27 2.51 31.32
CA LEU A 775 -12.87 2.56 30.00
C LEU A 775 -12.41 1.38 29.10
N LEU A 776 -11.17 0.90 29.28
CA LEU A 776 -10.61 -0.23 28.54
C LEU A 776 -11.28 -1.53 28.97
N ASP A 777 -11.50 -1.72 30.28
CA ASP A 777 -12.18 -2.91 30.81
C ASP A 777 -13.64 -2.91 30.29
N MET A 778 -14.28 -1.72 30.31
CA MET A 778 -15.62 -1.48 29.79
C MET A 778 -15.70 -1.84 28.26
N GLN A 779 -14.66 -1.52 27.46
CA GLN A 779 -14.61 -1.88 26.05
C GLN A 779 -14.64 -3.40 25.84
N ASN A 780 -13.78 -4.12 26.59
CA ASN A 780 -13.70 -5.58 26.52
C ASN A 780 -15.04 -6.22 26.89
N ARG A 781 -15.72 -5.66 27.93
CA ARG A 781 -17.04 -6.12 28.37
C ARG A 781 -18.12 -5.83 27.30
N LEU A 782 -18.10 -4.63 26.69
CA LEU A 782 -19.06 -4.24 25.66
C LEU A 782 -18.92 -5.13 24.44
N ASN A 783 -17.69 -5.49 24.05
CA ASN A 783 -17.37 -6.34 22.90
C ASN A 783 -17.90 -7.78 23.03
N LYS A 784 -18.08 -8.27 24.28
CA LYS A 784 -18.62 -9.60 24.58
C LYS A 784 -20.16 -9.61 24.47
N VAL A 785 -20.79 -8.42 24.55
CA VAL A 785 -22.25 -8.20 24.53
C VAL A 785 -22.76 -7.64 23.17
N ILE A 786 -22.10 -6.59 22.66
CA ILE A 786 -22.42 -5.97 21.37
C ILE A 786 -21.88 -6.88 20.27
N LYS A 787 -22.73 -7.19 19.32
CA LYS A 787 -22.34 -8.05 18.22
C LYS A 787 -21.90 -7.24 17.00
N SER A 788 -21.02 -7.82 16.18
CA SER A 788 -20.55 -7.20 14.95
C SER A 788 -21.20 -7.83 13.71
N VAL A 789 -21.68 -6.97 12.78
CA VAL A 789 -22.21 -7.40 11.47
C VAL A 789 -21.01 -7.86 10.62
N GLY A 790 -21.08 -9.09 10.13
CA GLY A 790 -19.98 -9.70 9.39
C GLY A 790 -19.00 -10.41 10.30
N LYS A 791 -19.30 -10.39 11.62
CA LYS A 791 -18.54 -11.00 12.72
C LYS A 791 -17.04 -10.57 12.73
N ILE A 792 -16.80 -9.26 12.49
CA ILE A 792 -15.46 -8.65 12.48
C ILE A 792 -15.14 -8.29 13.93
N GLU A 793 -14.00 -8.72 14.50
CA GLU A 793 -13.69 -8.36 15.89
C GLU A 793 -13.37 -6.88 16.01
N HIS A 794 -13.92 -6.20 17.04
CA HIS A 794 -13.65 -4.76 17.27
C HIS A 794 -12.13 -4.50 17.41
N SER A 795 -11.44 -5.36 18.21
CA SER A 795 -10.00 -5.33 18.41
C SER A 795 -9.22 -5.41 17.07
N PHE A 796 -9.63 -6.30 16.16
CA PHE A 796 -9.03 -6.45 14.85
C PHE A 796 -9.18 -5.17 14.07
N TRP A 797 -10.41 -4.61 14.04
CA TRP A 797 -10.76 -3.37 13.35
C TRP A 797 -9.91 -2.18 13.81
N ARG A 798 -9.74 -2.02 15.12
CA ARG A 798 -9.02 -0.86 15.61
C ARG A 798 -7.48 -1.11 15.75
N SER A 799 -6.98 -2.31 15.36
CA SER A 799 -5.54 -2.64 15.39
C SER A 799 -4.81 -1.77 14.39
N PHE A 800 -3.70 -1.14 14.80
CA PHE A 800 -2.81 -0.35 13.94
C PHE A 800 -2.38 -1.26 12.77
N HIS A 801 -2.70 -0.84 11.54
CA HIS A 801 -2.41 -1.68 10.40
C HIS A 801 -1.80 -0.93 9.24
N THR A 802 -0.65 -1.47 8.77
CA THR A 802 0.09 -1.03 7.59
C THR A 802 0.51 -2.28 6.79
N GLU A 803 1.07 -2.06 5.59
CA GLU A 803 1.61 -3.11 4.72
C GLU A 803 2.88 -3.70 5.35
N ARG A 804 3.49 -2.97 6.29
CA ARG A 804 4.70 -3.39 7.01
C ARG A 804 4.38 -4.17 8.29
N LYS A 805 3.36 -3.76 9.09
CA LYS A 805 3.03 -4.39 10.38
C LYS A 805 1.58 -4.26 10.81
N THR A 806 1.16 -5.15 11.75
CA THR A 806 -0.17 -5.14 12.38
C THR A 806 0.03 -5.31 13.87
N GLU A 807 -0.47 -4.36 14.65
CA GLU A 807 -0.29 -4.36 16.09
C GLU A 807 -1.62 -3.99 16.74
N PRO A 808 -1.96 -4.57 17.91
CA PRO A 808 -3.22 -4.20 18.57
C PRO A 808 -3.19 -2.76 19.04
N ALA A 809 -4.33 -2.07 18.99
CA ALA A 809 -4.43 -0.67 19.40
C ALA A 809 -4.02 -0.52 20.84
N THR A 810 -3.26 0.51 21.14
CA THR A 810 -2.77 0.74 22.49
C THR A 810 -2.89 2.19 22.90
N GLY A 811 -3.19 2.41 24.18
CA GLY A 811 -3.35 3.75 24.75
C GLY A 811 -4.47 4.58 24.15
N PHE A 812 -5.40 3.94 23.40
CA PHE A 812 -6.54 4.60 22.77
C PHE A 812 -7.84 3.88 23.10
N ILE A 813 -8.87 4.71 23.45
CA ILE A 813 -10.25 4.31 23.79
C ILE A 813 -11.18 4.74 22.63
N ASP A 814 -11.99 3.80 22.16
CA ASP A 814 -12.96 4.08 21.12
C ASP A 814 -14.19 4.64 21.83
N GLY A 815 -14.29 5.98 21.81
CA GLY A 815 -15.39 6.72 22.41
C GLY A 815 -16.75 6.34 21.86
N ASP A 816 -16.82 6.02 20.55
CA ASP A 816 -18.03 5.59 19.88
C ASP A 816 -18.55 4.30 20.52
N LEU A 817 -17.64 3.33 20.77
CA LEU A 817 -18.00 2.05 21.39
C LEU A 817 -18.49 2.23 22.80
N ILE A 818 -17.76 3.01 23.63
CA ILE A 818 -18.16 3.21 25.02
C ILE A 818 -19.49 3.99 25.07
N GLU A 819 -19.71 4.99 24.17
CA GLU A 819 -20.96 5.77 24.11
C GLU A 819 -22.19 4.90 23.82
N SER A 820 -22.00 3.86 23.01
CA SER A 820 -23.04 2.90 22.64
C SER A 820 -23.61 2.13 23.83
N PHE A 821 -22.98 2.22 25.04
CA PHE A 821 -23.45 1.57 26.29
C PHE A 821 -24.82 2.14 26.70
N LEU A 822 -25.03 3.47 26.50
CA LEU A 822 -26.29 4.16 26.81
C LEU A 822 -27.46 3.68 25.91
N ASP A 823 -27.13 3.13 24.70
CA ASP A 823 -28.10 2.64 23.71
C ASP A 823 -28.47 1.15 23.87
N ILE A 824 -27.73 0.36 24.67
CA ILE A 824 -28.07 -1.06 24.91
C ILE A 824 -29.16 -1.14 26.00
N SER A 825 -29.96 -2.22 25.97
CA SER A 825 -31.06 -2.43 26.93
C SER A 825 -30.55 -2.57 28.37
N ARG A 826 -31.42 -2.26 29.36
CA ARG A 826 -31.09 -2.38 30.79
C ARG A 826 -30.60 -3.81 31.16
N PRO A 827 -31.24 -4.94 30.69
CA PRO A 827 -30.71 -6.27 31.05
C PRO A 827 -29.31 -6.53 30.52
N LYS A 828 -28.98 -5.93 29.36
CA LYS A 828 -27.65 -6.08 28.75
C LYS A 828 -26.61 -5.21 29.49
N MET A 829 -27.03 -4.07 30.05
CA MET A 829 -26.15 -3.17 30.82
C MET A 829 -25.61 -3.90 32.06
N GLN A 830 -26.49 -4.63 32.79
CA GLN A 830 -26.17 -5.41 33.99
C GLN A 830 -25.18 -6.54 33.69
N GLU A 831 -25.28 -7.16 32.49
CA GLU A 831 -24.35 -8.21 32.10
C GLU A 831 -22.98 -7.61 31.75
N VAL A 832 -22.94 -6.34 31.24
CA VAL A 832 -21.69 -5.61 30.93
C VAL A 832 -20.95 -5.23 32.22
N VAL A 833 -21.67 -4.65 33.21
CA VAL A 833 -21.12 -4.19 34.49
C VAL A 833 -21.04 -5.33 35.55
N ALA A 834 -21.32 -6.61 35.15
CA ALA A 834 -21.31 -7.78 36.05
C ALA A 834 -19.97 -8.07 36.70
N ASN A 835 -19.95 -8.08 38.05
CA ASN A 835 -18.80 -8.30 38.94
C ASN A 835 -17.60 -7.42 38.55
N LEU A 836 -17.90 -6.13 38.38
CA LEU A 836 -16.97 -5.07 38.06
C LEU A 836 -16.93 -4.14 39.26
N GLN A 837 -15.72 -3.83 39.73
CA GLN A 837 -15.45 -2.92 40.83
C GLN A 837 -14.28 -2.08 40.35
N TYR A 838 -13.09 -2.73 40.23
CA TYR A 838 -11.80 -2.23 39.75
C TYR A 838 -11.50 -0.76 40.15
N ASP A 839 -12.11 0.21 39.41
CA ASP A 839 -12.01 1.67 39.48
C ASP A 839 -11.14 2.20 40.63
N ASP A 840 -9.90 2.57 40.28
CA ASP A 840 -8.89 3.11 41.19
C ASP A 840 -8.78 4.63 40.96
N GLY A 841 -9.87 5.36 41.28
CA GLY A 841 -9.94 6.81 41.16
C GLY A 841 -9.05 7.50 42.17
N SER A 842 -7.73 7.54 41.84
CA SER A 842 -6.61 8.06 42.63
C SER A 842 -6.47 7.40 44.04
N GLY A 843 -6.34 6.05 44.07
CA GLY A 843 -6.19 5.30 45.32
C GLY A 843 -6.65 3.85 45.41
N MET A 844 -7.95 3.63 45.75
CA MET A 844 -8.55 2.31 46.00
C MET A 844 -9.70 1.90 45.06
N LYS A 845 -10.24 0.67 45.24
CA LYS A 845 -11.27 0.01 44.44
C LYS A 845 -12.74 0.40 44.74
N ARG A 846 -13.56 0.50 43.66
CA ARG A 846 -15.01 0.81 43.67
C ARG A 846 -15.84 -0.49 43.83
N GLU A 847 -17.05 -0.53 43.23
CA GLU A 847 -18.06 -1.60 43.22
C GLU A 847 -19.14 -1.05 42.27
N ALA A 848 -18.88 -1.16 40.94
CA ALA A 848 -19.68 -0.59 39.84
C ALA A 848 -21.02 -1.27 39.50
N THR A 849 -22.05 -0.43 39.39
CA THR A 849 -23.43 -0.76 39.01
C THR A 849 -23.70 -0.11 37.66
N ALA A 850 -24.86 -0.43 37.05
CA ALA A 850 -25.27 0.13 35.76
C ALA A 850 -25.38 1.66 35.85
N ASP A 851 -25.97 2.16 36.96
CA ASP A 851 -26.18 3.60 37.22
C ASP A 851 -24.88 4.39 37.40
N ASP A 852 -23.84 3.74 37.96
CA ASP A 852 -22.53 4.34 38.13
C ASP A 852 -21.92 4.65 36.76
N LEU A 853 -21.95 3.66 35.83
CA LEU A 853 -21.43 3.78 34.47
C LEU A 853 -22.30 4.65 33.58
N ILE A 854 -23.64 4.65 33.77
CA ILE A 854 -24.55 5.50 33.00
C ILE A 854 -24.13 6.96 33.20
N LYS A 855 -23.85 7.34 34.47
CA LYS A 855 -23.40 8.67 34.85
C LYS A 855 -22.04 8.99 34.21
N VAL A 856 -21.13 7.97 34.15
CA VAL A 856 -19.77 8.08 33.55
C VAL A 856 -19.86 8.37 32.04
N VAL A 857 -20.60 7.51 31.29
CA VAL A 857 -20.79 7.62 29.83
C VAL A 857 -21.53 8.92 29.44
N GLU A 858 -22.56 9.32 30.24
CA GLU A 858 -23.32 10.54 29.98
C GLU A 858 -22.44 11.81 30.06
N GLU A 859 -21.51 11.87 31.06
CA GLU A 859 -20.59 13.00 31.18
C GLU A 859 -19.66 13.03 29.96
N LEU A 860 -19.27 11.84 29.45
CA LEU A 860 -18.41 11.68 28.28
C LEU A 860 -19.08 12.14 26.99
N THR A 861 -20.44 11.98 26.86
CA THR A 861 -21.20 12.41 25.66
C THR A 861 -21.25 13.94 25.50
N ARG A 862 -21.07 14.67 26.63
CA ARG A 862 -21.06 16.13 26.72
C ARG A 862 -19.74 16.79 26.23
N ILE A 863 -18.69 15.98 25.88
CA ILE A 863 -17.42 16.50 25.36
C ILE A 863 -17.55 17.03 23.90
N HIS A 864 -18.63 16.61 23.21
CA HIS A 864 -18.95 16.98 21.82
C HIS A 864 -20.46 17.22 21.59
N GLU B 50 4.12 15.07 -14.38
CA GLU B 50 3.20 15.41 -13.30
C GLU B 50 3.96 16.13 -12.21
N HIS B 51 3.55 17.37 -11.90
CA HIS B 51 4.21 18.21 -10.91
C HIS B 51 3.94 17.69 -9.49
N VAL B 52 4.96 17.70 -8.61
CA VAL B 52 4.84 17.22 -7.22
C VAL B 52 3.69 17.90 -6.49
N LEU B 53 3.46 19.18 -6.78
CA LEU B 53 2.42 19.91 -6.08
C LEU B 53 1.07 19.52 -6.58
N LYS B 54 0.97 19.10 -7.86
CA LYS B 54 -0.28 18.64 -8.49
C LYS B 54 -0.58 17.26 -7.89
N GLN B 55 0.48 16.46 -7.68
CA GLN B 55 0.39 15.13 -7.06
C GLN B 55 -0.08 15.28 -5.60
N LEU B 56 0.46 16.25 -4.85
CA LEU B 56 0.14 16.50 -3.45
C LEU B 56 -1.26 17.00 -3.21
N GLU B 57 -1.82 17.72 -4.19
CA GLU B 57 -3.17 18.24 -4.07
C GLU B 57 -4.14 17.08 -4.21
N ARG B 58 -3.78 16.12 -5.10
CA ARG B 58 -4.60 14.95 -5.33
C ARG B 58 -4.80 14.22 -4.02
N VAL B 59 -3.74 14.14 -3.20
CA VAL B 59 -3.69 13.47 -1.90
C VAL B 59 -4.73 14.04 -0.97
N LYS B 60 -4.77 15.38 -0.83
CA LYS B 60 -5.65 16.10 0.07
C LYS B 60 -7.14 15.84 -0.19
N ILE B 61 -7.52 15.66 -1.46
CA ILE B 61 -8.93 15.46 -1.80
C ILE B 61 -9.29 13.98 -1.99
N SER B 62 -8.30 13.10 -2.15
CA SER B 62 -8.55 11.66 -2.30
C SER B 62 -8.31 10.84 -1.05
N GLY B 63 -7.29 11.19 -0.29
CA GLY B 63 -6.90 10.39 0.86
C GLY B 63 -6.14 9.16 0.39
N GLN B 64 -5.54 9.25 -0.80
CA GLN B 64 -4.77 8.19 -1.42
C GLN B 64 -3.38 8.68 -1.58
N LEU B 65 -2.54 8.34 -0.60
CA LEU B 65 -1.12 8.67 -0.48
C LEU B 65 -0.39 7.38 -0.29
N SER B 66 0.37 6.98 -1.28
CA SER B 66 1.19 5.78 -1.15
C SER B 66 2.47 5.96 -1.94
N PRO B 67 3.60 5.30 -1.59
CA PRO B 67 4.81 5.42 -2.43
C PRO B 67 4.63 4.92 -3.87
N ARG B 68 3.73 3.92 -4.10
CA ARG B 68 3.46 3.40 -5.44
C ARG B 68 2.61 4.38 -6.26
N LEU B 69 2.73 5.69 -5.96
CA LEU B 69 2.06 6.78 -6.66
C LEU B 69 3.11 7.87 -6.98
N PHE B 70 4.09 7.98 -6.09
CA PHE B 70 5.22 8.90 -6.22
C PHE B 70 6.37 8.16 -6.93
N ARG B 71 6.08 6.91 -7.38
CA ARG B 71 6.93 5.94 -8.10
C ARG B 71 7.74 6.56 -9.23
N LYS B 72 7.11 7.40 -10.05
CA LYS B 72 7.72 8.01 -11.22
C LYS B 72 8.47 9.32 -10.95
N LEU B 73 8.28 9.96 -9.77
CA LEU B 73 8.96 11.23 -9.55
C LEU B 73 10.41 11.08 -9.07
N PRO B 74 11.31 12.06 -9.41
CA PRO B 74 12.73 11.98 -8.98
C PRO B 74 12.98 11.99 -7.46
N PRO B 75 14.18 11.63 -6.94
CA PRO B 75 14.39 11.64 -5.49
C PRO B 75 14.18 13.01 -4.88
N ARG B 76 13.66 13.05 -3.65
CA ARG B 76 13.39 14.29 -2.96
C ARG B 76 14.69 14.85 -2.43
N VAL B 77 15.58 13.97 -1.92
CA VAL B 77 16.88 14.35 -1.36
C VAL B 77 18.00 13.48 -1.93
N CYS B 78 19.08 14.18 -2.34
CA CYS B 78 20.33 13.65 -2.87
C CYS B 78 21.45 14.25 -2.08
N VAL B 79 22.19 13.40 -1.41
CA VAL B 79 23.32 13.85 -0.64
C VAL B 79 24.55 13.03 -1.05
N SER B 80 25.68 13.69 -1.34
CA SER B 80 26.91 13.00 -1.74
C SER B 80 27.62 12.39 -0.54
N LEU B 81 28.12 11.15 -0.70
CA LEU B 81 28.80 10.36 0.32
C LEU B 81 29.92 11.14 0.94
N LYS B 82 30.64 11.93 0.13
CA LYS B 82 31.75 12.77 0.53
C LYS B 82 31.36 13.80 1.58
N ASN B 83 30.12 14.34 1.49
CA ASN B 83 29.67 15.39 2.39
C ASN B 83 29.08 14.88 3.72
N ILE B 84 28.92 13.55 3.88
CA ILE B 84 28.34 12.95 5.08
C ILE B 84 29.30 11.98 5.75
N VAL B 85 30.47 11.76 5.16
CA VAL B 85 31.39 10.81 5.75
C VAL B 85 32.46 11.50 6.58
N ASP B 86 32.69 10.93 7.79
CA ASP B 86 33.67 11.32 8.79
C ASP B 86 35.09 11.19 8.15
N GLU B 87 35.88 12.27 8.25
CA GLU B 87 37.23 12.38 7.68
C GLU B 87 38.28 11.36 8.23
N ASP B 88 38.09 10.81 9.46
CA ASP B 88 39.00 9.82 10.06
C ASP B 88 38.92 8.44 9.37
N PHE B 89 37.80 8.16 8.65
CA PHE B 89 37.51 6.91 7.92
C PHE B 89 37.85 6.99 6.41
N LEU B 90 38.63 8.01 6.02
CA LEU B 90 39.13 8.22 4.66
C LEU B 90 40.26 7.19 4.37
N TYR B 91 41.20 7.04 5.33
CA TYR B 91 42.34 6.10 5.28
C TYR B 91 41.88 4.63 5.45
N ALA B 92 40.67 4.43 6.01
CA ALA B 92 40.11 3.11 6.29
C ALA B 92 39.69 2.38 5.05
N GLY B 93 39.10 3.10 4.09
CA GLY B 93 38.65 2.52 2.82
C GLY B 93 37.43 1.62 2.90
N HIS B 94 36.33 2.15 3.43
CA HIS B 94 35.08 1.44 3.55
C HIS B 94 34.45 1.32 2.21
N ILE B 95 33.62 0.25 2.02
CA ILE B 95 32.86 -0.08 0.82
C ILE B 95 31.41 0.03 1.25
N PHE B 96 30.73 1.14 0.92
CA PHE B 96 29.34 1.35 1.34
C PHE B 96 28.39 0.46 0.58
N LEU B 97 27.53 -0.27 1.31
CA LEU B 97 26.56 -1.25 0.78
C LEU B 97 25.13 -0.71 0.54
N GLY B 98 24.74 0.33 1.28
CA GLY B 98 23.42 0.93 1.16
C GLY B 98 22.60 1.05 2.43
N PHE B 99 21.32 1.30 2.29
CA PHE B 99 20.43 1.49 3.43
C PHE B 99 19.80 0.21 3.92
N SER B 100 19.58 0.10 5.26
CA SER B 100 18.82 -1.00 5.83
C SER B 100 17.34 -0.78 5.42
N LYS B 101 16.43 -1.78 5.59
CA LYS B 101 15.05 -1.64 5.08
C LYS B 101 14.38 -0.36 5.64
N CYS B 102 14.54 -0.06 6.95
CA CYS B 102 14.11 1.22 7.54
C CYS B 102 15.27 2.18 7.21
N GLY B 103 14.96 3.37 6.74
CA GLY B 103 16.00 4.36 6.36
C GLY B 103 16.94 4.87 7.45
N ARG B 104 16.96 4.23 8.65
CA ARG B 104 17.76 4.65 9.79
C ARG B 104 19.25 4.42 9.60
N TYR B 105 19.64 3.22 9.12
CA TYR B 105 21.04 2.86 8.95
C TYR B 105 21.51 2.77 7.51
N VAL B 106 22.84 2.90 7.31
CA VAL B 106 23.53 2.75 6.04
C VAL B 106 24.74 1.87 6.38
N LEU B 107 24.83 0.69 5.79
CA LEU B 107 25.88 -0.26 6.08
C LEU B 107 27.10 -0.16 5.13
N SER B 108 28.28 -0.58 5.63
CA SER B 108 29.55 -0.62 4.87
C SER B 108 30.47 -1.75 5.38
N TYR B 109 31.41 -2.20 4.54
CA TYR B 109 32.33 -3.23 4.95
C TYR B 109 33.77 -2.83 4.70
N THR B 110 34.68 -3.57 5.32
CA THR B 110 36.12 -3.38 5.25
C THR B 110 36.74 -4.71 4.86
N SER B 111 37.64 -4.69 3.85
CA SER B 111 38.40 -5.86 3.40
C SER B 111 39.85 -5.61 3.74
N SER B 112 40.14 -5.53 5.05
CA SER B 112 41.50 -5.26 5.56
C SER B 112 42.41 -6.48 5.53
N SER B 113 43.73 -6.26 5.42
CA SER B 113 44.72 -7.35 5.34
C SER B 113 45.66 -7.39 6.54
N SER B 119 48.98 -11.85 5.00
CA SER B 119 48.63 -12.90 4.05
C SER B 119 47.11 -13.17 3.98
N PHE B 120 46.43 -13.08 5.14
CA PHE B 120 44.99 -13.33 5.27
C PHE B 120 44.18 -12.06 5.18
N TYR B 121 42.88 -12.19 4.85
CA TYR B 121 41.96 -11.07 4.80
C TYR B 121 41.03 -11.07 6.03
N ILE B 122 40.75 -9.88 6.57
CA ILE B 122 39.87 -9.68 7.72
C ILE B 122 38.68 -8.82 7.27
N TYR B 123 37.45 -9.28 7.55
CA TYR B 123 36.25 -8.55 7.14
C TYR B 123 35.50 -7.92 8.31
N HIS B 124 34.97 -6.71 8.10
CA HIS B 124 34.24 -5.97 9.12
C HIS B 124 32.93 -5.37 8.62
N LEU B 125 31.87 -5.50 9.40
CA LEU B 125 30.56 -4.94 9.03
C LEU B 125 30.25 -3.73 9.93
N TYR B 126 29.82 -2.61 9.32
CA TYR B 126 29.56 -1.35 10.00
C TYR B 126 28.14 -0.87 9.90
N TRP B 127 27.66 -0.26 10.97
CA TRP B 127 26.33 0.33 11.01
C TRP B 127 26.50 1.81 11.22
N TRP B 128 26.05 2.62 10.24
CA TRP B 128 26.15 4.08 10.30
C TRP B 128 24.76 4.68 10.45
N GLU B 129 24.62 5.59 11.38
CA GLU B 129 23.39 6.31 11.64
C GLU B 129 23.24 7.41 10.55
N PHE B 130 22.16 7.32 9.75
CA PHE B 130 21.88 8.28 8.68
C PHE B 130 20.89 9.34 9.13
N ASN B 131 21.17 10.60 8.78
CA ASN B 131 20.30 11.74 9.12
C ASN B 131 20.39 12.83 8.02
N VAL B 132 20.10 12.40 6.77
CA VAL B 132 20.09 13.18 5.52
C VAL B 132 21.47 13.95 5.38
N HIS B 133 21.60 15.27 5.71
CA HIS B 133 22.84 16.06 5.54
C HIS B 133 23.86 15.97 6.67
N SER B 134 23.44 15.43 7.80
CA SER B 134 24.27 15.25 8.97
C SER B 134 25.29 14.19 8.68
N LYS B 135 26.42 14.27 9.39
CA LYS B 135 27.49 13.27 9.24
C LYS B 135 27.00 11.88 9.72
N LEU B 136 27.61 10.84 9.16
CA LEU B 136 27.25 9.49 9.56
C LEU B 136 27.88 9.23 10.91
N LYS B 137 27.14 8.62 11.83
CA LYS B 137 27.65 8.32 13.16
C LYS B 137 27.75 6.81 13.25
N LEU B 138 28.98 6.30 13.52
CA LEU B 138 29.22 4.86 13.64
C LEU B 138 28.57 4.33 14.90
N VAL B 139 27.74 3.29 14.75
CA VAL B 139 26.95 2.67 15.83
C VAL B 139 27.52 1.30 16.23
N ARG B 140 27.80 0.44 15.23
CA ARG B 140 28.28 -0.92 15.44
C ARG B 140 29.34 -1.29 14.41
N GLN B 141 30.41 -1.94 14.87
CA GLN B 141 31.50 -2.46 14.05
C GLN B 141 31.73 -3.91 14.47
N VAL B 142 31.42 -4.86 13.59
CA VAL B 142 31.60 -6.28 13.92
C VAL B 142 32.62 -6.97 13.01
N ARG B 143 33.37 -7.96 13.56
CA ARG B 143 34.36 -8.73 12.80
C ARG B 143 33.69 -9.94 12.18
N LEU B 144 33.56 -9.91 10.86
CA LEU B 144 32.94 -10.97 10.10
C LEU B 144 33.84 -12.22 9.95
N PHE B 145 33.18 -13.40 9.99
CA PHE B 145 33.74 -14.75 9.84
C PHE B 145 34.87 -15.01 10.85
N GLN B 146 34.48 -15.06 12.13
CA GLN B 146 35.36 -15.24 13.27
C GLN B 146 36.16 -16.54 13.19
N ASP B 147 37.48 -16.44 13.54
CA ASP B 147 38.50 -17.50 13.53
C ASP B 147 38.62 -18.20 12.15
N GLU B 148 38.46 -17.42 11.06
CA GLU B 148 38.53 -17.91 9.70
C GLU B 148 39.53 -17.12 8.85
N GLU B 149 40.58 -17.82 8.36
CA GLU B 149 41.63 -17.22 7.53
C GLU B 149 41.27 -17.38 6.06
N ILE B 150 40.90 -16.26 5.39
CA ILE B 150 40.50 -16.21 3.97
C ILE B 150 41.67 -15.66 3.16
N TYR B 151 42.21 -16.48 2.24
CA TYR B 151 43.38 -16.10 1.47
C TYR B 151 43.04 -15.52 0.08
N SER B 152 41.75 -15.19 -0.16
CA SER B 152 41.29 -14.56 -1.40
C SER B 152 40.13 -13.61 -1.13
N ASP B 153 40.12 -12.45 -1.82
CA ASP B 153 39.08 -11.43 -1.65
C ASP B 153 37.69 -11.99 -2.03
N LEU B 154 36.77 -11.96 -1.05
CA LEU B 154 35.40 -12.46 -1.14
C LEU B 154 34.44 -11.46 -1.77
N TYR B 155 33.42 -12.00 -2.47
CA TYR B 155 32.34 -11.24 -3.02
C TYR B 155 31.32 -11.36 -1.92
N LEU B 156 31.27 -10.38 -0.99
CA LEU B 156 30.25 -10.50 0.06
C LEU B 156 28.92 -9.70 -0.25
N THR B 157 27.79 -10.20 0.32
CA THR B 157 26.43 -9.67 0.18
C THR B 157 25.73 -9.65 1.55
N VAL B 158 25.19 -8.50 1.92
CA VAL B 158 24.50 -8.37 3.20
C VAL B 158 23.02 -8.35 2.89
N CYS B 159 22.29 -9.24 3.55
CA CYS B 159 20.86 -9.41 3.34
C CYS B 159 20.04 -9.16 4.57
N GLU B 160 18.77 -8.89 4.37
CA GLU B 160 17.83 -8.63 5.46
C GLU B 160 16.55 -9.43 5.26
N TRP B 161 16.02 -10.00 6.34
CA TRP B 161 14.79 -10.78 6.29
C TRP B 161 13.53 -9.89 6.01
N PRO B 162 12.41 -10.52 5.49
CA PRO B 162 11.22 -9.73 5.15
C PRO B 162 10.63 -8.89 6.27
N SER B 163 10.46 -9.48 7.48
CA SER B 163 9.84 -8.83 8.65
C SER B 163 10.75 -8.72 9.86
N ASP B 164 11.79 -9.58 9.96
CA ASP B 164 12.71 -9.60 11.09
C ASP B 164 13.82 -8.56 10.95
N ALA B 165 13.68 -7.47 11.70
CA ALA B 165 14.65 -6.40 11.65
C ALA B 165 15.76 -6.57 12.70
N SER B 166 15.64 -7.61 13.60
CA SER B 166 16.60 -7.96 14.64
C SER B 166 17.97 -8.43 14.11
N LYS B 167 17.99 -9.18 13.00
CA LYS B 167 19.25 -9.71 12.46
C LYS B 167 19.51 -9.33 10.98
N VAL B 168 20.76 -9.59 10.49
CA VAL B 168 21.22 -9.46 9.09
C VAL B 168 22.08 -10.70 8.76
N ILE B 169 22.25 -11.05 7.47
CA ILE B 169 23.03 -12.22 7.00
C ILE B 169 24.09 -11.74 6.03
N VAL B 170 25.34 -12.23 6.21
CA VAL B 170 26.44 -11.83 5.36
C VAL B 170 26.92 -13.06 4.60
N PHE B 171 26.78 -13.07 3.29
CA PHE B 171 27.20 -14.18 2.48
C PHE B 171 28.42 -13.70 1.78
N GLY B 172 29.55 -14.33 2.04
CA GLY B 172 30.76 -14.05 1.31
C GLY B 172 31.26 -15.32 0.66
N PHE B 173 31.65 -15.23 -0.60
CA PHE B 173 32.23 -16.38 -1.31
C PHE B 173 33.41 -15.94 -2.16
N ASN B 174 34.38 -16.83 -2.36
CA ASN B 174 35.49 -16.53 -3.25
C ASN B 174 35.20 -17.12 -4.64
N THR B 175 35.81 -16.55 -5.70
CA THR B 175 35.66 -16.98 -7.09
C THR B 175 35.99 -18.49 -7.21
N ARG B 176 37.00 -18.96 -6.44
CA ARG B 176 37.46 -20.36 -6.40
C ARG B 176 38.29 -20.62 -5.14
N SER B 177 38.11 -21.80 -4.51
CA SER B 177 38.82 -22.19 -3.27
C SER B 177 40.33 -22.41 -3.46
N ALA B 178 41.06 -22.66 -2.37
CA ALA B 178 42.51 -22.82 -2.40
C ALA B 178 43.06 -23.98 -1.57
N ASN B 179 44.36 -24.26 -1.86
CA ASN B 179 45.38 -25.19 -1.40
C ASN B 179 45.48 -26.34 -2.33
N MET B 187 47.27 -21.75 -0.64
CA MET B 187 48.31 -21.08 -1.42
C MET B 187 47.97 -21.04 -2.93
N MET B 188 47.77 -22.23 -3.55
CA MET B 188 47.44 -22.48 -4.95
C MET B 188 45.91 -22.47 -5.12
N SER B 189 45.40 -21.94 -6.24
CA SER B 189 43.95 -21.94 -6.48
C SER B 189 43.44 -23.35 -6.92
N ASP B 190 42.48 -23.92 -6.16
CA ASP B 190 41.84 -25.23 -6.41
C ASP B 190 40.53 -25.07 -7.20
N GLU B 191 40.50 -25.59 -8.44
CA GLU B 191 39.40 -25.45 -9.36
C GLU B 191 38.13 -26.21 -9.01
N ASN B 192 38.19 -27.20 -8.15
CA ASN B 192 36.97 -27.98 -7.93
C ASN B 192 36.14 -27.53 -6.80
N HIS B 193 36.66 -26.61 -5.97
CA HIS B 193 35.91 -26.15 -4.81
C HIS B 193 35.76 -24.67 -4.73
N ARG B 194 34.78 -24.31 -3.93
CA ARG B 194 34.51 -22.93 -3.59
C ARG B 194 34.11 -22.83 -2.12
N ASP B 195 34.57 -21.77 -1.45
CA ASP B 195 34.28 -21.54 -0.05
C ASP B 195 33.12 -20.53 0.15
N ILE B 196 32.10 -20.94 0.91
CA ILE B 196 30.96 -20.09 1.24
C ILE B 196 31.09 -19.73 2.71
N TYR B 197 31.03 -18.46 3.03
CA TYR B 197 31.10 -17.96 4.39
C TYR B 197 29.80 -17.25 4.67
N VAL B 198 29.09 -17.63 5.76
CA VAL B 198 27.82 -16.97 6.08
C VAL B 198 27.81 -16.61 7.58
N SER B 199 27.51 -15.33 7.91
CA SER B 199 27.45 -14.78 9.26
C SER B 199 26.11 -14.16 9.54
N THR B 200 25.51 -14.47 10.70
CA THR B 200 24.24 -13.90 11.15
C THR B 200 24.54 -12.93 12.29
N VAL B 201 24.38 -11.63 12.03
CA VAL B 201 24.70 -10.60 13.01
C VAL B 201 23.44 -9.90 13.51
N ALA B 202 23.37 -9.64 14.82
CA ALA B 202 22.26 -8.91 15.47
C ALA B 202 22.44 -7.41 15.26
N VAL B 203 21.38 -6.72 14.88
CA VAL B 203 21.48 -5.28 14.64
C VAL B 203 21.42 -4.51 15.97
N PRO B 204 21.93 -3.24 16.01
CA PRO B 204 21.87 -2.46 17.26
C PRO B 204 20.45 -2.24 17.81
N PRO B 205 20.28 -2.03 19.14
CA PRO B 205 18.93 -1.80 19.67
C PRO B 205 18.31 -0.50 19.14
N PRO B 206 17.01 -0.52 18.75
CA PRO B 206 16.36 0.69 18.24
C PRO B 206 16.25 1.84 19.27
N GLY B 207 15.91 1.50 20.50
CA GLY B 207 15.80 2.49 21.56
C GLY B 207 16.51 2.08 22.82
N ARG B 208 15.99 2.54 23.96
CA ARG B 208 16.51 2.17 25.29
C ARG B 208 16.20 0.69 25.51
N CYS B 209 17.21 -0.10 25.91
CA CYS B 209 17.02 -1.54 26.16
C CYS B 209 17.39 -1.85 27.61
N ALA B 210 16.44 -2.41 28.39
CA ALA B 210 16.64 -2.72 29.82
C ALA B 210 17.72 -3.77 30.06
N ALA B 211 17.83 -4.75 29.13
CA ALA B 211 18.83 -5.80 29.24
C ALA B 211 20.22 -5.30 28.84
N CYS B 212 20.27 -4.31 27.90
CA CYS B 212 21.50 -3.70 27.41
C CYS B 212 22.11 -2.80 28.48
N GLN B 213 21.25 -2.09 29.26
CA GLN B 213 21.65 -1.21 30.36
C GLN B 213 22.58 -1.91 31.37
N ASP B 214 22.36 -3.23 31.61
CA ASP B 214 23.21 -4.07 32.45
C ASP B 214 24.52 -4.31 31.65
N ALA B 215 25.60 -3.64 32.07
CA ALA B 215 26.94 -3.68 31.46
C ALA B 215 28.03 -3.48 32.53
N SER B 216 29.20 -4.07 32.28
CA SER B 216 30.40 -4.03 33.14
C SER B 216 31.57 -3.29 32.43
N ARG B 217 31.50 -3.25 31.06
CA ARG B 217 32.46 -2.58 30.16
C ARG B 217 31.74 -1.96 28.94
N ALA B 218 32.34 -0.92 28.36
CA ALA B 218 31.82 -0.18 27.20
C ALA B 218 31.70 -1.03 25.94
N ALA B 225 28.29 -4.62 27.71
CA ALA B 225 28.01 -3.65 26.67
C ALA B 225 26.65 -3.87 25.99
N GLN B 226 26.41 -5.06 25.39
CA GLN B 226 25.14 -5.37 24.69
C GLN B 226 24.63 -6.79 25.03
N CYS B 227 23.31 -6.90 25.35
CA CYS B 227 22.63 -8.16 25.67
C CYS B 227 22.62 -9.11 24.48
N LEU B 228 22.25 -10.40 24.70
CA LEU B 228 22.18 -11.42 23.66
C LEU B 228 21.22 -11.09 22.51
N ARG B 229 20.02 -10.59 22.83
CA ARG B 229 18.99 -10.23 21.84
C ARG B 229 19.49 -9.17 20.88
N HIS B 230 20.20 -8.16 21.40
CA HIS B 230 20.72 -7.04 20.62
C HIS B 230 22.25 -7.03 20.52
N GLY B 231 22.86 -8.20 20.58
CA GLY B 231 24.32 -8.33 20.51
C GLY B 231 24.86 -9.74 20.54
N PHE B 232 24.63 -10.48 19.46
CA PHE B 232 25.12 -11.84 19.21
C PHE B 232 25.58 -11.94 17.73
N MET B 233 26.34 -13.00 17.43
CA MET B 233 26.86 -13.27 16.11
C MET B 233 26.93 -14.76 15.88
N LEU B 234 26.72 -15.18 14.65
CA LEU B 234 26.75 -16.59 14.27
C LEU B 234 27.58 -16.75 12.99
N HIS B 235 28.46 -17.77 12.95
CA HIS B 235 29.34 -17.99 11.80
C HIS B 235 29.31 -19.42 11.34
N THR B 236 29.42 -19.62 10.02
CA THR B 236 29.45 -20.94 9.40
C THR B 236 30.23 -20.88 8.03
N LYS B 237 30.93 -21.99 7.69
CA LYS B 237 31.71 -22.11 6.46
C LYS B 237 31.48 -23.49 5.83
N TYR B 238 31.29 -23.53 4.50
CA TYR B 238 31.07 -24.79 3.77
C TYR B 238 31.63 -24.78 2.35
N GLN B 239 32.12 -25.97 1.92
CA GLN B 239 32.68 -26.19 0.59
C GLN B 239 31.64 -26.76 -0.37
N VAL B 240 31.50 -26.08 -1.52
CA VAL B 240 30.60 -26.45 -2.60
C VAL B 240 31.41 -27.00 -3.80
N VAL B 241 30.79 -27.90 -4.56
CA VAL B 241 31.44 -28.51 -5.74
C VAL B 241 30.64 -28.22 -7.02
N TYR B 242 31.18 -28.65 -8.18
CA TYR B 242 30.57 -28.44 -9.49
C TYR B 242 29.32 -29.31 -9.72
N PRO B 243 28.24 -28.75 -10.33
CA PRO B 243 28.02 -27.35 -10.71
C PRO B 243 27.85 -26.50 -9.45
N PHE B 244 28.55 -25.35 -9.37
CA PHE B 244 28.51 -24.54 -8.14
C PHE B 244 27.11 -24.03 -7.85
N PRO B 245 26.53 -24.33 -6.64
CA PRO B 245 25.14 -23.91 -6.35
C PRO B 245 24.86 -22.44 -6.58
N THR B 246 23.68 -22.15 -7.11
CA THR B 246 23.24 -20.81 -7.39
C THR B 246 22.95 -20.01 -6.12
N PHE B 247 23.30 -18.71 -6.14
CA PHE B 247 22.99 -17.83 -5.05
C PHE B 247 21.55 -17.34 -5.33
N GLN B 248 20.60 -17.63 -4.40
CA GLN B 248 19.17 -17.30 -4.49
C GLN B 248 18.74 -16.56 -3.24
N PRO B 249 19.24 -15.32 -2.99
CA PRO B 249 18.97 -14.66 -1.70
C PRO B 249 17.52 -14.44 -1.30
N ALA B 250 16.64 -14.18 -2.30
CA ALA B 250 15.21 -13.94 -2.04
C ALA B 250 14.47 -15.20 -1.54
N PHE B 251 14.81 -16.35 -2.12
CA PHE B 251 14.18 -17.58 -1.69
C PHE B 251 14.82 -18.08 -0.41
N GLN B 252 16.16 -18.05 -0.34
CA GLN B 252 16.94 -18.51 0.82
C GLN B 252 16.53 -17.86 2.14
N LEU B 253 16.05 -16.61 2.10
CA LEU B 253 15.56 -15.90 3.28
C LEU B 253 14.02 -15.54 3.24
N LYS B 254 13.21 -16.22 2.37
CA LYS B 254 11.76 -15.95 2.25
C LYS B 254 11.03 -16.18 3.53
N LYS B 255 11.45 -17.19 4.32
CA LYS B 255 10.88 -17.44 5.64
C LYS B 255 11.75 -16.69 6.67
N ASP B 256 11.07 -15.81 7.47
CA ASP B 256 11.71 -15.00 8.52
C ASP B 256 12.45 -15.95 9.48
N GLN B 257 13.74 -15.63 9.76
CA GLN B 257 14.64 -16.31 10.71
C GLN B 257 15.24 -17.66 10.22
N VAL B 258 14.92 -18.04 8.96
CA VAL B 258 15.48 -19.24 8.32
C VAL B 258 16.33 -18.84 7.10
N VAL B 259 17.46 -19.51 6.96
CA VAL B 259 18.36 -19.37 5.84
C VAL B 259 18.41 -20.78 5.28
N LEU B 260 18.16 -20.92 3.98
CA LEU B 260 18.26 -22.20 3.30
C LEU B 260 19.64 -22.18 2.63
N LEU B 261 20.49 -23.16 2.95
CA LEU B 261 21.85 -23.18 2.43
C LEU B 261 22.12 -24.43 1.65
N ASN B 262 22.43 -24.27 0.36
CA ASN B 262 22.74 -25.39 -0.52
C ASN B 262 24.23 -25.67 -0.42
N THR B 263 24.57 -26.77 0.26
CA THR B 263 25.95 -27.21 0.48
C THR B 263 26.41 -28.16 -0.67
N SER B 264 25.66 -28.13 -1.80
CA SER B 264 25.75 -28.94 -3.03
C SER B 264 25.33 -30.43 -2.79
N TYR B 265 25.49 -30.93 -1.53
CA TYR B 265 25.11 -32.31 -1.11
C TYR B 265 23.80 -32.38 -0.30
N SER B 266 23.44 -31.27 0.37
CA SER B 266 22.20 -31.16 1.14
C SER B 266 21.73 -29.72 1.24
N LEU B 267 20.45 -29.51 1.53
CA LEU B 267 19.89 -28.17 1.75
C LEU B 267 19.64 -28.10 3.27
N VAL B 268 20.24 -27.11 3.94
CA VAL B 268 20.11 -27.00 5.39
C VAL B 268 19.27 -25.78 5.75
N ALA B 269 18.28 -25.98 6.62
CA ALA B 269 17.37 -24.94 7.11
C ALA B 269 17.91 -24.43 8.47
N CYS B 270 18.42 -23.19 8.47
CA CYS B 270 19.05 -22.58 9.63
C CYS B 270 18.24 -21.52 10.31
N ALA B 271 17.77 -21.88 11.53
CA ALA B 271 16.96 -20.97 12.35
C ALA B 271 17.67 -20.53 13.62
N VAL B 272 17.89 -19.22 13.73
CA VAL B 272 18.49 -18.59 14.90
C VAL B 272 17.44 -17.65 15.50
N SER B 273 17.08 -17.87 16.78
CA SER B 273 16.08 -17.07 17.48
C SER B 273 16.41 -16.86 18.98
N VAL B 274 16.28 -15.60 19.45
CA VAL B 274 16.56 -15.23 20.84
C VAL B 274 15.26 -15.10 21.64
N HIS B 275 15.18 -15.80 22.81
CA HIS B 275 14.04 -15.81 23.72
C HIS B 275 14.54 -15.48 25.16
N GLU C 46 11.69 -38.72 12.11
CA GLU C 46 11.52 -40.14 11.85
C GLU C 46 12.20 -40.62 10.53
N PRO C 47 12.07 -39.95 9.36
CA PRO C 47 12.76 -40.46 8.15
C PRO C 47 14.30 -40.37 8.18
N GLY C 48 14.93 -41.16 7.30
CA GLY C 48 16.39 -41.25 7.18
C GLY C 48 16.99 -40.14 6.34
N TYR C 49 16.16 -39.45 5.52
CA TYR C 49 16.64 -38.34 4.69
C TYR C 49 16.73 -37.03 5.47
N VAL C 50 16.04 -36.96 6.62
CA VAL C 50 16.03 -35.78 7.45
C VAL C 50 16.89 -35.96 8.70
N ASN C 51 17.58 -34.86 9.07
CA ASN C 51 18.45 -34.76 10.23
C ASN C 51 18.20 -33.39 10.84
N TYR C 52 17.85 -33.39 12.13
CA TYR C 52 17.56 -32.19 12.90
C TYR C 52 18.44 -32.07 14.11
N THR C 53 19.05 -30.90 14.30
CA THR C 53 19.92 -30.62 15.44
C THR C 53 19.51 -29.30 16.12
N LYS C 54 19.48 -29.29 17.45
CA LYS C 54 19.09 -28.12 18.22
C LYS C 54 20.11 -27.86 19.34
N LEU C 55 20.56 -26.60 19.45
CA LEU C 55 21.54 -26.16 20.47
C LEU C 55 21.15 -24.81 21.08
N TYR C 56 21.19 -24.72 22.42
CA TYR C 56 20.85 -23.50 23.18
C TYR C 56 22.10 -22.77 23.64
N TYR C 57 22.04 -21.41 23.75
CA TYR C 57 23.19 -20.58 24.18
C TYR C 57 22.82 -19.37 25.05
N VAL C 58 23.79 -18.89 25.89
CA VAL C 58 23.71 -17.67 26.70
C VAL C 58 25.12 -17.39 27.31
N LEU C 59 25.45 -16.10 27.57
CA LEU C 59 26.75 -15.71 28.17
C LEU C 59 26.67 -15.77 29.70
N SER C 77 24.73 -31.65 8.36
CA SER C 77 25.28 -30.91 9.50
C SER C 77 26.23 -29.81 9.02
N LEU C 78 26.25 -28.67 9.75
CA LEU C 78 27.13 -27.54 9.51
C LEU C 78 27.80 -27.06 10.82
N PRO C 79 29.11 -26.71 10.79
CA PRO C 79 29.74 -26.21 12.02
C PRO C 79 29.34 -24.76 12.30
N PHE C 80 29.06 -24.45 13.57
CA PHE C 80 28.67 -23.12 14.02
C PHE C 80 29.60 -22.54 15.05
N VAL C 81 30.11 -21.34 14.75
CA VAL C 81 31.02 -20.62 15.63
C VAL C 81 30.19 -19.45 16.16
N VAL C 82 29.17 -19.77 16.96
CA VAL C 82 28.32 -18.76 17.60
C VAL C 82 29.13 -17.98 18.68
N THR C 83 29.13 -16.64 18.58
CA THR C 83 29.87 -15.72 19.43
C THR C 83 29.08 -14.45 19.75
N ASP C 84 29.67 -13.53 20.52
CA ASP C 84 29.05 -12.23 20.82
C ASP C 84 29.65 -11.23 19.83
N LEU C 85 29.47 -9.92 20.08
CA LEU C 85 30.01 -8.89 19.16
C LEU C 85 31.55 -8.76 19.26
N ARG C 86 32.13 -9.22 20.40
CA ARG C 86 33.56 -9.17 20.67
C ARG C 86 34.31 -10.42 20.10
N GLY C 87 34.14 -11.60 20.71
CA GLY C 87 34.80 -12.80 20.23
C GLY C 87 34.57 -14.07 21.03
N ARG C 88 33.93 -13.97 22.22
CA ARG C 88 33.65 -15.09 23.13
C ARG C 88 32.63 -16.09 22.55
N ASN C 89 33.04 -17.35 22.40
CA ASN C 89 32.26 -18.44 21.79
C ASN C 89 31.01 -18.91 22.59
N LEU C 90 30.53 -18.07 23.53
CA LEU C 90 29.34 -18.32 24.35
C LEU C 90 29.40 -19.64 25.13
N ARG C 91 28.24 -20.30 25.37
CA ARG C 91 28.16 -21.54 26.13
C ARG C 91 27.33 -22.62 25.41
N PRO C 92 27.96 -23.61 24.72
CA PRO C 92 27.16 -24.64 24.03
C PRO C 92 26.54 -25.66 25.00
N MET C 93 25.20 -25.63 25.16
CA MET C 93 24.42 -26.51 26.06
C MET C 93 22.97 -26.76 25.58
N ARG C 94 22.25 -27.68 26.27
CA ARG C 94 20.87 -28.06 25.95
C ARG C 94 19.93 -27.94 27.17
N GLU C 95 20.34 -27.17 28.21
CA GLU C 95 19.58 -26.95 29.45
C GLU C 95 18.28 -26.15 29.25
N TYR C 103 17.94 -16.28 26.08
CA TYR C 103 18.67 -17.42 25.54
C TYR C 103 18.57 -17.54 24.02
N LEU C 104 19.62 -18.06 23.39
CA LEU C 104 19.72 -18.27 21.95
C LEU C 104 19.30 -19.68 21.58
N THR C 105 18.67 -19.84 20.41
CA THR C 105 18.23 -21.15 19.95
C THR C 105 18.64 -21.33 18.48
N VAL C 106 19.51 -22.33 18.21
CA VAL C 106 19.91 -22.62 16.82
C VAL C 106 19.30 -23.94 16.38
N GLU C 107 18.76 -23.95 15.17
CA GLU C 107 18.13 -25.13 14.60
C GLU C 107 18.75 -25.44 13.24
N GLN C 108 18.85 -26.75 12.91
CA GLN C 108 19.45 -27.22 11.67
C GLN C 108 18.71 -28.42 11.09
N LEU C 109 17.82 -28.17 10.13
CA LEU C 109 17.06 -29.23 9.43
C LEU C 109 17.72 -29.49 8.07
N THR C 110 18.32 -30.68 7.90
CA THR C 110 19.04 -31.10 6.69
C THR C 110 18.15 -31.95 5.74
N LEU C 111 18.45 -31.91 4.43
CA LEU C 111 17.74 -32.72 3.44
C LEU C 111 18.77 -33.30 2.48
N ASP C 112 19.05 -34.62 2.61
CA ASP C 112 20.05 -35.31 1.79
C ASP C 112 19.56 -35.51 0.36
N PHE C 113 20.09 -34.69 -0.61
CA PHE C 113 19.73 -34.76 -2.03
C PHE C 113 19.94 -36.18 -2.56
N GLU C 114 21.12 -36.78 -2.30
CA GLU C 114 21.44 -38.14 -2.73
C GLU C 114 20.31 -39.15 -2.40
N TYR C 115 19.78 -39.13 -1.15
CA TYR C 115 18.69 -39.99 -0.67
C TYR C 115 17.41 -39.70 -1.47
N VAL C 116 16.97 -38.41 -1.51
CA VAL C 116 15.77 -37.95 -2.22
C VAL C 116 15.77 -38.44 -3.67
N ILE C 117 16.90 -38.25 -4.41
CA ILE C 117 17.08 -38.64 -5.81
C ILE C 117 16.86 -40.14 -5.93
N ASN C 118 17.57 -40.94 -5.14
CA ASN C 118 17.43 -42.38 -5.19
C ASN C 118 16.02 -42.84 -4.85
N GLU C 119 15.32 -42.15 -3.88
CA GLU C 119 13.94 -42.49 -3.44
C GLU C 119 12.86 -42.18 -4.51
N VAL C 120 12.97 -41.00 -5.17
CA VAL C 120 12.07 -40.54 -6.21
C VAL C 120 12.26 -41.42 -7.45
N ILE C 121 13.51 -41.82 -7.79
CA ILE C 121 13.73 -42.70 -8.96
C ILE C 121 13.14 -44.10 -8.72
N ARG C 122 13.32 -44.63 -7.50
CA ARG C 122 12.83 -45.92 -7.08
C ARG C 122 11.29 -46.06 -7.10
N HIS C 123 10.55 -45.03 -6.64
CA HIS C 123 9.10 -45.09 -6.50
C HIS C 123 8.28 -44.27 -7.44
N ASP C 124 8.79 -43.11 -7.89
CA ASP C 124 7.99 -42.15 -8.65
C ASP C 124 8.45 -41.88 -10.10
N ALA C 125 9.49 -42.56 -10.59
CA ALA C 125 9.93 -42.44 -11.97
C ALA C 125 9.49 -43.69 -12.73
N THR C 126 8.71 -43.50 -13.84
CA THR C 126 8.20 -44.61 -14.67
C THR C 126 9.37 -45.31 -15.36
N TRP C 127 10.40 -44.52 -15.69
CA TRP C 127 11.67 -44.93 -16.27
C TRP C 127 12.65 -45.46 -15.21
N GLY C 128 12.19 -45.60 -13.97
CA GLY C 128 12.97 -46.07 -12.84
C GLY C 128 13.59 -47.45 -13.02
N HIS C 129 12.94 -48.31 -13.81
CA HIS C 129 13.44 -49.65 -14.08
C HIS C 129 14.70 -49.61 -14.96
N GLN C 130 14.83 -48.58 -15.84
CA GLN C 130 15.95 -48.48 -16.78
C GLN C 130 17.14 -47.65 -16.24
N PHE C 131 16.98 -47.05 -15.06
CA PHE C 131 18.00 -46.27 -14.37
C PHE C 131 19.17 -47.13 -13.91
N CYS C 132 20.39 -46.60 -14.05
CA CYS C 132 21.61 -47.27 -13.62
C CYS C 132 22.31 -46.57 -12.45
N SER C 133 22.73 -45.31 -12.68
CA SER C 133 23.40 -44.47 -11.68
C SER C 133 23.31 -43.02 -12.10
N PHE C 134 23.45 -42.11 -11.14
CA PHE C 134 23.48 -40.68 -11.44
C PHE C 134 24.88 -40.12 -11.18
N SER C 135 25.21 -39.02 -11.85
CA SER C 135 26.50 -38.36 -11.78
C SER C 135 26.29 -37.13 -10.94
N ASP C 136 26.44 -35.94 -11.55
CA ASP C 136 26.23 -34.66 -10.88
C ASP C 136 24.74 -34.35 -10.76
N TYR C 137 24.41 -33.38 -9.90
CA TYR C 137 23.05 -32.90 -9.68
C TYR C 137 23.05 -31.43 -9.30
N ASP C 138 22.05 -30.67 -9.75
CA ASP C 138 22.01 -29.25 -9.46
C ASP C 138 20.66 -28.90 -8.85
N ILE C 139 20.68 -28.33 -7.62
CA ILE C 139 19.46 -27.99 -6.90
C ILE C 139 19.20 -26.53 -6.94
N VAL C 140 18.05 -26.17 -7.55
CA VAL C 140 17.59 -24.80 -7.66
C VAL C 140 16.23 -24.70 -6.98
N ILE C 141 16.11 -23.80 -5.95
CA ILE C 141 14.85 -23.57 -5.21
C ILE C 141 13.89 -22.83 -6.18
N LEU C 142 12.68 -23.36 -6.36
CA LEU C 142 11.68 -22.74 -7.23
C LEU C 142 10.69 -21.88 -6.45
N GLU C 143 10.42 -22.26 -5.16
CA GLU C 143 9.49 -21.55 -4.27
C GLU C 143 9.73 -21.84 -2.79
N VAL C 144 9.45 -20.85 -1.91
CA VAL C 144 9.52 -20.95 -0.44
C VAL C 144 8.20 -20.39 0.07
N CYS C 145 7.43 -21.20 0.76
CA CYS C 145 6.15 -20.74 1.24
C CYS C 145 6.23 -20.59 2.76
N PRO C 146 6.42 -19.37 3.32
CA PRO C 146 6.59 -19.27 4.78
C PRO C 146 5.33 -19.59 5.59
N GLU C 147 4.14 -19.42 4.97
CA GLU C 147 2.88 -19.70 5.66
C GLU C 147 2.66 -21.20 5.82
N THR C 148 2.96 -22.01 4.78
CA THR C 148 2.83 -23.46 4.85
C THR C 148 4.16 -24.17 5.22
N ASN C 149 5.30 -23.42 5.35
CA ASN C 149 6.67 -23.92 5.66
C ASN C 149 7.06 -25.00 4.66
N GLN C 150 6.94 -24.67 3.37
CA GLN C 150 7.22 -25.60 2.28
C GLN C 150 8.25 -25.03 1.32
N VAL C 151 9.25 -25.84 1.00
CA VAL C 151 10.29 -25.44 0.08
C VAL C 151 10.11 -26.31 -1.17
N LEU C 152 9.86 -25.68 -2.32
CA LEU C 152 9.76 -26.39 -3.60
C LEU C 152 11.14 -26.31 -4.28
N ILE C 153 11.82 -27.45 -4.38
CA ILE C 153 13.13 -27.54 -5.02
C ILE C 153 13.05 -28.34 -6.31
N ASN C 154 13.83 -27.90 -7.32
CA ASN C 154 13.96 -28.58 -8.59
C ASN C 154 15.31 -29.26 -8.54
N ILE C 155 15.36 -30.53 -8.93
CA ILE C 155 16.60 -31.35 -8.92
C ILE C 155 17.07 -31.73 -10.35
N GLY C 156 18.07 -31.02 -10.86
CA GLY C 156 18.66 -31.26 -12.16
C GLY C 156 19.51 -32.49 -12.02
N LEU C 157 19.43 -33.43 -12.98
CA LEU C 157 20.14 -34.69 -12.83
C LEU C 157 20.77 -35.26 -14.09
N LEU C 158 22.05 -35.61 -14.01
CA LEU C 158 22.79 -36.30 -15.06
C LEU C 158 22.83 -37.75 -14.64
N LEU C 159 22.31 -38.65 -15.49
CA LEU C 159 22.24 -40.06 -15.17
C LEU C 159 22.60 -40.95 -16.30
N LEU C 160 22.65 -42.25 -16.00
CA LEU C 160 22.95 -43.35 -16.92
C LEU C 160 21.74 -44.25 -16.87
N ALA C 161 21.22 -44.62 -18.03
CA ALA C 161 20.05 -45.50 -18.13
C ALA C 161 19.98 -46.15 -19.47
N PHE C 162 19.35 -47.33 -19.55
CA PHE C 162 19.11 -48.01 -20.81
C PHE C 162 17.92 -47.33 -21.48
N PRO C 163 17.81 -47.32 -22.83
CA PRO C 163 16.62 -46.68 -23.44
C PRO C 163 15.43 -47.65 -23.50
N SER C 164 14.30 -47.18 -24.09
CA SER C 164 13.07 -47.97 -24.30
C SER C 164 13.41 -49.19 -25.21
N PRO C 165 12.62 -50.33 -25.24
CA PRO C 165 13.01 -51.49 -26.09
C PRO C 165 13.26 -51.18 -27.59
N THR C 166 12.89 -49.95 -28.03
CA THR C 166 13.05 -49.38 -29.36
C THR C 166 14.48 -48.85 -29.55
N LEU C 171 19.85 -53.79 -25.65
CA LEU C 171 19.83 -52.32 -25.62
C LEU C 171 21.28 -51.75 -25.71
N ARG C 172 21.59 -50.65 -24.95
CA ARG C 172 22.89 -49.99 -24.81
C ARG C 172 22.74 -48.79 -23.80
N PRO C 173 23.50 -48.74 -22.67
CA PRO C 173 23.24 -47.67 -21.67
C PRO C 173 23.65 -46.27 -22.11
N LYS C 174 22.75 -45.27 -21.97
CA LYS C 174 22.97 -43.89 -22.41
C LYS C 174 22.93 -42.85 -21.28
N THR C 175 23.58 -41.67 -21.51
CA THR C 175 23.59 -40.52 -20.62
C THR C 175 22.36 -39.70 -20.98
N TYR C 176 21.63 -39.30 -19.94
CA TYR C 176 20.42 -38.52 -20.08
C TYR C 176 20.40 -37.44 -19.04
N HIS C 177 19.50 -36.48 -19.21
CA HIS C 177 19.26 -35.42 -18.26
C HIS C 177 17.77 -35.33 -17.89
N THR C 178 17.48 -35.19 -16.61
CA THR C 178 16.12 -35.07 -16.16
C THR C 178 15.96 -34.02 -15.00
N SER C 179 14.68 -33.70 -14.68
CA SER C 179 14.32 -32.73 -13.65
C SER C 179 13.34 -33.37 -12.63
N LEU C 180 13.66 -33.26 -11.33
CA LEU C 180 12.81 -33.80 -10.28
C LEU C 180 12.33 -32.70 -9.37
N LYS C 181 11.03 -32.37 -9.44
CA LYS C 181 10.46 -31.34 -8.59
C LYS C 181 10.00 -32.05 -7.30
N VAL C 182 10.46 -31.54 -6.13
CA VAL C 182 10.20 -32.10 -4.79
C VAL C 182 9.81 -30.98 -3.79
N ALA C 183 8.68 -31.16 -3.08
CA ALA C 183 8.16 -30.24 -2.05
C ALA C 183 8.69 -30.71 -0.69
N TRP C 184 9.35 -29.82 0.05
CA TRP C 184 9.91 -30.18 1.34
C TRP C 184 9.25 -29.41 2.48
N ASP C 185 8.51 -30.14 3.38
CA ASP C 185 7.83 -29.60 4.57
C ASP C 185 8.83 -29.36 5.72
N LEU C 186 8.88 -28.13 6.26
CA LEU C 186 9.85 -27.83 7.32
C LEU C 186 9.32 -28.17 8.71
N ASN C 187 7.99 -28.27 8.87
CA ASN C 187 7.38 -28.62 10.16
C ASN C 187 7.62 -30.12 10.41
N THR C 188 7.30 -30.97 9.41
CA THR C 188 7.48 -32.42 9.45
C THR C 188 8.89 -32.90 9.03
N GLY C 189 9.55 -32.18 8.13
CA GLY C 189 10.88 -32.57 7.64
C GLY C 189 10.78 -33.50 6.45
N ILE C 190 9.54 -34.03 6.22
CA ILE C 190 9.07 -34.95 5.15
C ILE C 190 8.96 -34.27 3.77
N PHE C 191 9.55 -34.91 2.76
CA PHE C 191 9.50 -34.45 1.38
C PHE C 191 8.39 -35.25 0.65
N GLU C 192 7.92 -34.67 -0.44
CA GLU C 192 6.87 -35.18 -1.30
C GLU C 192 7.35 -34.89 -2.71
N THR C 193 7.15 -35.82 -3.62
CA THR C 193 7.54 -35.62 -5.00
C THR C 193 6.37 -34.98 -5.77
N VAL C 194 6.66 -33.91 -6.52
CA VAL C 194 5.58 -33.23 -7.26
C VAL C 194 5.72 -33.37 -8.78
N SER C 195 6.90 -33.74 -9.29
CA SER C 195 7.07 -33.90 -10.73
C SER C 195 8.31 -34.73 -11.03
N VAL C 196 8.15 -35.68 -11.95
CA VAL C 196 9.27 -36.46 -12.49
C VAL C 196 9.38 -36.19 -14.00
N GLY C 197 10.49 -35.57 -14.38
CA GLY C 197 10.75 -35.21 -15.76
C GLY C 197 10.98 -36.38 -16.67
N ASP C 198 10.89 -36.12 -17.97
CA ASP C 198 11.12 -37.16 -18.97
C ASP C 198 12.63 -37.24 -19.19
N LEU C 199 13.13 -38.43 -19.47
CA LEU C 199 14.52 -38.69 -19.73
C LEU C 199 14.90 -38.13 -21.11
N THR C 200 15.63 -37.04 -21.13
CA THR C 200 16.05 -36.42 -22.39
C THR C 200 17.52 -36.73 -22.62
N GLU C 201 17.87 -37.19 -23.82
CA GLU C 201 19.24 -37.56 -24.19
C GLU C 201 20.17 -36.34 -24.27
N VAL C 202 21.40 -36.52 -23.81
CA VAL C 202 22.49 -35.52 -23.86
C VAL C 202 23.40 -36.08 -24.97
N LYS C 203 23.19 -35.64 -26.20
CA LYS C 203 24.01 -36.16 -27.27
C LYS C 203 25.07 -35.13 -27.54
N GLY C 204 26.30 -35.52 -27.23
CA GLY C 204 27.48 -34.68 -27.41
C GLY C 204 27.40 -33.25 -26.90
N GLN C 205 26.55 -32.98 -25.86
CA GLN C 205 26.43 -31.65 -25.21
C GLN C 205 27.38 -31.70 -24.02
N THR C 206 28.15 -30.65 -23.75
CA THR C 206 29.06 -30.68 -22.61
C THR C 206 28.31 -30.49 -21.26
N SER C 207 28.99 -30.80 -20.14
CA SER C 207 28.47 -30.70 -18.77
C SER C 207 27.98 -29.28 -18.46
N GLY C 208 28.71 -28.29 -18.96
CA GLY C 208 28.34 -26.89 -18.80
C GLY C 208 27.12 -26.51 -19.60
N SER C 209 26.98 -27.12 -20.82
CA SER C 209 25.87 -26.92 -21.77
C SER C 209 24.56 -27.35 -21.13
N VAL C 210 24.58 -28.50 -20.43
CA VAL C 210 23.38 -29.06 -19.81
C VAL C 210 22.92 -28.29 -18.54
N TRP C 211 23.87 -27.87 -17.70
CA TRP C 211 23.54 -27.14 -16.48
C TRP C 211 23.10 -25.72 -16.75
N SER C 212 23.63 -25.13 -17.85
CA SER C 212 23.29 -23.79 -18.26
C SER C 212 21.83 -23.78 -18.76
N SER C 213 21.46 -24.78 -19.58
CA SER C 213 20.11 -24.97 -20.11
C SER C 213 19.14 -25.32 -18.99
N TYR C 214 19.60 -26.11 -17.97
CA TYR C 214 18.74 -26.51 -16.88
C TYR C 214 18.39 -25.28 -16.08
N ARG C 215 19.41 -24.52 -15.60
CA ARG C 215 19.19 -23.31 -14.81
C ARG C 215 18.34 -22.32 -15.56
N LYS C 216 18.57 -22.13 -16.88
CA LYS C 216 17.76 -21.29 -17.75
C LYS C 216 16.27 -21.68 -17.65
N SER C 217 15.96 -22.98 -17.54
CA SER C 217 14.57 -23.42 -17.41
C SER C 217 13.99 -23.08 -16.03
N CYS C 218 14.81 -23.16 -14.95
CA CYS C 218 14.43 -22.79 -13.58
C CYS C 218 14.10 -21.29 -13.58
N VAL C 219 14.99 -20.45 -14.18
CA VAL C 219 14.81 -19.02 -14.30
C VAL C 219 13.48 -18.80 -15.03
N ASP C 220 13.27 -19.49 -16.17
CA ASP C 220 12.07 -19.37 -17.00
C ASP C 220 10.79 -19.58 -16.22
N MET C 221 10.80 -20.59 -15.35
CA MET C 221 9.66 -20.96 -14.55
C MET C 221 9.37 -19.96 -13.45
N VAL C 222 10.39 -19.56 -12.66
CA VAL C 222 10.17 -18.62 -11.55
C VAL C 222 9.62 -17.28 -12.11
N MET C 223 10.12 -16.83 -13.29
CA MET C 223 9.70 -15.61 -13.97
C MET C 223 8.25 -15.73 -14.43
N LYS C 224 7.87 -16.91 -14.91
CA LYS C 224 6.53 -17.23 -15.39
C LYS C 224 5.53 -17.14 -14.26
N TRP C 225 5.94 -17.60 -13.07
CA TRP C 225 5.05 -17.68 -11.92
C TRP C 225 5.21 -16.54 -10.94
N LEU C 226 6.13 -15.60 -11.26
CA LEU C 226 6.43 -14.40 -10.47
C LEU C 226 5.18 -13.51 -10.27
N VAL C 227 4.79 -13.42 -9.00
CA VAL C 227 3.69 -12.61 -8.52
C VAL C 227 4.30 -11.51 -7.62
N PRO C 228 4.01 -10.21 -7.89
CA PRO C 228 4.64 -9.14 -7.11
C PRO C 228 4.28 -9.24 -5.65
N GLU C 229 5.27 -9.02 -4.76
CA GLU C 229 5.09 -9.05 -3.32
C GLU C 229 4.91 -7.64 -2.83
N SER C 230 4.37 -7.49 -1.62
CA SER C 230 4.20 -6.19 -0.96
C SER C 230 5.53 -5.45 -0.68
N SER C 231 5.41 -4.15 -0.37
CA SER C 231 6.55 -3.31 0.02
C SER C 231 7.31 -3.93 1.23
N GLY C 232 6.54 -4.24 2.28
CA GLY C 232 7.05 -4.74 3.55
C GLY C 232 7.50 -6.18 3.69
N ARG C 233 7.55 -6.94 2.58
CA ARG C 233 7.94 -8.35 2.67
C ARG C 233 9.13 -8.70 1.77
N TYR C 234 9.80 -7.66 1.29
CA TYR C 234 10.95 -7.73 0.42
C TYR C 234 12.21 -8.22 1.17
N VAL C 235 13.06 -9.06 0.54
CA VAL C 235 14.35 -9.52 1.11
C VAL C 235 15.35 -8.51 0.61
N ASN C 236 15.90 -7.67 1.50
CA ASN C 236 16.88 -6.68 1.04
C ASN C 236 18.22 -7.34 0.68
N ARG C 237 18.80 -6.97 -0.45
CA ARG C 237 20.08 -7.55 -0.85
C ARG C 237 21.03 -6.42 -1.19
N MET C 238 22.15 -6.30 -0.44
CA MET C 238 23.12 -5.22 -0.62
C MET C 238 24.47 -5.74 -0.91
N THR C 239 25.07 -5.23 -1.97
CA THR C 239 26.42 -5.60 -2.37
C THR C 239 27.06 -4.52 -3.19
N ASN C 240 28.35 -4.25 -2.94
CA ASN C 240 29.10 -3.26 -3.70
C ASN C 240 30.45 -3.84 -4.13
N GLU C 241 30.74 -3.78 -5.45
CA GLU C 241 31.98 -4.28 -6.05
C GLU C 241 33.20 -3.41 -5.72
N LEU C 249 28.74 0.70 -7.79
CA LEU C 249 27.47 1.38 -7.51
C LEU C 249 27.60 2.89 -7.53
N LYS C 250 26.67 3.59 -8.21
CA LYS C 250 26.70 5.05 -8.33
C LYS C 250 25.86 5.67 -7.23
N VAL C 251 24.66 5.09 -6.94
CA VAL C 251 23.75 5.61 -5.89
C VAL C 251 23.31 4.51 -4.91
N LEU C 252 23.10 4.91 -3.64
CA LEU C 252 22.57 4.06 -2.58
C LEU C 252 21.21 4.67 -2.29
N ALA C 253 20.14 3.97 -2.70
CA ALA C 253 18.82 4.52 -2.57
C ALA C 253 17.99 3.95 -1.44
N ASP C 254 17.22 4.82 -0.82
CA ASP C 254 16.23 4.52 0.20
C ASP C 254 14.94 4.83 -0.53
N SER C 255 14.42 3.80 -1.28
CA SER C 255 13.25 3.85 -2.17
C SER C 255 12.00 4.50 -1.58
N GLU C 256 11.58 3.99 -0.41
CA GLU C 256 10.44 4.34 0.42
C GLU C 256 10.48 5.79 0.93
N ARG C 257 11.68 6.40 1.05
CA ARG C 257 11.79 7.79 1.47
C ARG C 257 12.40 8.70 0.38
N TYR C 258 12.61 8.16 -0.88
CA TYR C 258 13.09 8.89 -2.07
C TYR C 258 14.35 9.67 -1.77
N THR C 259 15.31 8.99 -1.12
CA THR C 259 16.59 9.54 -0.68
C THR C 259 17.70 8.74 -1.33
N TRP C 260 18.68 9.44 -1.90
CA TRP C 260 19.84 8.85 -2.56
C TRP C 260 21.13 9.29 -1.95
N ILE C 261 22.10 8.38 -1.84
CA ILE C 261 23.47 8.73 -1.46
C ILE C 261 24.25 8.54 -2.75
N VAL C 262 24.82 9.64 -3.25
CA VAL C 262 25.60 9.62 -4.51
C VAL C 262 27.07 9.30 -4.16
N LEU C 263 27.61 8.25 -4.77
CA LEU C 263 28.97 7.79 -4.54
C LEU C 263 29.87 8.25 -5.68
N GLY D 23 44.67 -17.58 -22.08
CA GLY D 23 44.27 -16.18 -22.10
C GLY D 23 43.00 -15.83 -21.35
N ARG D 24 42.79 -14.52 -20.99
CA ARG D 24 41.61 -14.00 -20.24
C ARG D 24 40.62 -13.28 -21.19
N MET D 25 39.35 -13.74 -21.25
CA MET D 25 38.35 -13.15 -22.16
C MET D 25 37.12 -12.59 -21.48
N ARG D 26 36.67 -11.42 -21.97
CA ARG D 26 35.48 -10.68 -21.51
C ARG D 26 34.38 -10.75 -22.61
N LEU D 27 33.16 -11.03 -22.19
CA LEU D 27 32.01 -11.16 -23.08
C LEU D 27 30.98 -10.07 -22.82
N TYR D 28 30.16 -9.78 -23.83
CA TYR D 28 29.04 -8.85 -23.75
C TYR D 28 27.78 -9.68 -23.73
N VAL D 29 26.96 -9.51 -22.70
CA VAL D 29 25.67 -10.20 -22.61
C VAL D 29 24.57 -9.13 -22.71
N GLY D 30 23.63 -9.33 -23.62
CA GLY D 30 22.57 -8.36 -23.85
C GLY D 30 21.21 -8.95 -24.19
N SER D 31 20.24 -8.06 -24.52
CA SER D 31 18.85 -8.37 -24.84
C SER D 31 18.28 -9.30 -23.76
N LEU D 32 18.48 -8.89 -22.49
CA LEU D 32 18.03 -9.63 -21.32
C LEU D 32 16.74 -9.02 -20.77
N HIS D 33 15.93 -9.85 -20.12
CA HIS D 33 14.73 -9.43 -19.40
C HIS D 33 15.20 -8.59 -18.17
N PHE D 34 14.61 -7.41 -17.95
CA PHE D 34 15.02 -6.49 -16.88
C PHE D 34 14.99 -7.08 -15.44
N ASN D 35 14.31 -8.21 -15.21
CA ASN D 35 14.26 -8.84 -13.88
C ASN D 35 15.34 -9.93 -13.74
N ILE D 36 16.24 -10.07 -14.76
CA ILE D 36 17.32 -11.06 -14.73
C ILE D 36 18.36 -10.42 -13.82
N THR D 37 18.71 -11.15 -12.76
CA THR D 37 19.64 -10.70 -11.73
C THR D 37 21.06 -11.11 -12.07
N GLU D 38 22.06 -10.50 -11.40
CA GLU D 38 23.47 -10.83 -11.54
C GLU D 38 23.69 -12.31 -11.16
N ASP D 39 23.10 -12.76 -10.03
CA ASP D 39 23.12 -14.15 -9.53
C ASP D 39 22.54 -15.16 -10.54
N MET D 40 21.53 -14.75 -11.32
CA MET D 40 20.93 -15.57 -12.36
C MET D 40 21.96 -15.69 -13.50
N LEU D 41 22.58 -14.56 -13.89
CA LEU D 41 23.59 -14.56 -14.93
C LEU D 41 24.78 -15.42 -14.57
N ARG D 42 25.17 -15.39 -13.28
CA ARG D 42 26.30 -16.17 -12.75
C ARG D 42 25.97 -17.65 -12.91
N GLY D 43 24.77 -18.06 -12.49
CA GLY D 43 24.29 -19.43 -12.57
C GLY D 43 24.19 -19.99 -13.97
N ILE D 44 23.82 -19.17 -14.92
CA ILE D 44 23.70 -19.55 -16.33
C ILE D 44 25.10 -19.66 -16.99
N PHE D 45 26.02 -18.74 -16.71
CA PHE D 45 27.35 -18.69 -17.35
C PHE D 45 28.44 -19.49 -16.66
N GLU D 46 28.37 -19.63 -15.32
CA GLU D 46 29.36 -20.35 -14.51
C GLU D 46 29.61 -21.78 -14.92
N PRO D 47 28.65 -22.59 -15.39
CA PRO D 47 29.00 -23.99 -15.71
C PRO D 47 29.98 -24.13 -16.89
N PHE D 48 30.16 -23.11 -17.74
CA PHE D 48 31.09 -23.17 -18.87
C PHE D 48 32.55 -23.05 -18.47
N GLY D 49 32.80 -22.34 -17.36
CA GLY D 49 34.12 -22.11 -16.80
C GLY D 49 34.19 -21.10 -15.67
N ARG D 50 35.39 -20.90 -15.09
CA ARG D 50 35.62 -19.95 -13.99
C ARG D 50 35.40 -18.50 -14.42
N ILE D 51 34.62 -17.72 -13.64
CA ILE D 51 34.37 -16.30 -13.91
C ILE D 51 35.08 -15.41 -12.90
N GLU D 52 35.92 -14.46 -13.41
CA GLU D 52 36.66 -13.48 -12.62
C GLU D 52 35.73 -12.34 -12.18
N SER D 53 34.87 -11.84 -13.10
CA SER D 53 33.93 -10.74 -12.79
C SER D 53 32.65 -10.74 -13.66
N ILE D 54 31.53 -10.30 -13.05
CA ILE D 54 30.23 -10.15 -13.68
C ILE D 54 29.72 -8.79 -13.25
N GLN D 55 29.35 -7.94 -14.19
CA GLN D 55 28.78 -6.64 -13.86
C GLN D 55 27.56 -6.37 -14.74
N LEU D 56 26.38 -6.53 -14.15
CA LEU D 56 25.11 -6.25 -14.81
C LEU D 56 24.85 -4.75 -14.58
N MET D 57 24.68 -4.02 -15.68
CA MET D 57 24.48 -2.57 -15.68
C MET D 57 23.11 -2.18 -15.19
N MET D 58 23.06 -1.29 -14.19
CA MET D 58 21.81 -0.87 -13.57
C MET D 58 21.47 0.58 -13.82
N ASP D 59 20.15 0.93 -13.89
CA ASP D 59 19.72 2.31 -14.06
C ASP D 59 19.66 2.96 -12.66
N SER D 60 20.41 4.07 -12.48
CA SER D 60 20.51 4.79 -11.20
C SER D 60 19.16 5.38 -10.83
N GLU D 61 18.44 5.90 -11.85
CA GLU D 61 17.14 6.54 -11.75
C GLU D 61 15.96 5.50 -11.68
N THR D 62 16.05 4.34 -12.36
CA THR D 62 14.96 3.34 -12.25
C THR D 62 15.08 2.51 -10.98
N GLY D 63 16.28 2.00 -10.74
CA GLY D 63 16.56 1.09 -9.65
C GLY D 63 16.21 -0.30 -10.12
N ARG D 64 16.63 -0.62 -11.38
CA ARG D 64 16.42 -1.87 -12.11
C ARG D 64 17.47 -2.03 -13.21
N SER D 65 17.72 -3.29 -13.61
CA SER D 65 18.67 -3.68 -14.67
C SER D 65 18.45 -2.95 -16.01
N LYS D 66 19.53 -2.68 -16.74
CA LYS D 66 19.49 -2.03 -18.03
C LYS D 66 19.23 -3.09 -19.18
N GLY D 67 19.31 -4.37 -18.83
CA GLY D 67 19.12 -5.46 -19.78
C GLY D 67 20.42 -5.96 -20.39
N TYR D 68 21.56 -5.38 -19.99
CA TYR D 68 22.87 -5.75 -20.52
C TYR D 68 23.98 -5.75 -19.46
N GLY D 69 25.07 -6.42 -19.77
CA GLY D 69 26.21 -6.51 -18.88
C GLY D 69 27.42 -7.17 -19.50
N PHE D 70 28.41 -7.44 -18.63
CA PHE D 70 29.69 -8.05 -19.02
C PHE D 70 30.11 -9.18 -18.08
N ILE D 71 30.49 -10.31 -18.64
CA ILE D 71 30.94 -11.48 -17.91
C ILE D 71 32.37 -11.76 -18.36
N THR D 72 33.30 -11.89 -17.41
CA THR D 72 34.70 -12.10 -17.73
C THR D 72 35.21 -13.47 -17.23
N PHE D 73 35.32 -14.42 -18.17
CA PHE D 73 35.84 -15.76 -17.92
C PHE D 73 37.36 -15.72 -17.75
N SER D 74 37.88 -16.63 -16.91
CA SER D 74 39.32 -16.76 -16.64
C SER D 74 39.98 -17.33 -17.87
N ASP D 75 39.28 -18.21 -18.61
CA ASP D 75 39.77 -18.84 -19.83
C ASP D 75 38.99 -18.39 -21.05
N SER D 76 39.72 -18.12 -22.16
CA SER D 76 39.22 -17.69 -23.46
C SER D 76 38.41 -18.77 -24.17
N GLU D 77 38.88 -20.06 -24.14
CA GLU D 77 38.16 -21.19 -24.76
C GLU D 77 36.86 -21.48 -24.00
N CYS D 78 36.84 -21.26 -22.65
CA CYS D 78 35.64 -21.43 -21.81
C CYS D 78 34.57 -20.37 -22.14
N ALA D 79 35.00 -19.13 -22.46
CA ALA D 79 34.14 -18.00 -22.83
C ALA D 79 33.60 -18.19 -24.24
N LYS D 80 34.40 -18.85 -25.12
CA LYS D 80 34.05 -19.15 -26.50
C LYS D 80 32.85 -20.13 -26.53
N LYS D 81 32.90 -21.18 -25.67
CA LYS D 81 31.84 -22.20 -25.59
C LYS D 81 30.57 -21.64 -24.95
N ALA D 82 30.72 -20.62 -24.06
CA ALA D 82 29.57 -19.98 -23.41
C ALA D 82 28.78 -19.20 -24.41
N LEU D 83 29.46 -18.56 -25.38
CA LEU D 83 28.86 -17.77 -26.45
C LEU D 83 28.17 -18.69 -27.44
N GLU D 84 28.88 -19.75 -27.89
CA GLU D 84 28.41 -20.76 -28.83
C GLU D 84 27.12 -21.42 -28.36
N GLN D 85 26.97 -21.60 -27.04
CA GLN D 85 25.82 -22.27 -26.47
C GLN D 85 24.71 -21.37 -25.97
N LEU D 86 24.93 -20.05 -25.86
CA LEU D 86 23.94 -19.16 -25.29
C LEU D 86 23.42 -18.05 -26.21
N ASN D 87 24.23 -17.67 -27.23
CA ASN D 87 23.89 -16.60 -28.17
C ASN D 87 22.75 -16.95 -29.09
N GLY D 88 21.74 -16.11 -29.07
CA GLY D 88 20.53 -16.23 -29.88
C GLY D 88 19.44 -17.08 -29.25
N PHE D 89 19.72 -17.63 -28.07
CA PHE D 89 18.80 -18.51 -27.37
C PHE D 89 18.09 -17.79 -26.27
N GLU D 90 16.78 -17.97 -26.27
CA GLU D 90 15.82 -17.40 -25.33
C GLU D 90 16.04 -17.72 -23.83
N LEU D 91 16.13 -16.63 -23.03
CA LEU D 91 16.11 -16.63 -21.58
C LEU D 91 14.96 -15.70 -21.23
N ALA D 92 13.89 -16.30 -20.68
CA ALA D 92 12.63 -15.70 -20.27
C ALA D 92 11.90 -15.04 -21.41
N GLY D 93 11.88 -15.73 -22.55
CA GLY D 93 11.23 -15.28 -23.77
C GLY D 93 12.03 -14.32 -24.66
N ARG D 94 13.05 -13.67 -24.10
CA ARG D 94 13.86 -12.73 -24.86
C ARG D 94 15.08 -13.48 -25.41
N PRO D 95 15.35 -13.48 -26.74
CA PRO D 95 16.57 -14.17 -27.23
C PRO D 95 17.85 -13.41 -26.85
N MET D 96 18.67 -14.01 -25.98
CA MET D 96 19.93 -13.46 -25.45
C MET D 96 20.97 -13.16 -26.55
N LYS D 97 21.66 -12.00 -26.44
CA LYS D 97 22.72 -11.60 -27.37
C LYS D 97 24.09 -11.68 -26.65
N VAL D 98 24.87 -12.77 -26.87
CA VAL D 98 26.20 -12.93 -26.26
C VAL D 98 27.26 -12.67 -27.32
N GLY D 99 28.16 -11.73 -27.06
CA GLY D 99 29.20 -11.35 -28.02
C GLY D 99 30.55 -11.04 -27.42
N HIS D 100 31.48 -10.56 -28.26
CA HIS D 100 32.83 -10.21 -27.82
C HIS D 100 32.99 -8.74 -27.54
N VAL D 101 34.12 -8.35 -26.96
CA VAL D 101 34.33 -6.96 -26.58
C VAL D 101 35.74 -6.48 -26.95
N THR D 102 35.87 -5.14 -27.17
CA THR D 102 37.07 -4.39 -27.60
C THR D 102 38.38 -4.95 -27.05
N GLU D 103 38.54 -4.88 -25.70
CA GLU D 103 39.73 -5.26 -24.93
C GLU D 103 40.96 -4.60 -25.58
N ARG D 104 40.91 -3.26 -25.72
CA ARG D 104 41.98 -2.47 -26.32
C ARG D 104 42.31 -1.25 -25.48
N ASP E 27 -38.08 11.62 -27.51
CA ASP E 27 -36.66 11.53 -27.24
C ASP E 27 -36.37 10.25 -26.47
N PHE E 28 -35.09 9.86 -26.47
CA PHE E 28 -34.52 8.66 -25.82
C PHE E 28 -34.09 8.92 -24.35
N LEU E 29 -35.10 9.33 -23.60
CA LEU E 29 -35.23 9.65 -22.18
C LEU E 29 -36.72 9.38 -21.85
N LYS E 30 -37.52 9.10 -22.89
CA LYS E 30 -38.90 8.71 -22.69
C LYS E 30 -38.96 7.20 -22.44
N GLY E 31 -39.85 6.79 -21.53
CA GLY E 31 -40.08 5.41 -21.17
C GLY E 31 -39.08 4.80 -20.20
N LEU E 32 -38.68 5.61 -19.16
CA LEU E 32 -37.73 5.21 -18.10
C LEU E 32 -38.29 4.06 -17.24
N PRO E 33 -37.46 3.13 -16.70
CA PRO E 33 -38.00 2.00 -15.94
C PRO E 33 -39.00 2.33 -14.83
N VAL E 34 -40.10 1.55 -14.78
CA VAL E 34 -41.15 1.73 -13.79
C VAL E 34 -41.36 0.44 -13.00
N TYR E 35 -40.74 0.36 -11.80
CA TYR E 35 -40.91 -0.78 -10.90
C TYR E 35 -42.30 -0.67 -10.21
N ASN E 36 -42.70 0.60 -9.92
CA ASN E 36 -43.96 1.02 -9.29
C ASN E 36 -44.12 2.54 -9.49
N LYS E 37 -45.25 2.98 -10.05
CA LYS E 37 -45.57 4.39 -10.32
C LYS E 37 -45.68 5.20 -9.04
N SER E 38 -46.13 4.53 -7.94
CA SER E 38 -46.37 4.99 -6.57
C SER E 38 -45.09 5.10 -5.74
N ASN E 39 -44.00 5.63 -6.33
CA ASN E 39 -42.73 5.73 -5.65
C ASN E 39 -42.20 7.17 -5.59
N PHE E 40 -42.30 7.96 -6.66
CA PHE E 40 -41.74 9.32 -6.46
C PHE E 40 -42.66 10.48 -6.77
N SER E 41 -43.88 10.15 -7.18
CA SER E 41 -44.94 11.08 -7.55
C SER E 41 -45.43 11.91 -6.36
N ARG E 42 -45.06 11.51 -5.13
CA ARG E 42 -45.50 12.14 -3.90
C ARG E 42 -44.45 13.05 -3.19
N PHE E 43 -43.40 12.48 -2.53
CA PHE E 43 -42.34 13.19 -1.77
C PHE E 43 -42.90 14.21 -0.75
N PRO E 56 -31.62 8.00 9.69
CA PRO E 56 -31.85 6.56 9.81
C PRO E 56 -31.45 6.01 11.17
N SER E 57 -32.29 5.10 11.71
CA SER E 57 -32.09 4.42 12.99
C SER E 57 -30.80 3.55 12.99
N VAL E 58 -29.94 3.73 14.01
CA VAL E 58 -28.69 2.98 14.15
C VAL E 58 -28.95 1.52 14.59
N TYR E 59 -28.28 0.55 13.94
CA TYR E 59 -28.40 -0.86 14.24
C TYR E 59 -27.30 -1.26 15.21
N LEU E 60 -27.68 -1.53 16.47
CA LEU E 60 -26.74 -1.96 17.49
C LEU E 60 -27.03 -3.44 17.71
N PRO E 61 -26.36 -4.40 17.03
CA PRO E 61 -26.70 -5.81 17.23
C PRO E 61 -26.54 -6.27 18.67
N THR E 62 -27.70 -6.54 19.27
CA THR E 62 -27.89 -7.06 20.61
C THR E 62 -27.25 -8.46 20.61
N ARG E 63 -26.92 -9.01 21.81
CA ARG E 63 -26.31 -10.34 21.90
C ARG E 63 -27.21 -11.44 21.24
N GLU E 64 -26.95 -11.73 19.92
CA GLU E 64 -27.68 -12.67 19.06
C GLU E 64 -26.73 -13.05 17.92
N TYR E 65 -26.33 -14.35 17.85
CA TYR E 65 -25.31 -14.83 16.92
C TYR E 65 -25.58 -16.21 16.20
N PRO E 66 -26.54 -16.35 15.26
CA PRO E 66 -26.67 -17.63 14.54
C PRO E 66 -25.94 -17.68 13.17
N SER E 67 -24.66 -18.19 13.05
CA SER E 67 -23.96 -18.21 11.72
C SER E 67 -24.41 -19.40 10.80
N GLU E 68 -23.62 -19.75 9.72
CA GLU E 68 -23.95 -20.82 8.76
C GLU E 68 -22.72 -21.47 8.10
N GLN E 69 -21.74 -20.64 7.65
CA GLN E 69 -20.52 -21.07 6.95
C GLN E 69 -19.35 -20.11 7.22
N ILE E 70 -18.13 -20.52 6.88
CA ILE E 70 -16.95 -19.65 7.01
C ILE E 70 -16.25 -19.53 5.66
N ILE E 71 -15.52 -18.43 5.44
CA ILE E 71 -14.77 -18.21 4.22
C ILE E 71 -13.29 -18.40 4.56
N VAL E 72 -12.65 -19.35 3.87
CA VAL E 72 -11.23 -19.65 4.07
C VAL E 72 -10.48 -19.59 2.77
N THR E 73 -9.18 -19.29 2.81
CA THR E 73 -8.37 -19.21 1.62
C THR E 73 -7.50 -20.47 1.51
N GLU E 74 -7.28 -20.93 0.28
CA GLU E 74 -6.46 -22.09 -0.06
C GLU E 74 -5.01 -21.78 0.31
N LYS E 75 -4.59 -22.46 1.38
CA LYS E 75 -3.29 -22.37 2.03
C LYS E 75 -2.14 -22.70 1.07
N THR E 76 -2.27 -23.79 0.28
CA THR E 76 -1.26 -24.26 -0.66
C THR E 76 -1.00 -23.28 -1.81
N ASN E 77 0.30 -23.05 -2.11
CA ASN E 77 0.89 -22.21 -3.15
C ASN E 77 0.33 -22.55 -4.52
N ILE E 78 0.20 -21.54 -5.39
CA ILE E 78 -0.40 -21.70 -6.73
C ILE E 78 0.52 -22.49 -7.69
N LEU E 79 1.85 -22.39 -7.53
CA LEU E 79 2.80 -23.13 -8.35
C LEU E 79 2.77 -24.59 -7.96
N LEU E 80 2.75 -24.87 -6.63
CA LEU E 80 2.69 -26.24 -6.07
C LEU E 80 1.39 -26.90 -6.50
N ARG E 81 0.24 -26.20 -6.33
CA ARG E 81 -1.07 -26.72 -6.67
C ARG E 81 -1.11 -27.16 -8.13
N TYR E 82 -0.54 -26.35 -9.04
CA TYR E 82 -0.50 -26.62 -10.47
C TYR E 82 0.34 -27.83 -10.81
N LEU E 83 1.57 -27.94 -10.23
CA LEU E 83 2.45 -29.08 -10.46
C LEU E 83 1.85 -30.37 -9.89
N HIS E 84 1.17 -30.27 -8.70
CA HIS E 84 0.46 -31.39 -8.05
C HIS E 84 -0.60 -31.84 -9.03
N GLN E 85 -1.40 -30.88 -9.54
CA GLN E 85 -2.49 -31.06 -10.48
C GLN E 85 -2.04 -31.75 -11.79
N GLN E 86 -0.88 -31.33 -12.36
CA GLN E 86 -0.35 -31.87 -13.61
C GLN E 86 0.25 -33.23 -13.45
N TRP E 87 0.97 -33.46 -12.33
CA TRP E 87 1.56 -34.77 -12.06
C TRP E 87 0.49 -35.81 -11.68
N ASP E 88 -0.62 -35.37 -11.04
CA ASP E 88 -1.74 -36.26 -10.68
C ASP E 88 -2.53 -36.64 -11.94
N LYS E 89 -2.50 -35.78 -12.99
CA LYS E 89 -3.13 -36.04 -14.30
C LYS E 89 -2.26 -37.01 -15.08
N LYS E 90 -0.93 -36.92 -14.90
CA LYS E 90 0.03 -37.84 -15.53
C LYS E 90 -0.12 -39.24 -14.92
N ASN E 91 -0.48 -39.32 -13.60
CA ASN E 91 -0.73 -40.57 -12.86
C ASN E 91 -2.00 -41.24 -13.39
N ALA E 92 -3.01 -40.43 -13.77
CA ALA E 92 -4.28 -40.88 -14.34
C ALA E 92 -4.05 -41.47 -15.73
N ALA E 93 -3.05 -40.94 -16.49
CA ALA E 93 -2.67 -41.39 -17.83
C ALA E 93 -2.24 -42.87 -17.81
N LYS E 94 -3.25 -43.74 -17.95
CA LYS E 94 -3.15 -45.21 -17.90
C LYS E 94 -2.76 -45.81 -19.26
C1 OXM F . 24.60 -21.23 -1.80
N1 OXM F . 25.43 -22.21 -1.52
O1 OXM F . 24.96 -20.14 -2.28
C2 OXM F . 23.10 -21.50 -1.50
O2 OXM F . 22.35 -21.53 -2.58
O3 OXM F . 22.66 -21.67 -0.37
C10 O6M G . 14.10 -13.00 -8.35
C11 O6M G . 14.24 -11.87 -9.24
C12 O6M G . 15.19 -13.42 -7.59
C14 O6M G . 20.28 -17.71 -9.60
C15 O6M G . 19.40 -18.54 -10.27
C16 O6M G . 19.74 -19.51 -11.27
C1 O6M G . 16.55 -19.83 -11.02
C2 O6M G . 16.80 -18.73 -10.01
C3 O6M G . 15.74 -18.20 -9.29
C4 O6M G . 15.91 -17.20 -8.34
C5 O6M G . 17.17 -16.68 -8.08
N1 O6M G . 17.44 -15.72 -7.07
S1 O6M G . 16.46 -15.14 -5.90
O1 O6M G . 16.04 -16.24 -5.10
O2 O6M G . 17.20 -14.07 -5.30
C6 O6M G . 15.05 -14.46 -6.70
C7 O6M G . 13.80 -15.08 -6.52
C8 O6M G . 12.72 -14.66 -7.30
C9 O6M G . 12.87 -13.64 -8.22
N2 O6M G . 14.38 -10.96 -9.93
C13 O6M G . 18.26 -17.21 -8.80
N3 O6M G . 19.60 -16.92 -8.72
N4 O6M G . 19.96 -20.29 -12.07
C17 O6M G . 18.09 -18.23 -9.76
ZN ZN H . 19.46 -5.32 24.48
#